data_9IWS
#
_entry.id   9IWS
#
_cell.length_a   1.00
_cell.length_b   1.00
_cell.length_c   1.00
_cell.angle_alpha   90.00
_cell.angle_beta   90.00
_cell.angle_gamma   90.00
#
_symmetry.space_group_name_H-M   'P 1'
#
loop_
_entity.id
_entity.type
_entity.pdbx_description
1 polymer 'Solute carrier family 53 member 1'
2 non-polymer '(1r,2R,3S,4s,5R,6S)-2,3,4,5,6-pentakis(phosphonooxy)cyclohexyl trihydrogen diphosphate'
#
_entity_poly.entity_id   1
_entity_poly.type   'polypeptide(L)'
_entity_poly.pdbx_seq_one_letter_code
;MKFAEHLSAHITPEWRKQYIQYEAFKDMLYSAQDQAPSVEVTDEDTVKRYFAKFEEKFFQTCEKELAKINTFYSEKLAEA
QRRFATLQNELQSSLDAQKESTGVTTLRQRRKPVFHLSHEERVQHRNIKDLKLAFSEFYLSLILLQNYQNLNFTGFRKIL
KKHDKILETSRGADWRVAHVEVAPFYTCKKINQLISETEAVVTNELEDGDRQKAMKRLRVPPLGAAQPAPAWTTFRVGLF
CGIFIVLNITLVLAAVFKLETDRSIWPLIRIYRGGFLLIEFLFLLGINTYGWRQAGVNHVLIFELNPRSNLSHQHLFEIA
GFLGILWCLSLLACFFAPISVIPTYVYPLALYGFMVFFLINPTKTFYYKSRFWLLKLLFRVFTAPFHKVGFADFWLADQL
NSLSVILMDLEYMICFYSLELKWDESKGLLPNNSEESGICHKYTYGVRAIVQCIPAWLRFIQCLRRYRDTKRAFPHLVNA
GKYSTTFFMVTFAALYSTHKERGHSDTMVFFYLWIVFYIISSCYTLIWDLKMDWGLFDKNAGENTFLREEIVYPQKAYYY
CAIIEDVILRFAWTIQISITSTTLLPHSGDIIATVFAPLEVFRRFVWNFFRLENEHLNNCGEFRAVRDISV
;
_entity_poly.pdbx_strand_id   A,B
#
loop_
_chem_comp.id
_chem_comp.type
_chem_comp.name
_chem_comp.formula
I7P non-polymer '(1r,2R,3S,4s,5R,6S)-2,3,4,5,6-pentakis(phosphonooxy)cyclohexyl trihydrogen diphosphate' 'C6 H19 O27 P7'
#
# COMPACT_ATOMS: atom_id res chain seq x y z
N MET A 1 3.04 -23.06 1.89
CA MET A 1 1.89 -23.18 2.77
C MET A 1 0.58 -23.29 2.00
N LYS A 2 0.32 -22.29 1.17
CA LYS A 2 -0.86 -22.25 0.32
C LYS A 2 -0.38 -22.29 -1.13
N PHE A 3 -0.36 -23.49 -1.72
CA PHE A 3 0.17 -23.63 -3.06
C PHE A 3 -0.85 -23.30 -4.14
N ALA A 4 -2.14 -23.32 -3.83
CA ALA A 4 -3.16 -23.15 -4.86
C ALA A 4 -3.10 -21.76 -5.48
N GLU A 5 -3.14 -20.71 -4.67
CA GLU A 5 -3.14 -19.37 -5.24
C GLU A 5 -1.75 -18.97 -5.75
N HIS A 6 -0.69 -19.54 -5.16
CA HIS A 6 0.65 -19.33 -5.70
C HIS A 6 0.74 -19.87 -7.13
N LEU A 7 0.27 -21.10 -7.34
CA LEU A 7 0.24 -21.68 -8.67
C LEU A 7 -0.64 -20.87 -9.60
N SER A 8 -1.81 -20.43 -9.11
CA SER A 8 -2.72 -19.66 -9.95
C SER A 8 -2.10 -18.33 -10.39
N ALA A 9 -1.40 -17.65 -9.48
CA ALA A 9 -0.83 -16.35 -9.78
C ALA A 9 0.48 -16.44 -10.54
N HIS A 10 1.16 -17.58 -10.52
CA HIS A 10 2.43 -17.73 -11.23
C HIS A 10 2.29 -18.45 -12.57
N ILE A 11 1.07 -18.66 -13.05
CA ILE A 11 0.84 -19.34 -14.31
C ILE A 11 0.96 -18.35 -15.45
N THR A 12 1.70 -18.72 -16.49
CA THR A 12 1.72 -17.94 -17.73
C THR A 12 0.37 -18.08 -18.41
N PRO A 13 -0.32 -16.98 -18.72
CA PRO A 13 -1.73 -17.10 -19.19
C PRO A 13 -1.89 -17.92 -20.45
N GLU A 14 -1.09 -17.67 -21.48
CA GLU A 14 -1.26 -18.33 -22.77
C GLU A 14 -0.95 -19.82 -22.69
N TRP A 15 -0.23 -20.26 -21.65
CA TRP A 15 0.01 -21.68 -21.42
C TRP A 15 -0.75 -22.19 -20.20
N ARG A 16 -1.84 -21.52 -19.82
CA ARG A 16 -2.55 -21.90 -18.60
C ARG A 16 -3.07 -23.34 -18.66
N LYS A 17 -3.43 -23.82 -19.86
CA LYS A 17 -3.92 -25.17 -20.01
C LYS A 17 -2.80 -26.21 -20.07
N GLN A 18 -1.54 -25.79 -20.17
CA GLN A 18 -0.42 -26.70 -20.25
C GLN A 18 0.23 -26.99 -18.91
N TYR A 19 -0.30 -26.44 -17.82
CA TYR A 19 0.24 -26.68 -16.49
C TYR A 19 -0.43 -27.90 -15.88
N ILE A 20 -0.20 -28.12 -14.59
CA ILE A 20 -0.75 -29.27 -13.88
C ILE A 20 -2.04 -28.86 -13.19
N GLN A 21 -3.04 -29.76 -13.21
CA GLN A 21 -4.34 -29.50 -12.59
C GLN A 21 -4.24 -29.88 -11.12
N TYR A 22 -3.76 -28.94 -10.31
CA TYR A 22 -3.59 -29.16 -8.89
C TYR A 22 -4.95 -29.23 -8.18
N GLU A 23 -5.83 -28.27 -8.48
CA GLU A 23 -7.12 -28.21 -7.80
C GLU A 23 -7.98 -29.42 -8.11
N ALA A 24 -7.95 -29.89 -9.36
CA ALA A 24 -8.69 -31.10 -9.71
C ALA A 24 -8.20 -32.30 -8.92
N PHE A 25 -6.88 -32.44 -8.78
CA PHE A 25 -6.33 -33.54 -7.99
C PHE A 25 -6.75 -33.42 -6.53
N LYS A 26 -6.74 -32.20 -5.99
CA LYS A 26 -7.14 -32.00 -4.60
C LYS A 26 -8.60 -32.38 -4.39
N ASP A 27 -9.48 -31.94 -5.29
CA ASP A 27 -10.89 -32.26 -5.17
C ASP A 27 -11.13 -33.76 -5.32
N MET A 28 -10.43 -34.41 -6.25
CA MET A 28 -10.53 -35.85 -6.42
C MET A 28 -10.10 -36.60 -5.17
N LEU A 29 -8.99 -36.18 -4.57
CA LEU A 29 -8.51 -36.81 -3.34
C LEU A 29 -9.51 -36.63 -2.20
N TYR A 30 -10.06 -35.43 -2.05
CA TYR A 30 -11.02 -35.19 -0.99
C TYR A 30 -12.29 -36.01 -1.19
N SER A 31 -12.77 -36.11 -2.44
CA SER A 31 -13.95 -36.91 -2.72
C SER A 31 -13.70 -38.38 -2.41
N ALA A 32 -12.52 -38.89 -2.76
CA ALA A 32 -12.19 -40.27 -2.45
C ALA A 32 -12.14 -40.50 -0.94
N GLN A 33 -11.55 -39.56 -0.20
CA GLN A 33 -11.49 -39.70 1.24
C GLN A 33 -12.88 -39.69 1.87
N ASP A 34 -13.77 -38.83 1.37
CA ASP A 34 -15.11 -38.75 1.94
C ASP A 34 -15.96 -39.96 1.56
N GLN A 35 -15.76 -40.51 0.36
CA GLN A 35 -16.59 -41.60 -0.12
C GLN A 35 -16.33 -42.92 0.60
N ALA A 36 -15.28 -43.00 1.42
CA ALA A 36 -15.00 -44.23 2.14
C ALA A 36 -16.12 -44.54 3.13
N PRO A 37 -16.70 -45.72 3.10
CA PRO A 37 -17.76 -46.08 4.04
C PRO A 37 -17.18 -46.37 5.42
N SER A 38 -18.06 -46.72 6.34
CA SER A 38 -17.63 -47.07 7.69
C SER A 38 -16.91 -48.42 7.69
N VAL A 39 -16.09 -48.62 8.72
CA VAL A 39 -15.34 -49.86 8.85
C VAL A 39 -16.28 -51.03 9.06
N GLU A 40 -17.32 -50.85 9.89
CA GLU A 40 -18.24 -51.94 10.17
C GLU A 40 -19.21 -52.20 9.02
N VAL A 41 -19.57 -51.17 8.26
CA VAL A 41 -20.57 -51.31 7.21
C VAL A 41 -20.09 -52.27 6.13
N THR A 42 -18.84 -52.10 5.69
CA THR A 42 -18.28 -52.89 4.60
C THR A 42 -17.08 -53.68 5.09
N ASP A 43 -16.86 -54.84 4.46
CA ASP A 43 -15.73 -55.68 4.81
C ASP A 43 -14.43 -55.03 4.36
N GLU A 44 -13.32 -55.50 4.95
CA GLU A 44 -12.01 -54.91 4.66
C GLU A 44 -11.58 -55.16 3.22
N ASP A 45 -12.02 -56.28 2.62
CA ASP A 45 -11.65 -56.55 1.23
C ASP A 45 -12.27 -55.54 0.28
N THR A 46 -13.53 -55.15 0.53
CA THR A 46 -14.19 -54.17 -0.33
C THR A 46 -13.50 -52.81 -0.23
N VAL A 47 -13.14 -52.38 0.98
CA VAL A 47 -12.42 -51.12 1.15
C VAL A 47 -11.05 -51.21 0.46
N LYS A 48 -10.38 -52.36 0.60
CA LYS A 48 -9.08 -52.53 -0.03
C LYS A 48 -9.18 -52.41 -1.54
N ARG A 49 -10.18 -53.07 -2.14
CA ARG A 49 -10.30 -53.03 -3.60
C ARG A 49 -10.72 -51.65 -4.09
N TYR A 50 -11.58 -50.96 -3.32
CA TYR A 50 -11.94 -49.58 -3.68
C TYR A 50 -10.71 -48.68 -3.66
N PHE A 51 -9.90 -48.79 -2.61
CA PHE A 51 -8.68 -47.99 -2.54
C PHE A 51 -7.73 -48.34 -3.68
N ALA A 52 -7.59 -49.63 -3.99
CA ALA A 52 -6.69 -50.05 -5.05
C ALA A 52 -7.11 -49.50 -6.40
N LYS A 53 -8.40 -49.58 -6.72
CA LYS A 53 -8.87 -49.08 -8.01
C LYS A 53 -8.74 -47.57 -8.08
N PHE A 54 -9.00 -46.86 -6.98
CA PHE A 54 -8.81 -45.42 -7.01
C PHE A 54 -7.34 -45.05 -7.20
N GLU A 55 -6.44 -45.80 -6.55
CA GLU A 55 -5.01 -45.54 -6.73
C GLU A 55 -4.59 -45.78 -8.18
N GLU A 56 -5.12 -46.84 -8.79
CA GLU A 56 -4.81 -47.12 -10.18
C GLU A 56 -5.26 -45.99 -11.09
N LYS A 57 -6.50 -45.50 -10.91
CA LYS A 57 -6.99 -44.43 -11.77
C LYS A 57 -6.23 -43.13 -11.51
N PHE A 58 -5.86 -42.88 -10.25
CA PHE A 58 -5.07 -41.70 -9.91
C PHE A 58 -3.73 -41.73 -10.63
N PHE A 59 -3.07 -42.88 -10.64
CA PHE A 59 -1.77 -42.98 -11.29
C PHE A 59 -1.89 -42.92 -12.80
N GLN A 60 -2.99 -43.42 -13.37
CA GLN A 60 -3.23 -43.23 -14.79
C GLN A 60 -3.35 -41.75 -15.14
N THR A 61 -4.09 -40.99 -14.34
CA THR A 61 -4.22 -39.56 -14.58
C THR A 61 -2.87 -38.86 -14.46
N CYS A 62 -2.08 -39.25 -13.45
CA CYS A 62 -0.75 -38.65 -13.28
C CYS A 62 0.14 -38.95 -14.48
N GLU A 63 0.08 -40.17 -15.01
CA GLU A 63 0.87 -40.52 -16.19
C GLU A 63 0.45 -39.68 -17.39
N LYS A 64 -0.86 -39.49 -17.58
CA LYS A 64 -1.33 -38.66 -18.69
C LYS A 64 -0.82 -37.23 -18.56
N GLU A 65 -0.89 -36.66 -17.35
CA GLU A 65 -0.41 -35.30 -17.16
C GLU A 65 1.09 -35.20 -17.42
N LEU A 66 1.86 -36.19 -16.97
CA LEU A 66 3.30 -36.20 -17.19
C LEU A 66 3.62 -36.25 -18.68
N ALA A 67 2.90 -37.10 -19.43
CA ALA A 67 3.13 -37.19 -20.86
C ALA A 67 2.82 -35.86 -21.56
N LYS A 68 1.72 -35.22 -21.18
CA LYS A 68 1.37 -33.94 -21.78
C LYS A 68 2.45 -32.90 -21.52
N ILE A 69 2.93 -32.84 -20.28
CA ILE A 69 3.97 -31.86 -19.93
C ILE A 69 5.24 -32.13 -20.72
N ASN A 70 5.63 -33.41 -20.84
CA ASN A 70 6.83 -33.75 -21.59
C ASN A 70 6.73 -33.33 -23.04
N THR A 71 5.59 -33.60 -23.68
CA THR A 71 5.42 -33.21 -25.08
C THR A 71 5.50 -31.69 -25.25
N PHE A 72 4.82 -30.95 -24.37
CA PHE A 72 4.86 -29.50 -24.47
C PHE A 72 6.28 -28.97 -24.32
N TYR A 73 7.02 -29.49 -23.34
CA TYR A 73 8.38 -29.03 -23.12
C TYR A 73 9.26 -29.33 -24.32
N SER A 74 9.12 -30.52 -24.91
CA SER A 74 9.94 -30.87 -26.07
C SER A 74 9.65 -29.93 -27.24
N GLU A 75 8.37 -29.64 -27.51
CA GLU A 75 8.04 -28.75 -28.61
C GLU A 75 8.60 -27.34 -28.37
N LYS A 76 8.49 -26.85 -27.13
CA LYS A 76 8.99 -25.51 -26.84
C LYS A 76 10.51 -25.46 -26.98
N LEU A 77 11.21 -26.51 -26.53
CA LEU A 77 12.66 -26.54 -26.66
C LEU A 77 13.10 -26.54 -28.12
N ALA A 78 12.41 -27.33 -28.95
CA ALA A 78 12.75 -27.34 -30.37
C ALA A 78 12.55 -25.97 -31.01
N GLU A 79 11.42 -25.33 -30.69
CA GLU A 79 11.16 -24.00 -31.23
C GLU A 79 12.23 -23.01 -30.79
N ALA A 80 12.62 -23.06 -29.52
CA ALA A 80 13.65 -22.15 -29.02
C ALA A 80 14.99 -22.38 -29.73
N GLN A 81 15.35 -23.64 -29.96
CA GLN A 81 16.61 -23.93 -30.64
C GLN A 81 16.60 -23.38 -32.06
N ARG A 82 15.50 -23.58 -32.79
CA ARG A 82 15.43 -23.06 -34.16
C ARG A 82 15.50 -21.54 -34.18
N ARG A 83 14.79 -20.89 -33.25
CA ARG A 83 14.81 -19.42 -33.20
C ARG A 83 16.22 -18.92 -32.88
N PHE A 84 16.92 -19.60 -31.97
CA PHE A 84 18.30 -19.22 -31.67
C PHE A 84 19.19 -19.34 -32.89
N ALA A 85 19.05 -20.43 -33.65
CA ALA A 85 19.87 -20.59 -34.85
C ALA A 85 19.60 -19.47 -35.84
N THR A 86 18.33 -19.13 -36.05
CA THR A 86 18.00 -18.04 -36.98
C THR A 86 18.59 -16.72 -36.51
N LEU A 87 18.43 -16.41 -35.21
CA LEU A 87 18.95 -15.15 -34.69
C LEU A 87 20.47 -15.08 -34.79
N GLN A 88 21.16 -16.19 -34.52
CA GLN A 88 22.61 -16.20 -34.63
C GLN A 88 23.04 -15.98 -36.07
N ASN A 89 22.35 -16.59 -37.03
CA ASN A 89 22.69 -16.37 -38.43
C ASN A 89 22.50 -14.90 -38.82
N GLU A 90 21.38 -14.30 -38.40
CA GLU A 90 21.14 -12.90 -38.74
C GLU A 90 22.17 -11.98 -38.10
N LEU A 91 22.53 -12.26 -36.84
CA LEU A 91 23.55 -11.48 -36.16
C LEU A 91 24.90 -11.60 -36.87
N GLN A 92 25.25 -12.80 -37.30
CA GLN A 92 26.51 -12.99 -38.03
C GLN A 92 26.51 -12.20 -39.33
N SER A 93 25.38 -12.24 -40.07
CA SER A 93 25.29 -11.46 -41.30
C SER A 93 25.43 -9.97 -41.02
N SER A 94 24.75 -9.48 -39.99
CA SER A 94 24.82 -8.06 -39.66
C SER A 94 26.24 -7.65 -39.27
N LEU A 95 26.92 -8.49 -38.48
CA LEU A 95 28.26 -8.12 -38.03
C LEU A 95 29.27 -8.17 -39.17
N ASP A 96 29.14 -9.13 -40.09
CA ASP A 96 30.07 -9.15 -41.22
C ASP A 96 29.80 -7.99 -42.17
N ALA A 97 28.53 -7.58 -42.32
CA ALA A 97 28.25 -6.38 -43.09
C ALA A 97 28.81 -5.13 -42.41
N GLN A 98 28.71 -5.07 -41.08
CA GLN A 98 29.23 -3.93 -40.33
C GLN A 98 30.75 -3.83 -40.44
N LYS A 99 31.44 -4.97 -40.38
CA LYS A 99 32.90 -4.95 -40.43
C LYS A 99 33.39 -4.41 -41.77
N GLU A 100 32.76 -4.79 -42.86
CA GLU A 100 33.14 -4.29 -44.18
C GLU A 100 32.44 -2.98 -44.51
N SER A 118 26.51 8.67 -41.63
CA SER A 118 26.10 8.32 -42.98
C SER A 118 24.85 7.47 -42.98
N HIS A 119 24.25 7.28 -44.15
CA HIS A 119 23.04 6.47 -44.25
C HIS A 119 23.31 5.02 -43.87
N GLU A 120 24.47 4.49 -44.28
CA GLU A 120 24.85 3.14 -43.87
C GLU A 120 25.01 3.06 -42.35
N GLU A 121 25.58 4.10 -41.74
CA GLU A 121 25.74 4.11 -40.29
C GLU A 121 24.38 4.14 -39.58
N ARG A 122 23.42 4.91 -40.10
CA ARG A 122 22.10 4.94 -39.51
C ARG A 122 21.38 3.60 -39.70
N VAL A 123 21.56 2.96 -40.85
CA VAL A 123 20.98 1.64 -41.07
C VAL A 123 21.56 0.64 -40.08
N GLN A 124 22.88 0.69 -39.86
CA GLN A 124 23.50 -0.18 -38.87
C GLN A 124 22.97 0.12 -37.47
N HIS A 125 22.77 1.41 -37.15
CA HIS A 125 22.24 1.78 -35.84
C HIS A 125 20.86 1.16 -35.65
N ARG A 126 20.01 1.22 -36.68
CA ARG A 126 18.71 0.55 -36.58
C ARG A 126 18.87 -0.96 -36.47
N ASN A 127 19.88 -1.52 -37.12
CA ASN A 127 20.11 -2.97 -37.05
C ASN A 127 20.40 -3.41 -35.62
N ILE A 128 21.36 -2.76 -34.96
CA ILE A 128 21.69 -3.14 -33.59
C ILE A 128 20.70 -2.48 -32.63
N LYS A 129 19.74 -1.74 -33.18
CA LYS A 129 18.60 -1.32 -32.36
C LYS A 129 17.55 -2.42 -32.27
N ASP A 130 17.30 -3.13 -33.37
CA ASP A 130 16.33 -4.22 -33.33
C ASP A 130 16.93 -5.52 -32.84
N LEU A 131 18.24 -5.71 -33.03
CA LEU A 131 18.87 -6.97 -32.62
C LEU A 131 18.92 -7.12 -31.10
N LYS A 132 19.24 -6.04 -30.41
CA LYS A 132 19.28 -6.05 -28.94
C LYS A 132 17.89 -6.18 -28.33
N LEU A 133 16.83 -5.94 -29.10
CA LEU A 133 15.46 -6.21 -28.66
C LEU A 133 15.07 -7.66 -28.92
N ALA A 134 15.45 -8.19 -30.09
CA ALA A 134 15.17 -9.59 -30.39
C ALA A 134 15.85 -10.52 -29.39
N PHE A 135 17.10 -10.21 -29.03
CA PHE A 135 17.81 -11.04 -28.05
C PHE A 135 17.13 -10.98 -26.69
N SER A 136 16.64 -9.80 -26.29
CA SER A 136 15.93 -9.68 -25.03
C SER A 136 14.65 -10.50 -25.03
N GLU A 137 13.90 -10.48 -26.14
CA GLU A 137 12.69 -11.29 -26.23
C GLU A 137 13.02 -12.78 -26.15
N PHE A 138 14.09 -13.21 -26.82
CA PHE A 138 14.49 -14.61 -26.75
C PHE A 138 14.87 -15.00 -25.32
N TYR A 139 15.61 -14.13 -24.63
CA TYR A 139 15.97 -14.41 -23.24
C TYR A 139 14.73 -14.52 -22.36
N LEU A 140 13.74 -13.66 -22.60
CA LEU A 140 12.49 -13.75 -21.86
C LEU A 140 11.81 -15.08 -22.08
N SER A 141 11.79 -15.56 -23.33
CA SER A 141 11.19 -16.85 -23.62
C SER A 141 11.91 -17.99 -22.89
N LEU A 142 13.24 -17.96 -22.90
CA LEU A 142 14.00 -19.00 -22.20
C LEU A 142 13.72 -18.99 -20.70
N ILE A 143 13.68 -17.81 -20.10
CA ILE A 143 13.41 -17.70 -18.67
C ILE A 143 12.01 -18.22 -18.35
N LEU A 144 11.04 -17.92 -19.22
CA LEU A 144 9.69 -18.41 -19.01
C LEU A 144 9.65 -19.93 -19.06
N LEU A 145 10.38 -20.54 -19.99
CA LEU A 145 10.42 -22.01 -20.05
C LEU A 145 11.04 -22.60 -18.79
N GLN A 146 12.12 -21.99 -18.29
CA GLN A 146 12.75 -22.46 -17.06
C GLN A 146 11.77 -22.39 -15.89
N ASN A 147 11.05 -21.28 -15.76
CA ASN A 147 10.08 -21.14 -14.68
C ASN A 147 8.96 -22.16 -14.80
N TYR A 148 8.51 -22.43 -16.04
CA TYR A 148 7.50 -23.44 -16.25
C TYR A 148 7.96 -24.80 -15.74
N GLN A 149 9.19 -25.18 -16.08
CA GLN A 149 9.73 -26.47 -15.62
C GLN A 149 9.77 -26.54 -14.10
N ASN A 150 10.32 -25.50 -13.46
CA ASN A 150 10.44 -25.51 -12.00
C ASN A 150 9.09 -25.61 -11.33
N LEU A 151 8.12 -24.81 -11.80
CA LEU A 151 6.80 -24.78 -11.17
C LEU A 151 6.08 -26.12 -11.35
N ASN A 152 6.21 -26.74 -12.53
CA ASN A 152 5.55 -28.03 -12.74
C ASN A 152 6.13 -29.11 -11.83
N PHE A 153 7.45 -29.14 -11.67
CA PHE A 153 8.03 -30.14 -10.76
C PHE A 153 7.58 -29.89 -9.33
N THR A 154 7.56 -28.63 -8.90
CA THR A 154 7.12 -28.33 -7.54
C THR A 154 5.68 -28.76 -7.33
N GLY A 155 4.80 -28.51 -8.31
CA GLY A 155 3.42 -28.94 -8.18
C GLY A 155 3.27 -30.44 -8.08
N PHE A 156 3.99 -31.18 -8.93
CA PHE A 156 3.96 -32.65 -8.85
C PHE A 156 4.37 -33.13 -7.46
N ARG A 157 5.50 -32.60 -6.96
CA ARG A 157 5.98 -33.05 -5.65
C ARG A 157 4.99 -32.73 -4.55
N LYS A 158 4.41 -31.53 -4.58
CA LYS A 158 3.48 -31.14 -3.51
C LYS A 158 2.21 -31.97 -3.53
N ILE A 159 1.65 -32.23 -4.72
CA ILE A 159 0.43 -33.03 -4.77
C ILE A 159 0.70 -34.47 -4.36
N LEU A 160 1.88 -35.01 -4.70
CA LEU A 160 2.19 -36.37 -4.27
C LEU A 160 2.39 -36.44 -2.75
N LYS A 161 3.02 -35.43 -2.18
CA LYS A 161 3.16 -35.38 -0.72
C LYS A 161 1.79 -35.28 -0.06
N LYS A 162 0.89 -34.46 -0.61
CA LYS A 162 -0.45 -34.36 -0.04
C LYS A 162 -1.20 -35.69 -0.14
N HIS A 163 -1.05 -36.39 -1.25
CA HIS A 163 -1.69 -37.70 -1.38
C HIS A 163 -1.13 -38.69 -0.36
N ASP A 164 0.19 -38.65 -0.13
CA ASP A 164 0.84 -39.61 0.76
C ASP A 164 0.49 -39.41 2.23
N LYS A 165 -0.44 -38.53 2.57
CA LYS A 165 -0.85 -38.28 3.94
C LYS A 165 -2.27 -38.76 4.22
N ILE A 166 -3.21 -38.44 3.34
CA ILE A 166 -4.60 -38.84 3.53
C ILE A 166 -4.73 -40.36 3.44
N LEU A 167 -4.18 -40.95 2.39
CA LEU A 167 -4.36 -42.38 2.16
C LEU A 167 -3.57 -43.22 3.16
N GLU A 168 -2.45 -42.70 3.65
CA GLU A 168 -1.52 -43.42 4.53
C GLU A 168 -0.91 -44.64 3.85
N THR A 169 -1.05 -44.73 2.52
CA THR A 169 -0.37 -45.75 1.73
C THR A 169 0.79 -45.08 1.00
N SER A 170 2.01 -45.45 1.38
CA SER A 170 3.18 -44.69 0.84
C SER A 170 3.60 -45.16 -0.56
N ARG A 171 2.78 -44.91 -1.59
CA ARG A 171 3.12 -45.41 -2.95
C ARG A 171 3.45 -44.22 -3.85
N GLY A 172 3.20 -43.01 -3.36
CA GLY A 172 3.44 -41.80 -4.11
C GLY A 172 4.90 -41.43 -4.16
N ALA A 173 5.61 -41.65 -3.05
CA ALA A 173 7.04 -41.39 -3.03
C ALA A 173 7.78 -42.30 -4.01
N ASP A 174 7.44 -43.59 -4.02
CA ASP A 174 8.06 -44.52 -4.96
C ASP A 174 7.72 -44.14 -6.41
N TRP A 175 6.47 -43.77 -6.66
CA TRP A 175 6.08 -43.37 -8.01
C TRP A 175 6.84 -42.12 -8.45
N ARG A 176 6.98 -41.14 -7.57
CA ARG A 176 7.74 -39.94 -7.91
C ARG A 176 9.20 -40.27 -8.17
N VAL A 177 9.79 -41.12 -7.34
CA VAL A 177 11.20 -41.48 -7.53
C VAL A 177 11.40 -42.20 -8.85
N ALA A 178 10.46 -43.07 -9.22
CA ALA A 178 10.63 -43.91 -10.40
C ALA A 178 10.24 -43.22 -11.70
N HIS A 179 9.31 -42.27 -11.66
CA HIS A 179 8.76 -41.71 -12.89
C HIS A 179 9.13 -40.24 -13.10
N VAL A 180 8.82 -39.38 -12.13
CA VAL A 180 9.05 -37.94 -12.32
C VAL A 180 10.54 -37.64 -12.34
N GLU A 181 11.33 -38.33 -11.51
CA GLU A 181 12.76 -38.06 -11.43
C GLU A 181 13.48 -38.38 -12.73
N VAL A 182 12.92 -39.27 -13.53
CA VAL A 182 13.57 -39.67 -14.80
C VAL A 182 12.98 -38.85 -15.96
N ALA A 183 11.94 -38.06 -15.73
CA ALA A 183 11.26 -37.26 -16.76
C ALA A 183 12.25 -36.40 -17.49
N PRO A 184 12.26 -36.28 -18.83
CA PRO A 184 13.14 -35.33 -19.50
C PRO A 184 12.84 -33.90 -19.08
N PHE A 185 11.57 -33.47 -18.98
CA PHE A 185 11.20 -32.13 -18.50
C PHE A 185 11.95 -31.79 -17.21
N TYR A 186 12.67 -32.72 -16.60
CA TYR A 186 13.40 -32.35 -15.39
C TYR A 186 14.90 -32.64 -15.50
N THR A 187 15.27 -33.66 -16.25
CA THR A 187 16.67 -34.08 -16.33
C THR A 187 17.45 -33.37 -17.44
N CYS A 188 16.80 -32.56 -18.27
CA CYS A 188 17.48 -31.89 -19.37
C CYS A 188 18.07 -30.56 -18.89
N LYS A 189 19.24 -30.23 -19.44
CA LYS A 189 19.96 -29.00 -19.08
C LYS A 189 20.19 -28.09 -20.28
N LYS A 190 19.47 -28.32 -21.38
CA LYS A 190 19.72 -27.56 -22.60
C LYS A 190 19.38 -26.08 -22.44
N ILE A 191 18.34 -25.78 -21.67
CA ILE A 191 17.91 -24.40 -21.50
C ILE A 191 19.01 -23.57 -20.84
N ASN A 192 19.67 -24.14 -19.83
CA ASN A 192 20.74 -23.41 -19.15
C ASN A 192 21.91 -23.14 -20.09
N GLN A 193 22.28 -24.12 -20.91
CA GLN A 193 23.35 -23.91 -21.87
C GLN A 193 22.97 -22.84 -22.89
N LEU A 194 21.71 -22.85 -23.36
CA LEU A 194 21.26 -21.82 -24.28
C LEU A 194 21.32 -20.44 -23.63
N ILE A 195 20.93 -20.36 -22.36
CA ILE A 195 20.98 -19.08 -21.64
C ILE A 195 22.41 -18.58 -21.54
N SER A 196 23.35 -19.47 -21.19
CA SER A 196 24.74 -19.07 -21.08
C SER A 196 25.31 -18.62 -22.42
N GLU A 197 24.98 -19.33 -23.50
CA GLU A 197 25.46 -18.93 -24.82
C GLU A 197 24.87 -17.58 -25.24
N THR A 198 23.59 -17.36 -24.94
CA THR A 198 22.97 -16.07 -25.26
C THR A 198 23.64 -14.94 -24.50
N GLU A 199 23.91 -15.15 -23.21
CA GLU A 199 24.62 -14.13 -22.43
C GLU A 199 26.00 -13.85 -23.01
N ALA A 200 26.72 -14.91 -23.37
CA ALA A 200 28.06 -14.72 -23.92
C ALA A 200 28.02 -13.95 -25.24
N VAL A 201 27.08 -14.31 -26.12
CA VAL A 201 26.98 -13.62 -27.41
C VAL A 201 26.63 -12.15 -27.22
N VAL A 202 25.67 -11.86 -26.35
CA VAL A 202 25.27 -10.48 -26.12
C VAL A 202 26.43 -9.68 -25.52
N THR A 203 27.14 -10.26 -24.55
CA THR A 203 28.23 -9.53 -23.91
C THR A 203 29.39 -9.29 -24.86
N ASN A 204 29.68 -10.26 -25.74
CA ASN A 204 30.84 -10.13 -26.61
C ASN A 204 30.53 -9.27 -27.83
N GLU A 205 29.57 -9.70 -28.66
CA GLU A 205 29.38 -9.07 -29.95
C GLU A 205 28.71 -7.70 -29.84
N LEU A 206 27.69 -7.56 -28.99
CA LEU A 206 26.88 -6.36 -28.98
C LEU A 206 27.40 -5.32 -27.99
N GLU A 207 27.48 -5.68 -26.71
CA GLU A 207 27.92 -4.73 -25.69
C GLU A 207 29.44 -4.64 -25.57
N ASP A 208 30.18 -5.52 -26.26
CA ASP A 208 31.64 -5.43 -26.36
C ASP A 208 32.32 -5.49 -24.99
N GLY A 209 32.15 -6.63 -24.32
CA GLY A 209 33.00 -6.99 -23.20
C GLY A 209 32.52 -6.58 -21.82
N ASP A 210 31.43 -5.82 -21.71
CA ASP A 210 30.93 -5.39 -20.41
C ASP A 210 29.72 -6.23 -20.03
N ARG A 211 29.83 -6.96 -18.92
CA ARG A 211 28.73 -7.76 -18.42
C ARG A 211 27.68 -6.94 -17.68
N GLN A 212 28.04 -5.74 -17.24
CA GLN A 212 27.15 -4.97 -16.37
C GLN A 212 25.89 -4.53 -17.11
N LYS A 213 26.04 -3.72 -18.15
CA LYS A 213 24.88 -3.23 -18.88
C LYS A 213 24.18 -4.35 -19.65
N ALA A 214 24.95 -5.31 -20.17
CA ALA A 214 24.35 -6.43 -20.88
C ALA A 214 23.45 -7.25 -19.95
N MET A 215 23.91 -7.51 -18.73
CA MET A 215 23.07 -8.20 -17.76
C MET A 215 21.90 -7.31 -17.32
N LYS A 216 22.12 -6.00 -17.22
CA LYS A 216 21.04 -5.10 -16.81
C LYS A 216 19.90 -5.12 -17.81
N ARG A 217 20.21 -5.15 -19.11
CA ARG A 217 19.15 -5.18 -20.11
C ARG A 217 18.54 -6.56 -20.30
N LEU A 218 19.14 -7.60 -19.72
CA LEU A 218 18.59 -8.95 -19.79
C LEU A 218 17.98 -9.42 -18.48
N ARG A 219 17.94 -8.58 -17.45
CA ARG A 219 17.36 -8.97 -16.18
C ARG A 219 15.86 -9.17 -16.34
N VAL A 220 15.34 -10.23 -15.73
CA VAL A 220 13.91 -10.53 -15.78
C VAL A 220 13.33 -10.39 -14.37
N PRO A 221 12.68 -9.27 -14.07
CA PRO A 221 12.02 -9.14 -12.76
C PRO A 221 10.80 -10.03 -12.68
N PRO A 222 10.25 -10.24 -11.48
CA PRO A 222 9.06 -11.11 -11.37
C PRO A 222 7.83 -10.51 -12.02
N LEU A 223 7.79 -10.54 -13.35
CA LEU A 223 6.66 -9.99 -14.09
C LEU A 223 5.44 -10.90 -14.02
N GLY A 224 5.65 -12.22 -13.91
CA GLY A 224 4.55 -13.16 -13.83
C GLY A 224 4.16 -13.48 -12.40
N ALA A 225 3.86 -12.45 -11.61
CA ALA A 225 3.53 -12.61 -10.21
C ALA A 225 2.54 -11.52 -9.82
N ALA A 226 2.40 -11.28 -8.53
CA ALA A 226 1.49 -10.27 -8.01
C ALA A 226 2.29 -9.16 -7.32
N GLN A 227 3.38 -8.74 -7.95
CA GLN A 227 4.31 -7.73 -7.44
C GLN A 227 3.56 -6.50 -6.94
N PRO A 228 3.53 -6.27 -5.62
CA PRO A 228 2.77 -5.14 -5.09
C PRO A 228 3.40 -3.81 -5.45
N ALA A 229 2.55 -2.79 -5.53
CA ALA A 229 3.01 -1.43 -5.75
C ALA A 229 3.58 -0.85 -4.46
N PRO A 230 4.47 0.14 -4.57
CA PRO A 230 4.99 0.79 -3.36
C PRO A 230 3.87 1.44 -2.55
N ALA A 231 4.05 1.44 -1.23
CA ALA A 231 3.00 1.93 -0.35
C ALA A 231 2.74 3.42 -0.54
N TRP A 232 3.76 4.17 -0.98
CA TRP A 232 3.56 5.60 -1.19
C TRP A 232 2.57 5.86 -2.31
N THR A 233 2.59 5.04 -3.36
CA THR A 233 1.62 5.20 -4.46
C THR A 233 0.19 4.98 -3.97
N THR A 234 -0.03 3.94 -3.18
CA THR A 234 -1.36 3.69 -2.64
C THR A 234 -1.79 4.81 -1.70
N PHE A 235 -0.86 5.31 -0.89
CA PHE A 235 -1.16 6.42 0.00
C PHE A 235 -1.58 7.65 -0.79
N ARG A 236 -0.86 7.96 -1.88
CA ARG A 236 -1.21 9.10 -2.71
C ARG A 236 -2.57 8.90 -3.37
N VAL A 237 -2.85 7.69 -3.83
CA VAL A 237 -4.15 7.40 -4.44
C VAL A 237 -5.27 7.68 -3.43
N GLY A 238 -5.13 7.15 -2.22
CA GLY A 238 -6.15 7.39 -1.21
C GLY A 238 -6.29 8.84 -0.82
N LEU A 239 -5.16 9.54 -0.70
CA LEU A 239 -5.18 10.97 -0.37
C LEU A 239 -5.94 11.77 -1.43
N PHE A 240 -5.60 11.54 -2.69
CA PHE A 240 -6.27 12.26 -3.78
C PHE A 240 -7.75 11.93 -3.83
N CYS A 241 -8.10 10.65 -3.63
CA CYS A 241 -9.52 10.28 -3.64
C CYS A 241 -10.29 10.98 -2.53
N GLY A 242 -9.72 11.03 -1.32
CA GLY A 242 -10.41 11.68 -0.23
C GLY A 242 -10.61 13.16 -0.47
N ILE A 243 -9.54 13.84 -0.92
CA ILE A 243 -9.68 15.26 -1.23
C ILE A 243 -10.72 15.47 -2.32
N PHE A 244 -10.75 14.58 -3.31
CA PHE A 244 -11.71 14.71 -4.40
C PHE A 244 -13.15 14.60 -3.91
N ILE A 245 -13.44 13.60 -3.07
CA ILE A 245 -14.82 13.44 -2.63
C ILE A 245 -15.24 14.58 -1.72
N VAL A 246 -14.34 15.05 -0.85
CA VAL A 246 -14.73 16.17 0.03
C VAL A 246 -14.96 17.43 -0.79
N LEU A 247 -14.10 17.69 -1.77
CA LEU A 247 -14.28 18.86 -2.63
C LEU A 247 -15.56 18.75 -3.44
N ASN A 248 -15.91 17.53 -3.87
CA ASN A 248 -17.15 17.35 -4.62
C ASN A 248 -18.36 17.67 -3.76
N ILE A 249 -18.37 17.20 -2.51
CA ILE A 249 -19.49 17.50 -1.62
C ILE A 249 -19.58 19.01 -1.38
N THR A 250 -18.44 19.65 -1.14
CA THR A 250 -18.42 21.10 -0.95
C THR A 250 -18.93 21.83 -2.19
N LEU A 251 -18.53 21.37 -3.36
CA LEU A 251 -18.97 22.00 -4.61
C LEU A 251 -20.47 21.88 -4.79
N VAL A 252 -21.03 20.70 -4.50
CA VAL A 252 -22.48 20.52 -4.63
C VAL A 252 -23.22 21.44 -3.66
N LEU A 253 -22.75 21.50 -2.41
CA LEU A 253 -23.41 22.37 -1.44
C LEU A 253 -23.32 23.84 -1.85
N ALA A 254 -22.15 24.26 -2.35
CA ALA A 254 -21.98 25.64 -2.78
C ALA A 254 -22.89 25.97 -3.96
N ALA A 255 -22.99 25.06 -4.93
CA ALA A 255 -23.86 25.29 -6.08
C ALA A 255 -25.32 25.38 -5.65
N VAL A 256 -25.74 24.51 -4.73
CA VAL A 256 -27.13 24.50 -4.32
C VAL A 256 -27.48 25.75 -3.51
N PHE A 257 -26.61 26.15 -2.59
CA PHE A 257 -26.97 27.18 -1.62
C PHE A 257 -26.56 28.59 -2.05
N LYS A 258 -25.26 28.81 -2.26
CA LYS A 258 -24.74 30.17 -2.34
C LYS A 258 -25.06 30.84 -3.67
N LEU A 259 -25.01 30.09 -4.77
CA LEU A 259 -25.04 30.68 -6.10
C LEU A 259 -26.46 30.88 -6.60
N GLU A 260 -26.69 32.00 -7.27
CA GLU A 260 -27.93 32.27 -7.99
C GLU A 260 -27.60 32.44 -9.47
N THR A 261 -28.30 31.71 -10.33
CA THR A 261 -28.06 31.74 -11.77
C THR A 261 -28.71 32.99 -12.37
N ASP A 262 -28.07 34.13 -12.11
CA ASP A 262 -28.62 35.40 -12.57
C ASP A 262 -28.65 35.48 -14.09
N ARG A 263 -27.65 34.91 -14.75
CA ARG A 263 -27.52 34.98 -16.20
C ARG A 263 -27.08 33.63 -16.76
N SER A 264 -27.73 32.56 -16.30
CA SER A 264 -27.54 31.19 -16.78
C SER A 264 -26.17 30.63 -16.43
N ILE A 265 -26.09 29.31 -16.30
CA ILE A 265 -24.82 28.63 -16.05
C ILE A 265 -24.55 27.63 -17.17
N TRP A 266 -25.08 27.92 -18.36
CA TRP A 266 -24.90 27.04 -19.51
C TRP A 266 -23.50 27.19 -20.11
N PRO A 267 -22.99 28.41 -20.33
CA PRO A 267 -21.59 28.54 -20.78
C PRO A 267 -20.57 28.10 -19.73
N LEU A 268 -21.01 27.66 -18.56
CA LEU A 268 -20.13 27.10 -17.54
C LEU A 268 -20.07 25.58 -17.60
N ILE A 269 -21.23 24.92 -17.61
CA ILE A 269 -21.24 23.47 -17.74
C ILE A 269 -20.75 23.07 -19.12
N ARG A 270 -21.08 23.85 -20.15
CA ARG A 270 -20.62 23.55 -21.50
C ARG A 270 -19.10 23.63 -21.63
N ILE A 271 -18.45 24.38 -20.74
CA ILE A 271 -16.99 24.47 -20.75
C ILE A 271 -16.38 23.40 -19.85
N TYR A 272 -16.99 23.13 -18.71
CA TYR A 272 -16.41 22.20 -17.73
C TYR A 272 -16.81 20.74 -17.96
N ARG A 273 -17.62 20.45 -18.98
CA ARG A 273 -18.00 19.06 -19.27
C ARG A 273 -16.80 18.23 -19.73
N GLY A 274 -15.92 18.80 -20.53
CA GLY A 274 -14.84 18.02 -21.13
C GLY A 274 -13.86 17.49 -20.11
N GLY A 275 -13.49 18.32 -19.13
CA GLY A 275 -12.58 17.87 -18.09
C GLY A 275 -13.17 16.73 -17.27
N PHE A 276 -14.45 16.83 -16.92
CA PHE A 276 -15.12 15.76 -16.20
C PHE A 276 -15.12 14.47 -17.01
N LEU A 277 -15.40 14.57 -18.31
CA LEU A 277 -15.38 13.38 -19.16
C LEU A 277 -13.99 12.77 -19.22
N LEU A 278 -12.95 13.60 -19.31
CA LEU A 278 -11.59 13.08 -19.35
C LEU A 278 -11.22 12.37 -18.05
N ILE A 279 -11.60 12.95 -16.91
CA ILE A 279 -11.30 12.32 -15.63
C ILE A 279 -12.03 10.99 -15.49
N GLU A 280 -13.31 10.95 -15.89
CA GLU A 280 -14.05 9.69 -15.85
C GLU A 280 -13.42 8.65 -16.76
N PHE A 281 -12.96 9.06 -17.95
CA PHE A 281 -12.31 8.13 -18.85
C PHE A 281 -11.04 7.57 -18.24
N LEU A 282 -10.24 8.42 -17.58
CA LEU A 282 -9.02 7.93 -16.93
C LEU A 282 -9.33 6.92 -15.83
N PHE A 283 -10.34 7.22 -15.00
CA PHE A 283 -10.71 6.29 -13.94
C PHE A 283 -11.17 4.95 -14.50
N LEU A 284 -12.03 4.99 -15.52
CA LEU A 284 -12.53 3.75 -16.10
C LEU A 284 -11.41 2.99 -16.81
N LEU A 285 -10.43 3.69 -17.38
CA LEU A 285 -9.30 3.01 -17.99
C LEU A 285 -8.44 2.30 -16.94
N GLY A 286 -8.27 2.92 -15.78
CA GLY A 286 -7.59 2.24 -14.69
C GLY A 286 -8.31 0.97 -14.26
N ILE A 287 -9.65 1.06 -14.15
CA ILE A 287 -10.44 -0.13 -13.83
C ILE A 287 -10.27 -1.20 -14.91
N ASN A 288 -10.25 -0.78 -16.17
CA ASN A 288 -10.06 -1.69 -17.29
C ASN A 288 -8.73 -2.42 -17.18
N THR A 289 -7.66 -1.68 -16.89
CA THR A 289 -6.34 -2.29 -16.77
C THR A 289 -6.30 -3.29 -15.62
N TYR A 290 -6.90 -2.94 -14.49
CA TYR A 290 -6.96 -3.88 -13.36
C TYR A 290 -7.70 -5.15 -13.76
N GLY A 291 -8.83 -5.00 -14.46
CA GLY A 291 -9.58 -6.18 -14.89
C GLY A 291 -8.81 -7.05 -15.87
N TRP A 292 -8.11 -6.42 -16.83
CA TRP A 292 -7.31 -7.18 -17.77
C TRP A 292 -6.21 -7.96 -17.05
N ARG A 293 -5.51 -7.30 -16.12
CA ARG A 293 -4.43 -7.97 -15.41
C ARG A 293 -4.95 -9.13 -14.56
N GLN A 294 -6.06 -8.92 -13.86
CA GLN A 294 -6.56 -9.96 -12.97
C GLN A 294 -7.15 -11.14 -13.74
N ALA A 295 -7.88 -10.86 -14.83
CA ALA A 295 -8.58 -11.93 -15.54
C ALA A 295 -7.63 -12.85 -16.30
N GLY A 296 -6.38 -12.45 -16.49
CA GLY A 296 -5.44 -13.25 -17.25
C GLY A 296 -5.25 -12.85 -18.70
N VAL A 297 -5.77 -11.69 -19.10
CA VAL A 297 -5.58 -11.20 -20.47
C VAL A 297 -4.24 -10.48 -20.55
N ASN A 298 -3.41 -10.89 -21.51
CA ASN A 298 -2.07 -10.32 -21.67
C ASN A 298 -2.16 -9.12 -22.60
N HIS A 299 -2.46 -7.95 -22.04
CA HIS A 299 -2.55 -6.73 -22.84
C HIS A 299 -1.19 -6.16 -23.20
N VAL A 300 -0.12 -6.58 -22.52
CA VAL A 300 1.21 -6.10 -22.86
C VAL A 300 1.64 -6.62 -24.22
N LEU A 301 1.30 -7.87 -24.53
CA LEU A 301 1.65 -8.44 -25.82
C LEU A 301 0.82 -7.83 -26.94
N ILE A 302 -0.46 -7.56 -26.67
CA ILE A 302 -1.34 -7.01 -27.71
C ILE A 302 -0.96 -5.57 -28.02
N PHE A 303 -0.70 -4.76 -27.00
CA PHE A 303 -0.33 -3.37 -27.19
C PHE A 303 1.14 -3.19 -27.53
N GLU A 304 1.93 -4.26 -27.51
CA GLU A 304 3.36 -4.22 -27.82
C GLU A 304 4.11 -3.28 -26.89
N LEU A 305 3.90 -3.47 -25.59
CA LEU A 305 4.55 -2.65 -24.58
C LEU A 305 5.86 -3.31 -24.15
N ASN A 306 6.45 -2.80 -23.06
CA ASN A 306 7.67 -3.37 -22.51
C ASN A 306 7.31 -4.36 -21.41
N PRO A 307 7.67 -5.63 -21.53
CA PRO A 307 7.29 -6.60 -20.48
C PRO A 307 7.89 -6.28 -19.12
N ARG A 308 9.07 -5.66 -19.07
CA ARG A 308 9.74 -5.39 -17.80
C ARG A 308 9.28 -4.09 -17.15
N SER A 309 9.01 -3.05 -17.93
CA SER A 309 8.53 -1.78 -17.42
C SER A 309 7.10 -1.55 -17.88
N ASN A 310 6.19 -1.37 -16.93
CA ASN A 310 4.77 -1.23 -17.26
C ASN A 310 4.10 -0.33 -16.23
N LEU A 311 2.95 0.20 -16.61
CA LEU A 311 2.14 1.04 -15.74
C LEU A 311 1.00 0.22 -15.16
N SER A 312 0.85 0.27 -13.85
CA SER A 312 -0.24 -0.41 -13.17
C SER A 312 -1.45 0.52 -13.05
N HIS A 313 -2.55 -0.01 -12.52
CA HIS A 313 -3.76 0.78 -12.38
C HIS A 313 -3.62 1.87 -11.32
N GLN A 314 -2.71 1.70 -10.36
CA GLN A 314 -2.53 2.70 -9.30
C GLN A 314 -2.05 4.02 -9.88
N HIS A 315 -1.14 3.97 -10.86
CA HIS A 315 -0.65 5.20 -11.47
C HIS A 315 -1.76 5.96 -12.20
N LEU A 316 -2.60 5.23 -12.93
CA LEU A 316 -3.73 5.87 -13.60
C LEU A 316 -4.72 6.45 -12.60
N PHE A 317 -4.96 5.73 -11.50
CA PHE A 317 -5.83 6.26 -10.46
C PHE A 317 -5.25 7.54 -9.86
N GLU A 318 -3.93 7.57 -9.63
CA GLU A 318 -3.29 8.75 -9.07
C GLU A 318 -3.39 9.95 -10.03
N ILE A 319 -3.15 9.71 -11.32
CA ILE A 319 -3.25 10.78 -12.31
C ILE A 319 -4.67 11.32 -12.36
N ALA A 320 -5.65 10.42 -12.38
CA ALA A 320 -7.05 10.85 -12.41
C ALA A 320 -7.42 11.63 -11.16
N GLY A 321 -6.92 11.20 -10.00
CA GLY A 321 -7.21 11.93 -8.78
C GLY A 321 -6.63 13.32 -8.76
N PHE A 322 -5.38 13.47 -9.23
CA PHE A 322 -4.78 14.79 -9.30
C PHE A 322 -5.54 15.70 -10.27
N LEU A 323 -5.92 15.16 -11.43
CA LEU A 323 -6.69 15.94 -12.39
C LEU A 323 -8.03 16.36 -11.81
N GLY A 324 -8.69 15.46 -11.09
CA GLY A 324 -9.95 15.81 -10.45
C GLY A 324 -9.79 16.87 -9.38
N ILE A 325 -8.69 16.81 -8.63
CA ILE A 325 -8.40 17.85 -7.64
C ILE A 325 -8.30 19.21 -8.32
N LEU A 326 -7.55 19.27 -9.42
CA LEU A 326 -7.39 20.53 -10.13
C LEU A 326 -8.73 21.01 -10.69
N TRP A 327 -9.53 20.09 -11.23
CA TRP A 327 -10.83 20.46 -11.80
C TRP A 327 -11.77 21.02 -10.74
N CYS A 328 -11.83 20.36 -9.58
CA CYS A 328 -12.69 20.83 -8.51
C CYS A 328 -12.22 22.17 -7.97
N LEU A 329 -10.90 22.35 -7.82
CA LEU A 329 -10.38 23.63 -7.36
C LEU A 329 -10.72 24.75 -8.33
N SER A 330 -10.58 24.49 -9.64
CA SER A 330 -10.91 25.50 -10.63
C SER A 330 -12.39 25.85 -10.60
N LEU A 331 -13.25 24.84 -10.45
CA LEU A 331 -14.69 25.13 -10.38
C LEU A 331 -15.04 25.93 -9.14
N LEU A 332 -14.46 25.57 -7.99
CA LEU A 332 -14.71 26.33 -6.77
C LEU A 332 -14.21 27.76 -6.90
N ALA A 333 -13.05 27.95 -7.53
CA ALA A 333 -12.56 29.30 -7.78
C ALA A 333 -13.52 30.08 -8.67
N CYS A 334 -14.06 29.43 -9.69
CA CYS A 334 -15.07 30.07 -10.51
C CYS A 334 -16.34 30.35 -9.72
N PHE A 335 -16.54 29.67 -8.59
CA PHE A 335 -17.82 29.79 -7.88
C PHE A 335 -17.89 31.02 -6.98
N PHE A 336 -17.06 31.09 -5.92
CA PHE A 336 -17.38 32.09 -4.90
C PHE A 336 -16.86 33.49 -5.20
N ALA A 337 -15.60 33.75 -4.82
CA ALA A 337 -14.88 34.99 -5.08
C ALA A 337 -13.45 34.89 -4.56
N PRO A 338 -12.61 34.02 -5.09
CA PRO A 338 -11.30 33.77 -4.45
C PRO A 338 -10.40 35.00 -4.44
N ILE A 339 -10.14 35.55 -5.62
CA ILE A 339 -9.29 36.72 -5.78
C ILE A 339 -10.14 37.85 -6.36
N SER A 340 -10.05 39.02 -5.75
CA SER A 340 -10.86 40.17 -6.16
C SER A 340 -10.21 41.00 -7.26
N VAL A 341 -9.04 40.60 -7.75
CA VAL A 341 -8.35 41.35 -8.80
C VAL A 341 -8.20 40.55 -10.08
N ILE A 342 -8.32 39.23 -10.05
CA ILE A 342 -8.16 38.39 -11.24
C ILE A 342 -9.56 38.14 -11.82
N PRO A 343 -9.77 38.37 -13.12
CA PRO A 343 -11.09 38.11 -13.70
C PRO A 343 -11.45 36.64 -13.62
N THR A 344 -12.76 36.38 -13.54
CA THR A 344 -13.25 35.02 -13.32
C THR A 344 -13.22 34.15 -14.57
N TYR A 345 -12.91 34.71 -15.73
CA TYR A 345 -12.81 33.93 -16.96
C TYR A 345 -11.38 33.44 -17.22
N VAL A 346 -10.55 33.35 -16.19
CA VAL A 346 -9.15 32.95 -16.35
C VAL A 346 -8.97 31.52 -15.86
N TYR A 347 -9.83 31.09 -14.93
CA TYR A 347 -9.64 29.79 -14.28
C TYR A 347 -9.71 28.61 -15.24
N PRO A 348 -10.71 28.50 -16.13
CA PRO A 348 -10.68 27.37 -17.09
C PRO A 348 -9.45 27.39 -17.98
N LEU A 349 -9.00 28.60 -18.35
CA LEU A 349 -7.79 28.71 -19.14
C LEU A 349 -6.59 28.16 -18.39
N ALA A 350 -6.47 28.49 -17.09
CA ALA A 350 -5.38 27.95 -16.29
C ALA A 350 -5.48 26.44 -16.17
N LEU A 351 -6.69 25.92 -15.99
CA LEU A 351 -6.87 24.47 -15.85
C LEU A 351 -6.43 23.73 -17.12
N TYR A 352 -6.92 24.19 -18.28
CA TYR A 352 -6.60 23.50 -19.52
C TYR A 352 -5.14 23.71 -19.92
N GLY A 353 -4.58 24.89 -19.65
CA GLY A 353 -3.16 25.10 -19.86
C GLY A 353 -2.32 24.18 -19.00
N PHE A 354 -2.73 23.98 -17.75
CA PHE A 354 -2.02 23.05 -16.87
C PHE A 354 -2.09 21.63 -17.41
N MET A 355 -3.27 21.22 -17.91
CA MET A 355 -3.38 19.89 -18.51
C MET A 355 -2.43 19.73 -19.70
N VAL A 356 -2.44 20.71 -20.60
CA VAL A 356 -1.58 20.62 -21.79
C VAL A 356 -0.11 20.63 -21.39
N PHE A 357 0.26 21.48 -20.42
CA PHE A 357 1.64 21.54 -19.96
C PHE A 357 2.07 20.21 -19.34
N PHE A 358 1.18 19.58 -18.58
CA PHE A 358 1.48 18.28 -18.02
C PHE A 358 1.70 17.24 -19.11
N LEU A 359 0.90 17.29 -20.18
CA LEU A 359 1.05 16.30 -21.23
C LEU A 359 2.37 16.45 -21.98
N ILE A 360 2.70 17.66 -22.40
CA ILE A 360 3.78 17.87 -23.36
C ILE A 360 5.07 18.37 -22.68
N ASN A 361 5.23 18.08 -21.39
CA ASN A 361 6.43 18.48 -20.67
C ASN A 361 7.67 17.83 -21.29
N PRO A 362 8.67 18.60 -21.72
CA PRO A 362 9.86 18.02 -22.35
C PRO A 362 10.95 17.57 -21.40
N THR A 363 10.71 17.61 -20.09
CA THR A 363 11.70 17.16 -19.11
C THR A 363 11.57 15.64 -18.94
N LYS A 364 12.24 15.10 -17.91
CA LYS A 364 12.27 13.66 -17.71
C LYS A 364 11.66 13.28 -16.36
N THR A 365 10.51 13.87 -16.03
CA THR A 365 9.82 13.58 -14.78
C THR A 365 8.34 13.31 -15.06
N PHE A 366 7.66 12.77 -14.05
CA PHE A 366 6.21 12.57 -14.07
C PHE A 366 5.78 11.67 -15.22
N TYR A 367 6.21 10.41 -15.11
CA TYR A 367 5.88 9.36 -16.08
C TYR A 367 6.33 9.75 -17.49
N TYR A 368 7.57 10.21 -17.59
CA TYR A 368 8.08 10.70 -18.87
C TYR A 368 8.16 9.60 -19.93
N LYS A 369 8.12 8.34 -19.52
CA LYS A 369 8.23 7.22 -20.46
C LYS A 369 6.89 6.79 -21.03
N SER A 370 5.78 7.23 -20.44
CA SER A 370 4.44 6.96 -20.97
C SER A 370 3.92 8.13 -21.80
N ARG A 371 4.25 9.36 -21.39
CA ARG A 371 3.77 10.53 -22.11
C ARG A 371 4.33 10.59 -23.53
N PHE A 372 5.61 10.24 -23.69
CA PHE A 372 6.20 10.27 -25.03
C PHE A 372 5.62 9.18 -25.92
N TRP A 373 5.37 8.00 -25.35
CA TRP A 373 4.70 6.94 -26.09
C TRP A 373 3.31 7.37 -26.54
N LEU A 374 2.57 8.02 -25.64
CA LEU A 374 1.24 8.51 -26.00
C LEU A 374 1.31 9.58 -27.08
N LEU A 375 2.31 10.46 -27.01
CA LEU A 375 2.44 11.51 -28.02
C LEU A 375 2.76 10.94 -29.39
N LYS A 376 3.68 9.96 -29.44
CA LYS A 376 3.98 9.33 -30.72
C LYS A 376 2.77 8.58 -31.26
N LEU A 377 2.03 7.90 -30.39
CA LEU A 377 0.80 7.23 -30.81
C LEU A 377 -0.21 8.21 -31.36
N LEU A 378 -0.37 9.37 -30.71
CA LEU A 378 -1.30 10.38 -31.19
C LEU A 378 -0.89 10.91 -32.55
N PHE A 379 0.41 11.14 -32.75
CA PHE A 379 0.90 11.58 -34.05
C PHE A 379 0.57 10.55 -35.12
N ARG A 380 0.83 9.27 -34.83
CA ARG A 380 0.53 8.22 -35.80
C ARG A 380 -0.96 8.15 -36.10
N VAL A 381 -1.80 8.30 -35.08
CA VAL A 381 -3.24 8.22 -35.26
C VAL A 381 -3.73 9.37 -36.14
N PHE A 382 -3.27 10.58 -35.85
CA PHE A 382 -3.71 11.76 -36.59
C PHE A 382 -3.03 11.91 -37.94
N THR A 383 -2.07 11.05 -38.27
CA THR A 383 -1.49 11.01 -39.61
C THR A 383 -1.89 9.68 -40.24
N ALA A 384 -3.18 9.36 -40.13
CA ALA A 384 -3.66 8.00 -40.38
C ALA A 384 -3.36 7.45 -41.77
N PRO A 385 -3.60 8.15 -42.88
CA PRO A 385 -3.49 7.50 -44.19
C PRO A 385 -2.11 6.96 -44.53
N PHE A 386 -1.05 7.51 -43.94
CA PHE A 386 0.31 7.20 -44.36
C PHE A 386 0.96 6.13 -43.49
N HIS A 387 0.80 6.21 -42.17
CA HIS A 387 1.46 5.26 -41.29
C HIS A 387 0.78 3.90 -41.33
N LYS A 388 1.55 2.87 -41.04
CA LYS A 388 1.01 1.52 -40.92
C LYS A 388 0.13 1.42 -39.68
N VAL A 389 -0.83 0.50 -39.73
CA VAL A 389 -1.88 0.39 -38.71
C VAL A 389 -1.57 -0.81 -37.82
N GLY A 390 -1.48 -0.57 -36.51
CA GLY A 390 -1.40 -1.62 -35.53
C GLY A 390 -2.62 -1.65 -34.63
N PHE A 391 -2.56 -2.51 -33.62
CA PHE A 391 -3.68 -2.62 -32.69
C PHE A 391 -3.85 -1.33 -31.88
N ALA A 392 -2.75 -0.74 -31.43
CA ALA A 392 -2.84 0.46 -30.60
C ALA A 392 -3.43 1.64 -31.36
N ASP A 393 -3.07 1.78 -32.64
CA ASP A 393 -3.57 2.90 -33.43
C ASP A 393 -5.09 2.86 -33.55
N PHE A 394 -5.64 1.73 -33.98
CA PHE A 394 -7.08 1.66 -34.17
C PHE A 394 -7.82 1.59 -32.84
N TRP A 395 -7.18 1.05 -31.79
CA TRP A 395 -7.78 1.10 -30.47
C TRP A 395 -7.94 2.54 -29.99
N LEU A 396 -6.88 3.34 -30.13
CA LEU A 396 -6.96 4.74 -29.72
C LEU A 396 -7.94 5.52 -30.57
N ALA A 397 -7.99 5.24 -31.87
CA ALA A 397 -8.98 5.88 -32.73
C ALA A 397 -10.39 5.51 -32.30
N ASP A 398 -10.61 4.26 -31.89
CA ASP A 398 -11.92 3.85 -31.39
C ASP A 398 -12.28 4.61 -30.11
N GLN A 399 -11.31 4.81 -29.22
CA GLN A 399 -11.58 5.60 -28.02
C GLN A 399 -11.94 7.04 -28.38
N LEU A 400 -11.18 7.65 -29.30
CA LEU A 400 -11.48 9.01 -29.72
C LEU A 400 -12.84 9.11 -30.40
N ASN A 401 -13.31 8.01 -30.99
CA ASN A 401 -14.64 8.01 -31.60
C ASN A 401 -15.72 8.30 -30.56
N SER A 402 -15.62 7.72 -29.37
CA SER A 402 -16.57 7.97 -28.31
C SER A 402 -16.19 9.16 -27.44
N LEU A 403 -14.98 9.72 -27.60
CA LEU A 403 -14.55 10.89 -26.85
C LEU A 403 -14.63 12.17 -27.66
N SER A 404 -15.66 12.34 -28.51
CA SER A 404 -15.79 13.53 -29.34
C SER A 404 -16.42 14.72 -28.61
N VAL A 405 -17.03 14.49 -27.45
CA VAL A 405 -17.64 15.60 -26.71
C VAL A 405 -16.57 16.57 -26.23
N ILE A 406 -15.38 16.08 -25.90
CA ILE A 406 -14.29 16.96 -25.50
C ILE A 406 -13.87 17.86 -26.66
N LEU A 407 -13.80 17.31 -27.87
CA LEU A 407 -13.51 18.14 -29.04
C LEU A 407 -14.61 19.17 -29.28
N MET A 408 -15.85 18.75 -29.09
CA MET A 408 -16.97 19.69 -29.23
C MET A 408 -16.84 20.84 -28.22
N ASP A 409 -16.49 20.51 -26.98
CA ASP A 409 -16.32 21.53 -25.95
C ASP A 409 -15.15 22.45 -26.28
N LEU A 410 -14.06 21.89 -26.81
CA LEU A 410 -12.93 22.73 -27.21
C LEU A 410 -13.35 23.74 -28.27
N GLU A 411 -14.05 23.26 -29.31
CA GLU A 411 -14.49 24.16 -30.37
C GLU A 411 -15.45 25.22 -29.83
N TYR A 412 -16.38 24.81 -28.96
CA TYR A 412 -17.34 25.77 -28.41
C TYR A 412 -16.64 26.80 -27.54
N MET A 413 -15.64 26.40 -26.76
CA MET A 413 -14.94 27.36 -25.91
C MET A 413 -14.13 28.34 -26.74
N ILE A 414 -13.46 27.87 -27.79
CA ILE A 414 -12.74 28.78 -28.67
C ILE A 414 -13.70 29.78 -29.30
N CYS A 415 -14.90 29.37 -29.69
CA CYS A 415 -15.81 30.31 -30.37
C CYS A 415 -16.50 31.19 -29.34
N PHE A 416 -16.66 30.71 -28.12
CA PHE A 416 -17.23 31.58 -27.10
C PHE A 416 -16.27 32.68 -26.69
N TYR A 417 -14.99 32.34 -26.53
CA TYR A 417 -14.02 33.35 -26.09
C TYR A 417 -13.66 34.30 -27.23
N SER A 418 -13.55 33.80 -28.46
CA SER A 418 -13.14 34.64 -29.57
C SER A 418 -14.18 35.72 -29.88
N LEU A 419 -15.46 35.43 -29.68
CA LEU A 419 -16.48 36.35 -30.19
C LEU A 419 -17.48 36.80 -29.14
N GLU A 420 -17.91 35.92 -28.24
CA GLU A 420 -19.12 36.20 -27.46
C GLU A 420 -18.84 36.98 -26.18
N LEU A 421 -17.81 36.62 -25.42
CA LEU A 421 -17.56 37.26 -24.15
C LEU A 421 -16.79 38.56 -24.37
N LYS A 422 -17.27 39.63 -23.73
CA LYS A 422 -16.58 40.93 -23.75
C LYS A 422 -15.70 40.98 -22.51
N TRP A 423 -14.39 40.86 -22.72
CA TRP A 423 -13.44 40.68 -21.62
C TRP A 423 -13.37 41.88 -20.69
N ASP A 424 -13.85 43.06 -21.13
CA ASP A 424 -13.63 44.28 -20.36
C ASP A 424 -14.44 44.35 -19.07
N GLU A 425 -15.51 43.56 -18.94
CA GLU A 425 -16.29 43.58 -17.70
C GLU A 425 -15.80 42.54 -16.70
N SER A 426 -16.53 42.37 -15.61
CA SER A 426 -16.25 41.30 -14.66
C SER A 426 -17.31 40.24 -14.82
N LYS A 427 -17.21 39.15 -14.06
CA LYS A 427 -18.06 37.99 -14.26
C LYS A 427 -18.06 37.60 -15.74
N GLY A 428 -16.89 37.56 -16.37
CA GLY A 428 -16.81 37.24 -17.78
C GLY A 428 -17.46 35.93 -18.17
N LEU A 429 -17.21 34.89 -17.37
CA LEU A 429 -17.68 33.55 -17.71
C LEU A 429 -19.21 33.45 -17.71
N LEU A 430 -19.84 33.62 -16.54
CA LEU A 430 -21.28 33.37 -16.43
C LEU A 430 -22.12 34.34 -17.28
N PRO A 431 -22.45 35.59 -16.89
CA PRO A 431 -23.33 36.45 -17.68
C PRO A 431 -22.97 36.54 -19.17
N ASN A 432 -23.78 35.93 -20.00
CA ASN A 432 -23.59 36.05 -21.46
C ASN A 432 -24.65 37.06 -21.90
N ASN A 433 -25.04 37.94 -20.97
CA ASN A 433 -26.03 38.97 -21.24
C ASN A 433 -25.57 39.82 -22.43
N SER A 434 -26.18 39.58 -23.59
CA SER A 434 -25.75 40.19 -24.83
C SER A 434 -26.91 40.12 -25.82
N GLU A 435 -26.79 40.91 -26.89
CA GLU A 435 -27.85 40.92 -27.90
C GLU A 435 -27.89 39.60 -28.67
N GLU A 436 -26.79 39.25 -29.34
CA GLU A 436 -26.73 38.07 -30.19
C GLU A 436 -26.16 36.86 -29.49
N SER A 437 -26.39 36.71 -28.18
CA SER A 437 -26.03 35.49 -27.49
C SER A 437 -26.70 34.30 -28.15
N GLY A 438 -25.90 33.41 -28.75
CA GLY A 438 -26.45 32.30 -29.48
C GLY A 438 -25.77 32.05 -30.81
N ILE A 439 -25.05 33.06 -31.32
CA ILE A 439 -24.35 32.96 -32.59
C ILE A 439 -23.38 31.79 -32.58
N CYS A 440 -23.09 31.31 -31.35
CA CYS A 440 -22.17 30.15 -31.15
C CYS A 440 -23.00 28.89 -30.80
N HIS A 441 -24.25 29.04 -30.38
CA HIS A 441 -25.12 27.89 -30.13
C HIS A 441 -25.95 27.59 -31.38
N LYS A 442 -25.30 27.57 -32.53
CA LYS A 442 -25.91 27.22 -33.82
C LYS A 442 -24.94 26.32 -34.58
N TYR A 443 -25.25 26.06 -35.84
CA TYR A 443 -24.52 25.10 -36.67
C TYR A 443 -24.36 25.60 -38.10
N THR A 444 -24.89 26.79 -38.40
CA THR A 444 -25.11 27.18 -39.78
C THR A 444 -23.85 27.65 -40.50
N TYR A 445 -22.84 28.09 -39.76
CA TYR A 445 -21.58 28.49 -40.39
C TYR A 445 -20.81 27.31 -40.93
N GLY A 446 -21.19 26.09 -40.56
CA GLY A 446 -20.58 24.91 -41.12
C GLY A 446 -19.80 24.09 -40.12
N VAL A 447 -19.06 24.74 -39.23
CA VAL A 447 -18.21 24.00 -38.31
C VAL A 447 -19.00 23.64 -37.05
N ARG A 448 -19.84 22.62 -37.18
CA ARG A 448 -20.31 21.81 -36.07
C ARG A 448 -20.43 20.34 -36.44
N ALA A 449 -20.35 20.00 -37.72
CA ALA A 449 -20.46 18.63 -38.20
C ALA A 449 -19.12 17.98 -38.47
N ILE A 450 -18.15 18.73 -39.00
CA ILE A 450 -16.83 18.18 -39.23
C ILE A 450 -16.15 17.85 -37.90
N VAL A 451 -16.38 18.68 -36.89
CA VAL A 451 -15.78 18.44 -35.58
C VAL A 451 -16.26 17.14 -34.98
N GLN A 452 -17.43 16.68 -35.45
CA GLN A 452 -18.07 15.45 -34.93
C GLN A 452 -17.78 14.28 -35.87
N CYS A 453 -17.46 14.56 -37.11
CA CYS A 453 -17.14 13.54 -38.10
C CYS A 453 -15.64 13.28 -38.23
N ILE A 454 -14.81 14.01 -37.49
CA ILE A 454 -13.36 13.76 -37.54
C ILE A 454 -12.99 12.32 -37.16
N PRO A 455 -13.44 11.78 -36.01
CA PRO A 455 -12.97 10.43 -35.64
C PRO A 455 -13.50 9.34 -36.57
N ALA A 456 -14.75 9.47 -37.03
CA ALA A 456 -15.28 8.53 -38.01
C ALA A 456 -14.46 8.57 -39.29
N TRP A 457 -14.04 9.77 -39.70
CA TRP A 457 -13.18 9.88 -40.88
C TRP A 457 -11.83 9.20 -40.65
N LEU A 458 -11.26 9.36 -39.46
CA LEU A 458 -9.98 8.72 -39.16
C LEU A 458 -10.10 7.19 -39.25
N ARG A 459 -11.17 6.64 -38.64
CA ARG A 459 -11.37 5.19 -38.69
C ARG A 459 -11.62 4.71 -40.12
N PHE A 460 -12.41 5.48 -40.89
CA PHE A 460 -12.68 5.12 -42.28
C PHE A 460 -11.40 5.07 -43.10
N ILE A 461 -10.53 6.06 -42.93
CA ILE A 461 -9.28 6.10 -43.67
C ILE A 461 -8.36 4.96 -43.24
N GLN A 462 -8.34 4.65 -41.94
CA GLN A 462 -7.53 3.52 -41.47
C GLN A 462 -8.01 2.21 -42.09
N CYS A 463 -9.34 2.01 -42.15
CA CYS A 463 -9.87 0.80 -42.77
C CYS A 463 -9.52 0.73 -44.25
N LEU A 464 -9.58 1.87 -44.94
CA LEU A 464 -9.20 1.89 -46.35
C LEU A 464 -7.74 1.48 -46.53
N ARG A 465 -6.85 2.03 -45.70
CA ARG A 465 -5.43 1.68 -45.80
C ARG A 465 -5.20 0.21 -45.49
N ARG A 466 -5.88 -0.32 -44.48
CA ARG A 466 -5.73 -1.74 -44.15
C ARG A 466 -6.18 -2.63 -45.30
N TYR A 467 -7.32 -2.29 -45.92
CA TYR A 467 -7.77 -3.06 -47.07
C TYR A 467 -6.79 -2.98 -48.22
N ARG A 468 -6.21 -1.80 -48.45
CA ARG A 468 -5.22 -1.65 -49.51
C ARG A 468 -4.01 -2.52 -49.26
N ASP A 469 -3.48 -2.49 -48.03
CA ASP A 469 -2.33 -3.33 -47.71
C ASP A 469 -2.67 -4.81 -47.80
N THR A 470 -3.52 -5.30 -46.89
CA THR A 470 -3.96 -6.69 -46.87
C THR A 470 -5.17 -6.86 -47.78
N LYS A 471 -4.95 -7.09 -49.07
CA LYS A 471 -6.05 -6.98 -50.04
C LYS A 471 -7.05 -8.12 -49.85
N ARG A 472 -7.79 -8.06 -48.75
CA ARG A 472 -8.88 -8.99 -48.44
C ARG A 472 -10.08 -8.12 -48.05
N ALA A 473 -11.11 -8.12 -48.89
CA ALA A 473 -12.12 -7.07 -48.90
C ALA A 473 -13.29 -7.32 -47.94
N PHE A 474 -13.39 -8.50 -47.32
CA PHE A 474 -14.53 -8.68 -46.43
C PHE A 474 -14.38 -7.86 -45.15
N PRO A 475 -13.39 -8.13 -44.29
CA PRO A 475 -13.39 -7.46 -42.98
C PRO A 475 -13.31 -5.94 -43.05
N HIS A 476 -12.62 -5.40 -44.05
CA HIS A 476 -12.24 -3.99 -44.05
C HIS A 476 -13.17 -3.10 -44.87
N LEU A 477 -13.64 -3.56 -46.03
CA LEU A 477 -14.57 -2.75 -46.81
C LEU A 477 -15.91 -2.62 -46.08
N VAL A 478 -16.37 -3.70 -45.44
CA VAL A 478 -17.58 -3.62 -44.64
C VAL A 478 -17.35 -2.76 -43.40
N ASN A 479 -16.19 -2.91 -42.77
CA ASN A 479 -15.85 -2.03 -41.64
C ASN A 479 -15.75 -0.59 -42.09
N ALA A 480 -15.15 -0.34 -43.26
CA ALA A 480 -15.08 1.02 -43.78
C ALA A 480 -16.46 1.60 -44.05
N GLY A 481 -17.37 0.78 -44.57
CA GLY A 481 -18.74 1.23 -44.77
C GLY A 481 -19.52 1.42 -43.49
N LYS A 482 -19.10 0.76 -42.41
CA LYS A 482 -19.77 0.97 -41.13
C LYS A 482 -19.66 2.42 -40.66
N TYR A 483 -18.48 3.03 -40.83
CA TYR A 483 -18.26 4.39 -40.34
C TYR A 483 -18.83 5.45 -41.27
N SER A 484 -19.17 5.10 -42.50
CA SER A 484 -19.68 6.08 -43.45
C SER A 484 -21.11 6.50 -43.14
N THR A 485 -21.87 5.69 -42.40
CA THR A 485 -23.25 6.04 -42.09
C THR A 485 -23.33 7.28 -41.19
N THR A 486 -22.27 7.53 -40.40
CA THR A 486 -22.24 8.72 -39.57
C THR A 486 -22.27 9.99 -40.43
N PHE A 487 -21.53 9.98 -41.54
CA PHE A 487 -21.54 11.14 -42.43
C PHE A 487 -22.94 11.41 -42.94
N PHE A 488 -23.63 10.36 -43.41
CA PHE A 488 -24.99 10.52 -43.93
C PHE A 488 -25.93 11.05 -42.86
N MET A 489 -25.88 10.45 -41.67
CA MET A 489 -26.78 10.87 -40.60
C MET A 489 -26.56 12.34 -40.23
N VAL A 490 -25.29 12.72 -40.04
CA VAL A 490 -24.99 14.07 -39.61
C VAL A 490 -25.37 15.08 -40.70
N THR A 491 -25.05 14.77 -41.96
CA THR A 491 -25.38 15.71 -43.02
C THR A 491 -26.88 15.86 -43.20
N PHE A 492 -27.64 14.77 -43.02
CA PHE A 492 -29.09 14.86 -43.17
C PHE A 492 -29.71 15.62 -42.00
N ALA A 493 -29.20 15.42 -40.79
CA ALA A 493 -29.68 16.19 -39.66
C ALA A 493 -29.39 17.68 -39.86
N ALA A 494 -28.19 18.01 -40.33
CA ALA A 494 -27.85 19.41 -40.57
C ALA A 494 -28.73 20.02 -41.64
N LEU A 495 -28.97 19.29 -42.74
CA LEU A 495 -29.81 19.80 -43.81
C LEU A 495 -31.24 20.00 -43.35
N TYR A 496 -31.78 19.04 -42.59
CA TYR A 496 -33.14 19.19 -42.08
C TYR A 496 -33.27 20.39 -41.16
N SER A 497 -32.29 20.59 -40.27
CA SER A 497 -32.33 21.75 -39.39
C SER A 497 -32.21 23.05 -40.18
N THR A 498 -31.33 23.08 -41.19
CA THR A 498 -31.16 24.30 -41.97
C THR A 498 -32.44 24.66 -42.71
N HIS A 499 -33.10 23.67 -43.31
CA HIS A 499 -34.34 23.96 -44.02
C HIS A 499 -35.47 24.30 -43.06
N LYS A 500 -35.46 23.73 -41.84
CA LYS A 500 -36.43 24.12 -40.84
C LYS A 500 -36.26 25.58 -40.44
N GLU A 501 -35.01 26.01 -40.24
CA GLU A 501 -34.75 27.41 -39.94
C GLU A 501 -35.15 28.31 -41.10
N ARG A 502 -34.86 27.89 -42.33
CA ARG A 502 -35.24 28.66 -43.51
C ARG A 502 -36.72 28.55 -43.83
N GLY A 503 -37.45 27.64 -43.19
CA GLY A 503 -38.87 27.50 -43.43
C GLY A 503 -39.25 27.01 -44.82
N HIS A 504 -38.54 26.01 -45.33
CA HIS A 504 -38.91 25.40 -46.60
C HIS A 504 -40.09 24.47 -46.41
N SER A 505 -40.97 24.42 -47.42
CA SER A 505 -42.15 23.56 -47.34
C SER A 505 -41.80 22.08 -47.45
N ASP A 506 -40.62 21.74 -47.96
CA ASP A 506 -40.20 20.36 -48.10
C ASP A 506 -39.27 19.89 -46.98
N THR A 507 -39.07 20.72 -45.96
CA THR A 507 -38.18 20.36 -44.86
C THR A 507 -38.56 19.01 -44.26
N MET A 508 -39.85 18.73 -44.18
CA MET A 508 -40.31 17.49 -43.56
C MET A 508 -39.74 16.27 -44.27
N VAL A 509 -39.52 16.33 -45.58
CA VAL A 509 -38.97 15.18 -46.28
C VAL A 509 -37.54 14.91 -45.79
N PHE A 510 -36.78 15.96 -45.49
CA PHE A 510 -35.46 15.78 -44.91
C PHE A 510 -35.53 15.11 -43.55
N PHE A 511 -36.67 15.21 -42.87
CA PHE A 511 -36.90 14.40 -41.68
C PHE A 511 -37.00 12.92 -42.05
N TYR A 512 -37.85 12.61 -43.03
CA TYR A 512 -38.26 11.22 -43.26
C TYR A 512 -37.05 10.32 -43.49
N LEU A 513 -36.31 10.56 -44.57
CA LEU A 513 -35.16 9.72 -44.86
C LEU A 513 -34.13 9.79 -43.73
N TRP A 514 -34.00 10.94 -43.06
CA TRP A 514 -33.06 11.00 -41.95
C TRP A 514 -33.38 9.94 -40.92
N ILE A 515 -34.67 9.72 -40.65
CA ILE A 515 -35.05 8.76 -39.63
C ILE A 515 -34.55 7.37 -40.00
N VAL A 516 -34.60 7.00 -41.29
CA VAL A 516 -34.12 5.66 -41.61
C VAL A 516 -32.61 5.62 -41.47
N PHE A 517 -31.92 6.71 -41.80
CA PHE A 517 -30.48 6.77 -41.59
C PHE A 517 -30.13 6.78 -40.11
N TYR A 518 -31.12 6.98 -39.24
CA TYR A 518 -30.94 6.64 -37.83
C TYR A 518 -30.80 5.13 -37.67
N ILE A 519 -31.83 4.39 -38.05
CA ILE A 519 -31.87 2.95 -37.79
C ILE A 519 -30.70 2.25 -38.48
N ILE A 520 -30.53 2.53 -39.78
CA ILE A 520 -29.49 1.90 -40.59
C ILE A 520 -28.14 2.09 -39.93
N SER A 521 -27.96 3.20 -39.19
CA SER A 521 -26.72 3.37 -38.47
C SER A 521 -26.61 2.35 -37.33
N SER A 522 -27.52 2.42 -36.37
CA SER A 522 -27.36 1.64 -35.15
C SER A 522 -27.34 0.16 -35.44
N CYS A 523 -28.35 -0.33 -36.16
CA CYS A 523 -28.41 -1.75 -36.50
C CYS A 523 -27.15 -2.22 -37.19
N TYR A 524 -26.47 -1.35 -37.93
CA TYR A 524 -25.17 -1.71 -38.47
C TYR A 524 -24.20 -1.96 -37.33
N THR A 525 -23.86 -0.90 -36.60
CA THR A 525 -22.76 -0.97 -35.64
C THR A 525 -23.04 -1.99 -34.56
N LEU A 526 -24.27 -2.02 -34.05
CA LEU A 526 -24.64 -2.98 -33.02
C LEU A 526 -24.30 -4.40 -33.46
N ILE A 527 -24.64 -4.75 -34.70
CA ILE A 527 -24.33 -6.10 -35.18
C ILE A 527 -22.82 -6.32 -35.18
N TRP A 528 -22.07 -5.34 -35.69
CA TRP A 528 -20.61 -5.46 -35.69
C TRP A 528 -20.08 -5.52 -34.27
N ASP A 529 -20.82 -5.00 -33.30
CA ASP A 529 -20.38 -5.06 -31.91
C ASP A 529 -20.51 -6.48 -31.36
N LEU A 530 -21.46 -7.26 -31.84
CA LEU A 530 -21.73 -8.58 -31.28
C LEU A 530 -21.03 -9.69 -32.05
N LYS A 531 -21.29 -9.81 -33.35
CA LYS A 531 -20.76 -10.93 -34.11
C LYS A 531 -19.25 -10.82 -34.30
N MET A 532 -18.75 -9.63 -34.64
CA MET A 532 -17.36 -9.47 -35.06
C MET A 532 -16.46 -8.91 -33.98
N ASP A 533 -16.87 -7.86 -33.26
CA ASP A 533 -16.00 -7.25 -32.26
C ASP A 533 -15.89 -8.14 -31.03
N TRP A 534 -17.01 -8.69 -30.55
CA TRP A 534 -17.02 -9.51 -29.35
C TRP A 534 -16.94 -10.99 -29.63
N GLY A 535 -17.21 -11.42 -30.86
CA GLY A 535 -17.13 -12.83 -31.21
C GLY A 535 -18.13 -13.71 -30.51
N LEU A 536 -19.36 -13.22 -30.32
CA LEU A 536 -20.41 -14.01 -29.69
C LEU A 536 -21.27 -14.67 -30.77
N PHE A 537 -22.34 -15.33 -30.32
CA PHE A 537 -23.28 -16.02 -31.21
C PHE A 537 -22.57 -17.01 -32.13
N ASP A 538 -21.64 -17.76 -31.57
CA ASP A 538 -20.88 -18.74 -32.34
C ASP A 538 -21.66 -20.04 -32.47
N LYS A 539 -21.38 -20.76 -33.56
CA LYS A 539 -22.07 -22.02 -33.82
C LYS A 539 -21.56 -23.17 -32.95
N ASN A 540 -20.37 -23.05 -32.38
CA ASN A 540 -19.80 -24.04 -31.48
C ASN A 540 -19.95 -23.62 -30.02
N ALA A 541 -21.07 -22.98 -29.69
CA ALA A 541 -21.24 -22.38 -28.38
C ALA A 541 -21.15 -23.41 -27.27
N GLY A 542 -21.69 -24.61 -27.48
CA GLY A 542 -21.65 -25.62 -26.44
C GLY A 542 -22.63 -25.31 -25.33
N GLU A 543 -22.19 -25.53 -24.08
CA GLU A 543 -23.06 -25.26 -22.93
C GLU A 543 -23.38 -23.78 -22.82
N ASN A 544 -22.40 -22.91 -23.06
CA ASN A 544 -22.64 -21.48 -23.06
C ASN A 544 -23.55 -21.10 -24.22
N THR A 545 -24.81 -20.76 -23.94
CA THR A 545 -25.75 -20.45 -25.01
C THR A 545 -25.65 -18.98 -25.41
N PHE A 546 -25.66 -18.74 -26.71
CA PHE A 546 -25.53 -17.42 -27.32
C PHE A 546 -24.17 -16.78 -27.06
N LEU A 547 -23.17 -17.57 -26.68
CA LEU A 547 -21.82 -17.08 -26.47
C LEU A 547 -20.85 -17.91 -27.30
N ARG A 548 -19.55 -17.77 -27.04
CA ARG A 548 -18.55 -18.60 -27.69
C ARG A 548 -18.14 -19.75 -26.78
N GLU A 549 -17.37 -20.68 -27.35
CA GLU A 549 -17.06 -21.92 -26.64
C GLU A 549 -16.24 -21.68 -25.38
N GLU A 550 -15.24 -20.82 -25.44
CA GLU A 550 -14.36 -20.54 -24.32
C GLU A 550 -14.51 -19.10 -23.87
N ILE A 551 -14.60 -18.91 -22.56
CA ILE A 551 -14.74 -17.58 -21.97
C ILE A 551 -13.70 -17.43 -20.87
N VAL A 552 -13.16 -16.22 -20.75
CA VAL A 552 -12.11 -15.95 -19.77
C VAL A 552 -12.69 -15.49 -18.44
N TYR A 553 -13.61 -14.54 -18.47
CA TYR A 553 -14.19 -14.03 -17.24
C TYR A 553 -15.10 -15.08 -16.61
N PRO A 554 -15.05 -15.26 -15.29
CA PRO A 554 -15.63 -16.47 -14.67
C PRO A 554 -17.13 -16.63 -14.86
N GLN A 555 -17.89 -15.54 -14.90
CA GLN A 555 -19.35 -15.62 -14.86
C GLN A 555 -19.96 -15.22 -16.19
N LYS A 556 -21.01 -15.94 -16.61
CA LYS A 556 -21.75 -15.61 -17.82
C LYS A 556 -22.71 -14.45 -17.62
N ALA A 557 -23.03 -14.11 -16.36
CA ALA A 557 -23.90 -12.98 -16.10
C ALA A 557 -23.31 -11.69 -16.63
N TYR A 558 -21.98 -11.55 -16.57
CA TYR A 558 -21.32 -10.39 -17.15
C TYR A 558 -21.61 -10.30 -18.64
N TYR A 559 -21.48 -11.42 -19.35
CA TYR A 559 -21.72 -11.43 -20.79
C TYR A 559 -23.17 -11.08 -21.10
N TYR A 560 -24.11 -11.68 -20.38
CA TYR A 560 -25.52 -11.41 -20.66
C TYR A 560 -25.88 -9.96 -20.35
N CYS A 561 -25.38 -9.42 -19.24
CA CYS A 561 -25.67 -8.03 -18.89
C CYS A 561 -25.06 -7.07 -19.91
N ALA A 562 -23.84 -7.36 -20.39
CA ALA A 562 -23.23 -6.53 -21.42
C ALA A 562 -24.03 -6.58 -22.72
N ILE A 563 -24.50 -7.78 -23.09
CA ILE A 563 -25.34 -7.90 -24.27
C ILE A 563 -26.59 -7.05 -24.13
N ILE A 564 -27.20 -7.07 -22.94
CA ILE A 564 -28.40 -6.27 -22.72
C ILE A 564 -28.09 -4.78 -22.81
N GLU A 565 -27.00 -4.34 -22.18
CA GLU A 565 -26.72 -2.91 -22.05
C GLU A 565 -26.21 -2.29 -23.35
N ASP A 566 -25.52 -3.06 -24.19
CA ASP A 566 -25.01 -2.51 -25.44
C ASP A 566 -26.14 -2.06 -26.35
N VAL A 567 -27.23 -2.83 -26.39
CA VAL A 567 -28.35 -2.48 -27.26
C VAL A 567 -28.94 -1.14 -26.86
N ILE A 568 -29.16 -0.93 -25.56
CA ILE A 568 -29.73 0.33 -25.10
C ILE A 568 -28.77 1.48 -25.33
N LEU A 569 -27.49 1.29 -25.02
CA LEU A 569 -26.55 2.39 -25.11
C LEU A 569 -26.17 2.72 -26.55
N ARG A 570 -26.40 1.82 -27.50
CA ARG A 570 -26.13 2.14 -28.90
C ARG A 570 -27.16 3.14 -29.44
N PHE A 571 -28.43 2.95 -29.08
CA PHE A 571 -29.49 3.78 -29.65
C PHE A 571 -29.38 5.22 -29.16
N ALA A 572 -28.89 5.43 -27.95
CA ALA A 572 -28.73 6.77 -27.39
C ALA A 572 -27.33 7.32 -27.60
N TRP A 573 -26.67 6.89 -28.66
CA TRP A 573 -25.44 7.49 -29.17
C TRP A 573 -25.69 8.22 -30.48
N THR A 574 -26.45 7.60 -31.37
CA THR A 574 -26.96 8.23 -32.57
C THR A 574 -27.84 9.44 -32.26
N ILE A 575 -28.70 9.34 -31.25
CA ILE A 575 -29.58 10.46 -30.91
C ILE A 575 -28.79 11.61 -30.27
N GLN A 576 -27.77 11.29 -29.47
CA GLN A 576 -26.95 12.37 -28.91
C GLN A 576 -26.18 13.09 -30.00
N ILE A 577 -25.51 12.34 -30.89
CA ILE A 577 -24.73 13.02 -31.91
C ILE A 577 -25.66 13.77 -32.87
N SER A 578 -26.87 13.27 -33.11
CA SER A 578 -27.81 13.95 -34.00
C SER A 578 -28.32 15.25 -33.39
N ILE A 579 -28.95 15.16 -32.21
CA ILE A 579 -29.48 16.33 -31.51
C ILE A 579 -28.38 17.36 -31.29
N THR A 580 -27.15 16.95 -31.01
CA THR A 580 -26.08 17.93 -30.68
C THR A 580 -25.50 18.60 -31.94
N SER A 581 -25.20 17.88 -33.02
CA SER A 581 -24.69 18.60 -34.21
C SER A 581 -25.83 19.39 -34.84
N THR A 582 -26.97 18.75 -35.07
CA THR A 582 -28.02 19.53 -35.72
C THR A 582 -28.51 20.67 -34.85
N THR A 583 -28.21 20.63 -33.55
CA THR A 583 -28.65 21.63 -32.58
C THR A 583 -30.14 21.94 -32.73
N LEU A 584 -31.00 20.91 -32.60
CA LEU A 584 -32.46 21.07 -32.79
C LEU A 584 -33.18 20.97 -31.43
N LEU A 585 -34.52 21.12 -31.42
CA LEU A 585 -35.34 21.10 -30.17
C LEU A 585 -34.61 21.91 -29.11
N PRO A 586 -34.28 23.21 -29.31
CA PRO A 586 -33.41 23.95 -28.39
C PRO A 586 -34.04 24.46 -27.09
N HIS A 587 -34.48 23.54 -26.24
CA HIS A 587 -35.03 23.88 -24.90
C HIS A 587 -34.56 22.77 -23.94
N SER A 588 -34.35 21.56 -24.46
CA SER A 588 -33.85 20.46 -23.64
C SER A 588 -32.67 19.75 -24.29
N GLY A 589 -32.14 20.27 -25.39
CA GLY A 589 -31.00 19.63 -26.02
C GLY A 589 -29.75 19.67 -25.17
N ASP A 590 -29.49 20.79 -24.50
CA ASP A 590 -28.31 20.90 -23.67
C ASP A 590 -28.35 19.93 -22.50
N ILE A 591 -29.50 19.83 -21.83
CA ILE A 591 -29.60 18.96 -20.67
C ILE A 591 -29.52 17.50 -21.08
N ILE A 592 -30.12 17.15 -22.23
CA ILE A 592 -30.08 15.76 -22.67
C ILE A 592 -28.67 15.39 -23.12
N ALA A 593 -27.95 16.31 -23.76
CA ALA A 593 -26.57 16.06 -24.12
C ALA A 593 -25.70 15.89 -22.87
N THR A 594 -25.92 16.74 -21.86
CA THR A 594 -25.16 16.63 -20.63
C THR A 594 -25.43 15.29 -19.93
N VAL A 595 -26.69 14.85 -19.94
CA VAL A 595 -27.03 13.58 -19.29
C VAL A 595 -26.42 12.42 -20.06
N PHE A 596 -26.49 12.44 -21.39
CA PHE A 596 -26.06 11.30 -22.20
C PHE A 596 -24.56 11.25 -22.45
N ALA A 597 -23.83 12.35 -22.19
CA ALA A 597 -22.38 12.32 -22.40
C ALA A 597 -21.65 11.30 -21.55
N PRO A 598 -21.89 11.18 -20.23
CA PRO A 598 -21.12 10.22 -19.43
C PRO A 598 -21.55 8.77 -19.60
N LEU A 599 -22.55 8.47 -20.42
CA LEU A 599 -22.92 7.10 -20.72
C LEU A 599 -22.12 6.52 -21.86
N GLU A 600 -21.63 7.37 -22.77
CA GLU A 600 -20.82 6.92 -23.88
C GLU A 600 -19.51 6.31 -23.41
N VAL A 601 -18.87 6.94 -22.43
CA VAL A 601 -17.65 6.41 -21.88
C VAL A 601 -17.90 5.08 -21.17
N PHE A 602 -19.03 4.96 -20.48
CA PHE A 602 -19.37 3.68 -19.84
C PHE A 602 -19.56 2.58 -20.86
N ARG A 603 -20.23 2.89 -21.98
CA ARG A 603 -20.40 1.90 -23.04
C ARG A 603 -19.05 1.47 -23.61
N ARG A 604 -18.15 2.43 -23.86
CA ARG A 604 -16.83 2.08 -24.37
C ARG A 604 -16.03 1.27 -23.34
N PHE A 605 -16.19 1.61 -22.06
CA PHE A 605 -15.49 0.90 -21.00
C PHE A 605 -15.94 -0.55 -20.92
N VAL A 606 -17.24 -0.80 -21.12
CA VAL A 606 -17.73 -2.18 -21.18
C VAL A 606 -17.23 -2.86 -22.45
N TRP A 607 -17.18 -2.13 -23.56
CA TRP A 607 -16.76 -2.72 -24.83
C TRP A 607 -15.32 -3.20 -24.80
N ASN A 608 -14.44 -2.46 -24.11
CA ASN A 608 -13.01 -2.77 -24.11
C ASN A 608 -12.74 -4.17 -23.56
N PHE A 609 -13.42 -4.53 -22.47
CA PHE A 609 -13.21 -5.83 -21.84
C PHE A 609 -13.30 -6.96 -22.86
N PHE A 610 -14.46 -7.08 -23.50
CA PHE A 610 -14.70 -8.21 -24.39
C PHE A 610 -13.96 -8.05 -25.72
N ARG A 611 -13.69 -6.82 -26.15
CA ARG A 611 -12.86 -6.66 -27.34
C ARG A 611 -11.47 -7.25 -27.13
N LEU A 612 -10.81 -6.87 -26.04
CA LEU A 612 -9.47 -7.39 -25.79
C LEU A 612 -9.49 -8.86 -25.39
N GLU A 613 -10.57 -9.33 -24.76
CA GLU A 613 -10.66 -10.75 -24.45
C GLU A 613 -10.80 -11.58 -25.73
N ASN A 614 -11.59 -11.12 -26.69
CA ASN A 614 -11.71 -11.81 -27.97
C ASN A 614 -10.38 -11.77 -28.72
N GLU A 615 -9.68 -10.65 -28.67
CA GLU A 615 -8.36 -10.57 -29.30
C GLU A 615 -7.37 -11.53 -28.65
N HIS A 616 -7.43 -11.67 -27.32
CA HIS A 616 -6.47 -12.50 -26.61
C HIS A 616 -6.62 -13.97 -26.96
N LEU A 617 -7.86 -14.45 -27.12
CA LEU A 617 -8.10 -15.87 -27.36
C LEU A 617 -7.54 -16.36 -28.69
N ASN A 618 -7.17 -15.47 -29.59
CA ASN A 618 -6.52 -15.87 -30.83
C ASN A 618 -5.05 -16.18 -30.65
N ASN A 619 -4.47 -15.85 -29.50
CA ASN A 619 -3.08 -16.16 -29.18
C ASN A 619 -2.96 -17.29 -28.18
N CYS A 620 -4.05 -17.99 -27.87
CA CYS A 620 -4.02 -19.10 -26.93
C CYS A 620 -4.00 -20.46 -27.60
N GLY A 621 -4.36 -20.54 -28.87
CA GLY A 621 -4.25 -21.77 -29.62
C GLY A 621 -2.93 -21.87 -30.35
N GLU A 622 -2.23 -20.74 -30.45
CA GLU A 622 -0.91 -20.67 -31.05
C GLU A 622 0.21 -20.78 -30.02
N PHE A 623 -0.13 -20.74 -28.72
CA PHE A 623 0.83 -20.82 -27.63
C PHE A 623 1.87 -19.70 -27.71
N ARG A 624 1.45 -18.53 -28.21
CA ARG A 624 2.35 -17.39 -28.32
C ARG A 624 2.38 -16.61 -27.02
N ALA A 625 3.58 -16.37 -26.49
CA ALA A 625 3.74 -15.68 -25.23
C ALA A 625 4.71 -14.51 -25.27
N VAL A 626 5.45 -14.33 -26.37
CA VAL A 626 6.37 -13.21 -26.52
C VAL A 626 6.09 -12.53 -27.85
N ARG A 627 6.46 -11.25 -27.93
CA ARG A 627 6.24 -10.46 -29.13
C ARG A 627 7.36 -10.75 -30.13
N ASP A 628 7.05 -11.51 -31.17
CA ASP A 628 8.04 -11.83 -32.19
C ASP A 628 8.41 -10.58 -32.98
N ILE A 629 9.71 -10.40 -33.20
CA ILE A 629 10.23 -9.21 -33.87
C ILE A 629 11.27 -9.65 -34.89
N SER A 630 11.54 -8.78 -35.85
CA SER A 630 12.52 -9.00 -36.89
C SER A 630 13.55 -7.88 -36.87
N VAL A 631 14.58 -8.02 -37.71
CA VAL A 631 15.64 -7.03 -37.78
C VAL A 631 15.47 -6.16 -39.01
N MET B 1 20.10 -10.56 -5.62
CA MET B 1 20.54 -9.41 -6.37
C MET B 1 21.16 -8.34 -5.49
N LYS B 2 20.41 -7.90 -4.50
CA LYS B 2 20.88 -6.91 -3.53
C LYS B 2 20.89 -7.59 -2.16
N PHE B 3 22.04 -8.13 -1.76
CA PHE B 3 22.13 -8.86 -0.51
C PHE B 3 22.31 -7.96 0.70
N ALA B 4 22.75 -6.72 0.50
CA ALA B 4 23.08 -5.87 1.65
C ALA B 4 21.84 -5.54 2.48
N GLU B 5 20.79 -5.01 1.85
CA GLU B 5 19.61 -4.64 2.62
C GLU B 5 18.80 -5.86 3.03
N HIS B 6 18.88 -6.95 2.26
CA HIS B 6 18.26 -8.20 2.69
C HIS B 6 18.87 -8.68 4.00
N LEU B 7 20.21 -8.71 4.07
CA LEU B 7 20.89 -9.07 5.30
C LEU B 7 20.56 -8.10 6.42
N SER B 8 20.54 -6.80 6.12
CA SER B 8 20.25 -5.81 7.14
C SER B 8 18.85 -5.98 7.72
N ALA B 9 17.86 -6.27 6.87
CA ALA B 9 16.48 -6.38 7.32
C ALA B 9 16.16 -7.75 7.90
N HIS B 10 16.98 -8.76 7.67
CA HIS B 10 16.73 -10.09 8.20
C HIS B 10 17.57 -10.41 9.43
N ILE B 11 18.22 -9.41 10.02
CA ILE B 11 19.06 -9.62 11.19
C ILE B 11 18.20 -9.57 12.45
N THR B 12 18.39 -10.52 13.35
CA THR B 12 17.76 -10.47 14.65
C THR B 12 18.36 -9.33 15.46
N PRO B 13 17.56 -8.39 15.97
CA PRO B 13 18.13 -7.18 16.57
C PRO B 13 19.08 -7.43 17.73
N GLU B 14 18.81 -8.43 18.56
CA GLU B 14 19.64 -8.69 19.74
C GLU B 14 20.91 -9.48 19.40
N TRP B 15 21.00 -10.06 18.20
CA TRP B 15 22.17 -10.79 17.77
C TRP B 15 22.86 -10.11 16.59
N ARG B 16 22.69 -8.79 16.46
CA ARG B 16 23.20 -8.09 15.28
C ARG B 16 24.72 -8.15 15.21
N LYS B 17 25.40 -8.12 16.35
CA LYS B 17 26.85 -8.17 16.37
C LYS B 17 27.41 -9.58 16.15
N GLN B 18 26.57 -10.60 16.17
CA GLN B 18 27.01 -11.98 16.00
C GLN B 18 26.86 -12.47 14.56
N TYR B 19 26.43 -11.62 13.64
CA TYR B 19 26.30 -11.99 12.24
C TYR B 19 27.61 -11.72 11.51
N ILE B 20 27.59 -11.81 10.19
CA ILE B 20 28.79 -11.59 9.38
C ILE B 20 28.80 -10.15 8.88
N GLN B 21 29.99 -9.55 8.89
CA GLN B 21 30.16 -8.16 8.44
C GLN B 21 30.34 -8.16 6.93
N TYR B 22 29.20 -8.15 6.22
CA TYR B 22 29.23 -8.18 4.76
C TYR B 22 29.69 -6.84 4.19
N GLU B 23 29.17 -5.74 4.74
CA GLU B 23 29.50 -4.41 4.22
C GLU B 23 30.97 -4.09 4.42
N ALA B 24 31.53 -4.48 5.58
CA ALA B 24 32.95 -4.26 5.82
C ALA B 24 33.80 -5.02 4.82
N PHE B 25 33.43 -6.27 4.52
CA PHE B 25 34.15 -7.04 3.53
C PHE B 25 34.06 -6.39 2.14
N LYS B 26 32.87 -5.90 1.79
CA LYS B 26 32.70 -5.25 0.49
C LYS B 26 33.56 -4.00 0.38
N ASP B 27 33.57 -3.17 1.43
CA ASP B 27 34.38 -1.95 1.41
C ASP B 27 35.86 -2.28 1.36
N MET B 28 36.29 -3.30 2.11
CA MET B 28 37.69 -3.73 2.08
C MET B 28 38.10 -4.21 0.68
N LEU B 29 37.23 -5.01 0.05
CA LEU B 29 37.53 -5.49 -1.30
C LEU B 29 37.62 -4.33 -2.29
N TYR B 30 36.68 -3.38 -2.20
CA TYR B 30 36.71 -2.25 -3.12
C TYR B 30 37.94 -1.39 -2.92
N SER B 31 38.34 -1.16 -1.66
CA SER B 31 39.54 -0.38 -1.38
C SER B 31 40.78 -1.08 -1.94
N ALA B 32 40.87 -2.40 -1.76
CA ALA B 32 42.00 -3.15 -2.30
C ALA B 32 42.03 -3.07 -3.82
N GLN B 33 40.87 -3.19 -4.47
CA GLN B 33 40.82 -3.10 -5.92
C GLN B 33 41.24 -1.72 -6.41
N ASP B 34 40.81 -0.67 -5.72
CA ASP B 34 41.16 0.68 -6.14
C ASP B 34 42.64 0.98 -5.91
N GLN B 35 43.23 0.42 -4.85
CA GLN B 35 44.64 0.66 -4.50
C GLN B 35 45.65 -0.08 -5.43
N ALA B 36 45.24 -0.70 -6.55
CA ALA B 36 46.19 -1.37 -7.43
C ALA B 36 47.21 -0.37 -7.97
N PRO B 37 48.52 -0.60 -7.76
CA PRO B 37 49.48 0.49 -7.99
C PRO B 37 49.58 0.97 -9.43
N SER B 38 50.23 0.18 -10.30
CA SER B 38 50.24 0.35 -11.75
C SER B 38 51.12 -0.72 -12.39
N VAL B 39 50.76 -1.19 -13.59
CA VAL B 39 51.67 -2.01 -14.38
C VAL B 39 52.91 -1.22 -14.75
N GLU B 40 52.76 0.12 -14.85
CA GLU B 40 53.71 0.99 -15.55
C GLU B 40 55.19 0.72 -15.28
N VAL B 41 55.64 0.95 -14.05
CA VAL B 41 57.03 0.71 -13.70
C VAL B 41 57.12 0.00 -12.36
N THR B 42 55.96 -0.18 -11.70
CA THR B 42 55.95 -0.73 -10.35
C THR B 42 56.53 -2.13 -10.30
N ASP B 43 56.31 -2.91 -11.37
CA ASP B 43 56.86 -4.25 -11.61
C ASP B 43 55.88 -5.31 -11.11
N GLU B 44 55.79 -6.43 -11.83
CA GLU B 44 54.77 -7.43 -11.52
C GLU B 44 55.00 -8.09 -10.17
N ASP B 45 56.26 -8.15 -9.70
CA ASP B 45 56.53 -8.77 -8.40
C ASP B 45 55.90 -7.98 -7.26
N THR B 46 55.96 -6.65 -7.33
CA THR B 46 55.38 -5.83 -6.28
C THR B 46 53.86 -5.97 -6.24
N VAL B 47 53.21 -5.97 -7.41
CA VAL B 47 51.77 -6.19 -7.45
C VAL B 47 51.42 -7.58 -6.94
N LYS B 48 52.22 -8.57 -7.31
CA LYS B 48 51.97 -9.94 -6.84
C LYS B 48 52.07 -10.04 -5.33
N ARG B 49 53.09 -9.42 -4.73
CA ARG B 49 53.25 -9.50 -3.29
C ARG B 49 52.16 -8.71 -2.56
N TYR B 50 51.75 -7.57 -3.13
CA TYR B 50 50.64 -6.82 -2.54
C TYR B 50 49.36 -7.65 -2.55
N PHE B 51 49.07 -8.29 -3.69
CA PHE B 51 47.89 -9.15 -3.76
C PHE B 51 47.99 -10.31 -2.78
N ALA B 52 49.18 -10.93 -2.68
CA ALA B 52 49.34 -12.07 -1.79
C ALA B 52 49.11 -11.68 -0.33
N LYS B 53 49.68 -10.54 0.10
CA LYS B 53 49.50 -10.13 1.48
C LYS B 53 48.05 -9.75 1.76
N PHE B 54 47.37 -9.11 0.79
CA PHE B 54 45.96 -8.81 1.02
C PHE B 54 45.13 -10.08 1.10
N GLU B 55 45.45 -11.08 0.27
CA GLU B 55 44.73 -12.35 0.34
C GLU B 55 44.95 -13.03 1.69
N GLU B 56 46.18 -12.97 2.21
CA GLU B 56 46.45 -13.57 3.51
C GLU B 56 45.65 -12.88 4.61
N LYS B 57 45.62 -11.55 4.61
CA LYS B 57 44.87 -10.85 5.65
C LYS B 57 43.37 -11.07 5.51
N PHE B 58 42.87 -11.14 4.28
CA PHE B 58 41.46 -11.45 4.04
C PHE B 58 41.10 -12.82 4.59
N PHE B 59 41.95 -13.81 4.34
CA PHE B 59 41.69 -15.16 4.84
C PHE B 59 41.74 -15.20 6.36
N GLN B 60 42.66 -14.45 6.97
CA GLN B 60 42.70 -14.38 8.43
C GLN B 60 41.40 -13.80 8.99
N THR B 61 40.90 -12.72 8.38
CA THR B 61 39.65 -12.14 8.85
C THR B 61 38.49 -13.11 8.69
N CYS B 62 38.44 -13.83 7.56
CA CYS B 62 37.39 -14.81 7.35
C CYS B 62 37.45 -15.93 8.39
N GLU B 63 38.66 -16.39 8.72
CA GLU B 63 38.81 -17.42 9.74
C GLU B 63 38.32 -16.93 11.09
N LYS B 64 38.65 -15.69 11.44
CA LYS B 64 38.18 -15.14 12.72
C LYS B 64 36.66 -15.07 12.78
N GLU B 65 36.04 -14.61 11.68
CA GLU B 65 34.57 -14.54 11.64
C GLU B 65 33.96 -15.92 11.77
N LEU B 66 34.53 -16.91 11.08
CA LEU B 66 34.03 -18.28 11.15
C LEU B 66 34.12 -18.82 12.58
N ALA B 67 35.24 -18.57 13.27
CA ALA B 67 35.38 -19.02 14.64
C ALA B 67 34.34 -18.38 15.55
N LYS B 68 34.10 -17.07 15.38
CA LYS B 68 33.10 -16.39 16.19
C LYS B 68 31.72 -16.99 15.98
N ILE B 69 31.35 -17.24 14.72
CA ILE B 69 30.04 -17.81 14.41
C ILE B 69 29.92 -19.20 15.02
N ASN B 70 30.99 -20.01 14.92
CA ASN B 70 30.94 -21.36 15.46
C ASN B 70 30.71 -21.34 16.97
N THR B 71 31.45 -20.47 17.68
CA THR B 71 31.30 -20.44 19.13
C THR B 71 29.90 -19.94 19.54
N PHE B 72 29.36 -18.95 18.82
CA PHE B 72 28.02 -18.49 19.15
C PHE B 72 26.99 -19.59 18.94
N TYR B 73 27.11 -20.32 17.84
CA TYR B 73 26.16 -21.41 17.57
C TYR B 73 26.25 -22.48 18.63
N SER B 74 27.47 -22.83 19.07
CA SER B 74 27.62 -23.85 20.09
C SER B 74 26.96 -23.43 21.40
N GLU B 75 27.19 -22.18 21.82
CA GLU B 75 26.58 -21.71 23.07
C GLU B 75 25.05 -21.72 22.97
N LYS B 76 24.51 -21.24 21.85
CA LYS B 76 23.05 -21.20 21.71
C LYS B 76 22.46 -22.62 21.70
N LEU B 77 23.13 -23.56 21.03
CA LEU B 77 22.63 -24.93 21.00
C LEU B 77 22.63 -25.56 22.39
N ALA B 78 23.70 -25.33 23.16
CA ALA B 78 23.73 -25.87 24.53
C ALA B 78 22.60 -25.29 25.37
N GLU B 79 22.39 -23.97 25.28
CA GLU B 79 21.31 -23.34 26.03
C GLU B 79 19.96 -23.91 25.64
N ALA B 80 19.73 -24.10 24.34
CA ALA B 80 18.45 -24.64 23.86
C ALA B 80 18.23 -26.05 24.39
N GLN B 81 19.29 -26.89 24.38
CA GLN B 81 19.14 -28.25 24.88
C GLN B 81 18.79 -28.27 26.35
N ARG B 82 19.47 -27.43 27.15
CA ARG B 82 19.18 -27.39 28.58
C ARG B 82 17.75 -26.92 28.84
N ARG B 83 17.31 -25.88 28.12
CA ARG B 83 15.95 -25.39 28.29
C ARG B 83 14.92 -26.46 27.91
N PHE B 84 15.21 -27.20 26.83
CA PHE B 84 14.30 -28.28 26.44
C PHE B 84 14.21 -29.35 27.51
N ALA B 85 15.35 -29.72 28.10
CA ALA B 85 15.32 -30.72 29.17
C ALA B 85 14.48 -30.24 30.35
N THR B 86 14.66 -28.97 30.74
CA THR B 86 13.88 -28.42 31.84
C THR B 86 12.39 -28.45 31.53
N LEU B 87 12.02 -28.00 30.33
CA LEU B 87 10.61 -27.95 29.94
C LEU B 87 10.01 -29.34 29.89
N GLN B 88 10.76 -30.33 29.39
CA GLN B 88 10.27 -31.69 29.35
C GLN B 88 10.03 -32.23 30.75
N ASN B 89 10.95 -31.94 31.68
CA ASN B 89 10.75 -32.40 33.06
C ASN B 89 9.51 -31.77 33.67
N GLU B 90 9.32 -30.47 33.46
CA GLU B 90 8.14 -29.81 34.02
C GLU B 90 6.86 -30.34 33.41
N LEU B 91 6.86 -30.58 32.10
CA LEU B 91 5.69 -31.15 31.44
C LEU B 91 5.38 -32.54 31.97
N GLN B 92 6.41 -33.36 32.19
CA GLN B 92 6.18 -34.70 32.75
C GLN B 92 5.59 -34.61 34.15
N SER B 93 6.11 -33.70 34.98
CA SER B 93 5.55 -33.53 36.32
C SER B 93 4.09 -33.09 36.25
N SER B 94 3.79 -32.12 35.37
CA SER B 94 2.42 -31.65 35.24
C SER B 94 1.48 -32.75 34.76
N LEU B 95 1.92 -33.57 33.80
CA LEU B 95 1.04 -34.60 33.28
C LEU B 95 0.83 -35.73 34.29
N ASP B 96 1.86 -36.08 35.07
CA ASP B 96 1.64 -37.11 36.07
C ASP B 96 0.77 -36.60 37.22
N ALA B 97 0.87 -35.30 37.55
CA ALA B 97 -0.06 -34.73 38.52
C ALA B 97 -1.49 -34.71 37.97
N GLN B 98 -1.64 -34.39 36.68
CA GLN B 98 -2.96 -34.37 36.06
C GLN B 98 -3.60 -35.75 36.03
N LYS B 99 -2.80 -36.79 35.73
CA LYS B 99 -3.34 -38.14 35.64
C LYS B 99 -3.90 -38.60 36.98
N GLU B 100 -3.20 -38.30 38.07
CA GLU B 100 -3.66 -38.68 39.40
C GLU B 100 -4.59 -37.62 39.98
N SER B 118 -13.51 -27.65 39.48
CA SER B 118 -12.89 -27.61 40.80
C SER B 118 -11.65 -26.74 40.80
N HIS B 119 -11.14 -26.43 42.00
CA HIS B 119 -9.94 -25.62 42.11
C HIS B 119 -8.73 -26.32 41.50
N GLU B 120 -8.63 -27.64 41.69
CA GLU B 120 -7.57 -28.40 41.05
C GLU B 120 -7.69 -28.35 39.53
N GLU B 121 -8.93 -28.42 39.02
CA GLU B 121 -9.14 -28.35 37.58
C GLU B 121 -8.74 -26.98 37.03
N ARG B 122 -9.06 -25.90 37.76
CA ARG B 122 -8.64 -24.57 37.32
C ARG B 122 -7.13 -24.41 37.38
N VAL B 123 -6.49 -24.98 38.41
CA VAL B 123 -5.04 -24.94 38.49
C VAL B 123 -4.42 -25.68 37.32
N GLN B 124 -4.97 -26.85 36.96
CA GLN B 124 -4.48 -27.58 35.80
C GLN B 124 -4.70 -26.78 34.52
N HIS B 125 -5.85 -26.11 34.40
CA HIS B 125 -6.10 -25.28 33.24
C HIS B 125 -5.06 -24.18 33.10
N ARG B 126 -4.72 -23.54 34.22
CA ARG B 126 -3.65 -22.53 34.20
C ARG B 126 -2.31 -23.17 33.83
N ASN B 127 -2.05 -24.38 34.32
CA ASN B 127 -0.79 -25.05 34.01
C ASN B 127 -0.64 -25.29 32.51
N ILE B 128 -1.67 -25.86 31.89
CA ILE B 128 -1.60 -26.07 30.44
C ILE B 128 -1.79 -24.77 29.67
N LYS B 129 -2.23 -23.69 30.34
CA LYS B 129 -2.23 -22.38 29.71
C LYS B 129 -0.82 -21.84 29.57
N ASP B 130 -0.01 -21.98 30.62
CA ASP B 130 1.37 -21.49 30.54
C ASP B 130 2.29 -22.43 29.77
N LEU B 131 2.01 -23.74 29.81
CA LEU B 131 2.90 -24.71 29.16
C LEU B 131 2.84 -24.58 27.64
N LYS B 132 1.64 -24.41 27.09
CA LYS B 132 1.48 -24.24 25.64
C LYS B 132 2.02 -22.91 25.14
N LEU B 133 2.31 -21.97 26.04
CA LEU B 133 3.00 -20.73 25.68
C LEU B 133 4.51 -20.89 25.75
N ALA B 134 4.99 -21.61 26.77
CA ALA B 134 6.42 -21.87 26.88
C ALA B 134 6.92 -22.68 25.69
N PHE B 135 6.15 -23.69 25.28
CA PHE B 135 6.54 -24.48 24.11
C PHE B 135 6.59 -23.64 22.85
N SER B 136 5.63 -22.72 22.68
CA SER B 136 5.63 -21.84 21.53
C SER B 136 6.85 -20.92 21.52
N GLU B 137 7.21 -20.38 22.68
CA GLU B 137 8.41 -19.54 22.75
C GLU B 137 9.68 -20.33 22.45
N PHE B 138 9.76 -21.57 22.94
CA PHE B 138 10.91 -22.42 22.63
C PHE B 138 11.00 -22.72 21.14
N TYR B 139 9.85 -23.00 20.51
CA TYR B 139 9.82 -23.24 19.07
C TYR B 139 10.29 -22.00 18.31
N LEU B 140 9.86 -20.81 18.74
CA LEU B 140 10.33 -19.58 18.12
C LEU B 140 11.85 -19.46 18.23
N SER B 141 12.40 -19.79 19.39
CA SER B 141 13.86 -19.72 19.55
C SER B 141 14.57 -20.67 18.59
N LEU B 142 14.07 -21.90 18.46
CA LEU B 142 14.69 -22.86 17.55
C LEU B 142 14.63 -22.38 16.10
N ILE B 143 13.49 -21.83 15.68
CA ILE B 143 13.35 -21.35 14.31
C ILE B 143 14.31 -20.18 14.07
N LEU B 144 14.48 -19.32 15.08
CA LEU B 144 15.43 -18.21 14.95
C LEU B 144 16.86 -18.72 14.77
N LEU B 145 17.24 -19.76 15.52
CA LEU B 145 18.57 -20.33 15.35
C LEU B 145 18.76 -20.91 13.95
N GLN B 146 17.75 -21.60 13.44
CA GLN B 146 17.83 -22.14 12.08
C GLN B 146 18.03 -21.03 11.06
N ASN B 147 17.25 -19.95 11.19
CA ASN B 147 17.38 -18.83 10.26
C ASN B 147 18.76 -18.19 10.35
N TYR B 148 19.30 -18.07 11.57
CA TYR B 148 20.64 -17.53 11.75
C TYR B 148 21.67 -18.36 10.98
N GLN B 149 21.60 -19.68 11.12
CA GLN B 149 22.55 -20.55 10.43
C GLN B 149 22.45 -20.38 8.91
N ASN B 150 21.22 -20.43 8.38
CA ASN B 150 21.04 -20.32 6.93
C ASN B 150 21.57 -19.00 6.41
N LEU B 151 21.23 -17.89 7.08
CA LEU B 151 21.65 -16.57 6.61
C LEU B 151 23.16 -16.42 6.65
N ASN B 152 23.80 -16.92 7.71
CA ASN B 152 25.26 -16.81 7.78
C ASN B 152 25.93 -17.57 6.66
N PHE B 153 25.46 -18.79 6.37
CA PHE B 153 26.07 -19.54 5.27
C PHE B 153 25.88 -18.82 3.94
N THR B 154 24.67 -18.28 3.70
CA THR B 154 24.42 -17.57 2.46
C THR B 154 25.34 -16.36 2.32
N GLY B 155 25.53 -15.60 3.40
CA GLY B 155 26.42 -14.46 3.35
C GLY B 155 27.86 -14.84 3.05
N PHE B 156 28.35 -15.89 3.70
CA PHE B 156 29.71 -16.37 3.41
C PHE B 156 29.86 -16.71 1.93
N ARG B 157 28.92 -17.49 1.40
CA ARG B 157 29.01 -17.91 0.00
C ARG B 157 28.99 -16.71 -0.93
N LYS B 158 28.10 -15.75 -0.69
CA LYS B 158 27.99 -14.61 -1.59
C LYS B 158 29.24 -13.74 -1.56
N ILE B 159 29.79 -13.48 -0.37
CA ILE B 159 30.97 -12.63 -0.32
C ILE B 159 32.17 -13.32 -0.95
N LEU B 160 32.29 -14.65 -0.78
CA LEU B 160 33.39 -15.36 -1.42
C LEU B 160 33.25 -15.35 -2.94
N LYS B 161 32.02 -15.49 -3.44
CA LYS B 161 31.80 -15.41 -4.88
C LYS B 161 32.17 -14.03 -5.42
N LYS B 162 31.80 -12.97 -4.69
CA LYS B 162 32.14 -11.62 -5.12
C LYS B 162 33.65 -11.42 -5.16
N HIS B 163 34.37 -11.90 -4.13
CA HIS B 163 35.82 -11.80 -4.12
C HIS B 163 36.42 -12.54 -5.30
N ASP B 164 35.93 -13.76 -5.57
CA ASP B 164 36.47 -14.53 -6.69
C ASP B 164 36.23 -13.82 -8.02
N LYS B 165 35.05 -13.21 -8.17
CA LYS B 165 34.76 -12.47 -9.40
C LYS B 165 35.72 -11.30 -9.57
N ILE B 166 35.94 -10.54 -8.50
CA ILE B 166 36.70 -9.30 -8.64
C ILE B 166 38.21 -9.56 -8.74
N LEU B 167 38.72 -10.61 -8.11
CA LEU B 167 40.16 -10.86 -8.07
C LEU B 167 40.56 -12.06 -8.93
N GLU B 168 39.72 -12.43 -9.91
CA GLU B 168 40.02 -13.39 -10.98
C GLU B 168 40.86 -14.58 -10.53
N THR B 169 40.38 -15.36 -9.57
CA THR B 169 41.16 -16.46 -9.06
C THR B 169 40.25 -17.60 -8.63
N SER B 170 40.88 -18.72 -8.25
CA SER B 170 40.20 -19.91 -7.77
C SER B 170 40.59 -20.25 -6.33
N ARG B 171 40.91 -19.24 -5.52
CA ARG B 171 41.21 -19.50 -4.12
C ARG B 171 39.97 -19.46 -3.24
N GLY B 172 39.02 -18.58 -3.55
CA GLY B 172 37.83 -18.45 -2.73
C GLY B 172 36.98 -19.71 -2.70
N ALA B 173 36.80 -20.34 -3.87
CA ALA B 173 36.01 -21.57 -3.93
C ALA B 173 36.68 -22.69 -3.16
N ASP B 174 38.01 -22.83 -3.31
CA ASP B 174 38.73 -23.87 -2.57
C ASP B 174 38.65 -23.62 -1.07
N TRP B 175 38.81 -22.37 -0.64
CA TRP B 175 38.73 -22.06 0.78
C TRP B 175 37.33 -22.33 1.32
N ARG B 176 36.30 -21.97 0.57
CA ARG B 176 34.93 -22.26 1.00
C ARG B 176 34.69 -23.77 1.11
N VAL B 177 35.19 -24.54 0.14
CA VAL B 177 35.00 -25.98 0.16
C VAL B 177 35.73 -26.60 1.35
N ALA B 178 36.94 -26.11 1.65
CA ALA B 178 37.77 -26.72 2.68
C ALA B 178 37.46 -26.26 4.09
N HIS B 179 36.88 -25.07 4.27
CA HIS B 179 36.70 -24.50 5.60
C HIS B 179 35.22 -24.38 5.99
N VAL B 180 34.42 -23.67 5.21
CA VAL B 180 33.03 -23.41 5.59
C VAL B 180 32.21 -24.68 5.53
N GLU B 181 32.47 -25.54 4.54
CA GLU B 181 31.69 -26.77 4.39
C GLU B 181 31.87 -27.69 5.58
N VAL B 182 33.09 -27.77 6.13
CA VAL B 182 33.37 -28.65 7.25
C VAL B 182 33.08 -27.98 8.60
N ALA B 183 32.51 -26.77 8.59
CA ALA B 183 32.16 -26.02 9.82
C ALA B 183 31.05 -26.71 10.55
N PRO B 184 31.04 -26.81 11.90
CA PRO B 184 29.90 -27.38 12.60
C PRO B 184 28.63 -26.52 12.46
N PHE B 185 28.70 -25.18 12.55
CA PHE B 185 27.53 -24.31 12.32
C PHE B 185 26.82 -24.71 11.03
N TYR B 186 27.37 -25.63 10.23
CA TYR B 186 26.63 -26.01 9.05
C TYR B 186 26.33 -27.50 8.97
N THR B 187 27.19 -28.35 9.52
CA THR B 187 26.99 -29.79 9.48
C THR B 187 26.22 -30.34 10.68
N CYS B 188 25.90 -29.50 11.66
CA CYS B 188 25.18 -29.95 12.84
C CYS B 188 23.68 -29.84 12.59
N LYS B 189 22.99 -30.99 12.62
CA LYS B 189 21.55 -31.04 12.38
C LYS B 189 20.76 -31.33 13.65
N LYS B 190 21.33 -31.01 14.83
CA LYS B 190 20.64 -31.26 16.08
C LYS B 190 19.37 -30.41 16.21
N ILE B 191 19.39 -29.20 15.64
CA ILE B 191 18.24 -28.30 15.76
C ILE B 191 17.01 -28.90 15.10
N ASN B 192 17.20 -29.55 13.95
CA ASN B 192 16.06 -30.17 13.26
C ASN B 192 15.47 -31.30 14.08
N GLN B 193 16.32 -32.12 14.70
CA GLN B 193 15.81 -33.18 15.57
C GLN B 193 15.06 -32.61 16.77
N LEU B 194 15.60 -31.54 17.37
CA LEU B 194 14.90 -30.90 18.48
C LEU B 194 13.56 -30.36 18.05
N ILE B 195 13.48 -29.76 16.86
CA ILE B 195 12.22 -29.23 16.34
C ILE B 195 11.21 -30.35 16.14
N SER B 196 11.65 -31.47 15.55
CA SER B 196 10.75 -32.60 15.33
C SER B 196 10.25 -33.17 16.65
N GLU B 197 11.14 -33.31 17.64
CA GLU B 197 10.71 -33.81 18.95
C GLU B 197 9.73 -32.85 19.61
N THR B 198 9.96 -31.55 19.48
CA THR B 198 9.03 -30.57 20.05
C THR B 198 7.66 -30.69 19.40
N GLU B 199 7.62 -30.80 18.07
CA GLU B 199 6.33 -30.98 17.40
C GLU B 199 5.64 -32.26 17.88
N ALA B 200 6.39 -33.35 18.01
CA ALA B 200 5.80 -34.60 18.45
C ALA B 200 5.23 -34.48 19.85
N VAL B 201 5.97 -33.85 20.76
CA VAL B 201 5.53 -33.73 22.15
C VAL B 201 4.27 -32.87 22.22
N VAL B 202 4.26 -31.74 21.52
CA VAL B 202 3.10 -30.86 21.57
C VAL B 202 1.88 -31.54 20.95
N THR B 203 2.07 -32.24 19.83
CA THR B 203 0.94 -32.89 19.17
C THR B 203 0.37 -34.03 20.00
N ASN B 204 1.24 -34.80 20.67
CA ASN B 204 0.77 -35.96 21.41
C ASN B 204 0.22 -35.57 22.78
N GLU B 205 1.06 -34.98 23.63
CA GLU B 205 0.68 -34.77 25.02
C GLU B 205 -0.34 -33.65 25.19
N LEU B 206 -0.16 -32.54 24.48
CA LEU B 206 -0.96 -31.35 24.73
C LEU B 206 -2.23 -31.31 23.88
N GLU B 207 -2.08 -31.33 22.56
CA GLU B 207 -3.23 -31.19 21.67
C GLU B 207 -3.93 -32.52 21.40
N ASP B 208 -3.40 -33.63 21.92
CA ASP B 208 -4.06 -34.95 21.86
C ASP B 208 -4.30 -35.38 20.41
N GLY B 209 -3.20 -35.58 19.71
CA GLY B 209 -3.22 -36.32 18.46
C GLY B 209 -3.56 -35.53 17.21
N ASP B 210 -3.90 -34.25 17.32
CA ASP B 210 -4.25 -33.43 16.17
C ASP B 210 -3.07 -32.53 15.80
N ARG B 211 -2.53 -32.73 14.61
CA ARG B 211 -1.43 -31.91 14.14
C ARG B 211 -1.87 -30.57 13.60
N GLN B 212 -3.16 -30.41 13.27
CA GLN B 212 -3.62 -29.20 12.60
C GLN B 212 -3.53 -27.99 13.53
N LYS B 213 -4.24 -28.04 14.66
CA LYS B 213 -4.24 -26.89 15.57
C LYS B 213 -2.88 -26.69 16.21
N ALA B 214 -2.18 -27.77 16.53
CA ALA B 214 -0.84 -27.65 17.11
C ALA B 214 0.11 -26.96 16.14
N MET B 215 0.10 -27.38 14.88
CA MET B 215 0.97 -26.74 13.88
C MET B 215 0.56 -25.29 13.67
N LYS B 216 -0.75 -25.01 13.62
CA LYS B 216 -1.21 -23.63 13.46
C LYS B 216 -0.72 -22.76 14.61
N ARG B 217 -0.71 -23.30 15.83
CA ARG B 217 -0.18 -22.56 16.97
C ARG B 217 1.33 -22.37 16.86
N LEU B 218 2.03 -23.37 16.32
CA LEU B 218 3.49 -23.32 16.26
C LEU B 218 4.04 -22.69 14.98
N ARG B 219 3.17 -22.22 14.07
CA ARG B 219 3.65 -21.60 12.84
C ARG B 219 4.37 -20.28 13.14
N VAL B 220 5.50 -20.07 12.48
CA VAL B 220 6.27 -18.85 12.61
C VAL B 220 6.13 -18.06 11.30
N PRO B 221 5.37 -16.97 11.28
CA PRO B 221 5.22 -16.18 10.06
C PRO B 221 6.50 -15.44 9.73
N PRO B 222 6.64 -14.95 8.48
CA PRO B 222 7.87 -14.23 8.12
C PRO B 222 7.98 -12.88 8.80
N LEU B 223 8.37 -12.89 10.08
CA LEU B 223 8.48 -11.64 10.84
C LEU B 223 9.51 -10.70 10.23
N GLY B 224 10.68 -11.24 9.88
CA GLY B 224 11.73 -10.41 9.30
C GLY B 224 11.30 -9.76 8.01
N ALA B 225 10.61 -10.51 7.15
CA ALA B 225 10.06 -9.93 5.92
C ALA B 225 9.04 -8.85 6.25
N ALA B 226 8.17 -9.12 7.23
CA ALA B 226 7.10 -8.19 7.62
C ALA B 226 6.41 -7.63 6.39
N GLN B 227 5.90 -8.54 5.56
CA GLN B 227 5.39 -8.31 4.21
C GLN B 227 4.63 -6.99 4.14
N PRO B 228 5.04 -6.05 3.27
CA PRO B 228 4.42 -4.72 3.23
C PRO B 228 2.92 -4.77 3.35
N ALA B 229 2.40 -4.03 4.32
CA ALA B 229 1.03 -4.13 4.83
C ALA B 229 0.01 -4.09 3.71
N PRO B 230 -1.18 -4.67 3.91
CA PRO B 230 -2.15 -4.75 2.81
C PRO B 230 -2.49 -3.38 2.26
N ALA B 231 -2.71 -3.34 0.94
CA ALA B 231 -2.90 -2.07 0.24
C ALA B 231 -4.17 -1.36 0.69
N TRP B 232 -5.16 -2.10 1.17
CA TRP B 232 -6.39 -1.48 1.64
C TRP B 232 -6.13 -0.65 2.90
N THR B 233 -5.25 -1.11 3.78
CA THR B 233 -4.93 -0.33 4.98
C THR B 233 -4.26 0.98 4.62
N THR B 234 -3.28 0.95 3.71
CA THR B 234 -2.63 2.17 3.28
C THR B 234 -3.60 3.11 2.56
N PHE B 235 -4.49 2.53 1.75
CA PHE B 235 -5.50 3.33 1.07
C PHE B 235 -6.41 4.04 2.08
N ARG B 236 -6.84 3.31 3.12
CA ARG B 236 -7.68 3.91 4.15
C ARG B 236 -6.93 5.00 4.91
N VAL B 237 -5.65 4.77 5.20
CA VAL B 237 -4.85 5.78 5.89
C VAL B 237 -4.81 7.06 5.06
N GLY B 238 -4.51 6.93 3.76
CA GLY B 238 -4.45 8.10 2.91
C GLY B 238 -5.79 8.81 2.77
N LEU B 239 -6.86 8.03 2.62
CA LEU B 239 -8.20 8.58 2.51
C LEU B 239 -8.56 9.41 3.75
N PHE B 240 -8.34 8.83 4.93
CA PHE B 240 -8.65 9.53 6.17
C PHE B 240 -7.80 10.78 6.33
N CYS B 241 -6.51 10.69 5.98
CA CYS B 241 -5.64 11.87 6.07
C CYS B 241 -6.13 12.99 5.16
N GLY B 242 -6.50 12.66 3.92
CA GLY B 242 -6.97 13.69 3.00
C GLY B 242 -8.24 14.35 3.49
N ILE B 243 -9.21 13.54 3.93
CA ILE B 243 -10.45 14.11 4.47
C ILE B 243 -10.14 14.99 5.67
N PHE B 244 -9.20 14.56 6.52
CA PHE B 244 -8.86 15.33 7.71
C PHE B 244 -8.28 16.70 7.34
N ILE B 245 -7.35 16.74 6.40
CA ILE B 245 -6.72 18.02 6.07
C ILE B 245 -7.72 18.95 5.39
N VAL B 246 -8.58 18.41 4.51
CA VAL B 246 -9.55 19.29 3.86
C VAL B 246 -10.56 19.83 4.86
N LEU B 247 -11.02 18.97 5.79
CA LEU B 247 -11.95 19.43 6.82
C LEU B 247 -11.30 20.46 7.73
N ASN B 248 -10.00 20.29 8.03
CA ASN B 248 -9.30 21.26 8.86
C ASN B 248 -9.24 22.62 8.17
N ILE B 249 -8.92 22.64 6.87
CA ILE B 249 -8.88 23.92 6.15
C ILE B 249 -10.26 24.57 6.13
N THR B 250 -11.30 23.78 5.86
CA THR B 250 -12.65 24.31 5.85
C THR B 250 -13.04 24.86 7.22
N LEU B 251 -12.67 24.15 8.29
CA LEU B 251 -13.00 24.60 9.64
C LEU B 251 -12.30 25.90 9.98
N VAL B 252 -11.02 26.03 9.59
CA VAL B 252 -10.31 27.28 9.85
C VAL B 252 -10.96 28.43 9.11
N LEU B 253 -11.32 28.21 7.84
CA LEU B 253 -11.96 29.28 7.08
C LEU B 253 -13.30 29.67 7.68
N ALA B 254 -14.10 28.67 8.08
CA ALA B 254 -15.41 28.95 8.67
C ALA B 254 -15.27 29.71 9.99
N ALA B 255 -14.30 29.32 10.82
CA ALA B 255 -14.08 30.02 12.08
C ALA B 255 -13.64 31.46 11.85
N VAL B 256 -12.78 31.69 10.85
CA VAL B 256 -12.29 33.03 10.59
C VAL B 256 -13.40 33.93 10.04
N PHE B 257 -14.20 33.41 9.11
CA PHE B 257 -15.10 34.28 8.35
C PHE B 257 -16.50 34.37 8.97
N LYS B 258 -17.20 33.23 9.09
CA LYS B 258 -18.63 33.24 9.38
C LYS B 258 -18.96 33.45 10.84
N LEU B 259 -17.98 33.42 11.74
CA LEU B 259 -18.29 33.40 13.17
C LEU B 259 -18.96 34.71 13.60
N GLU B 260 -19.60 34.64 14.76
CA GLU B 260 -20.33 35.76 15.31
C GLU B 260 -19.87 36.03 16.74
N THR B 261 -19.83 37.30 17.09
CA THR B 261 -19.42 37.74 18.43
C THR B 261 -20.62 37.63 19.39
N ASP B 262 -21.02 36.39 19.66
CA ASP B 262 -22.20 36.24 20.49
C ASP B 262 -21.88 36.46 21.96
N ARG B 263 -21.29 35.46 22.61
CA ARG B 263 -20.64 35.61 23.92
C ARG B 263 -19.57 34.52 24.05
N SER B 264 -18.34 34.82 23.64
CA SER B 264 -17.17 33.98 23.94
C SER B 264 -17.17 32.65 23.19
N ILE B 265 -15.98 32.12 22.92
CA ILE B 265 -15.82 30.77 22.40
C ILE B 265 -14.93 29.97 23.34
N TRP B 266 -14.87 30.38 24.61
CA TRP B 266 -14.02 29.75 25.61
C TRP B 266 -14.60 28.45 26.17
N PRO B 267 -15.91 28.36 26.45
CA PRO B 267 -16.47 27.08 26.88
C PRO B 267 -16.60 26.07 25.75
N LEU B 268 -15.95 26.36 24.62
CA LEU B 268 -15.89 25.46 23.48
C LEU B 268 -14.50 24.92 23.22
N ILE B 269 -13.48 25.78 23.26
CA ILE B 269 -12.10 25.30 23.18
C ILE B 269 -11.77 24.43 24.40
N ARG B 270 -12.23 24.86 25.57
CA ARG B 270 -11.99 24.09 26.79
C ARG B 270 -12.62 22.71 26.73
N ILE B 271 -13.64 22.51 25.91
CA ILE B 271 -14.26 21.21 25.76
C ILE B 271 -13.62 20.40 24.65
N TYR B 272 -13.26 21.04 23.53
CA TYR B 272 -12.71 20.32 22.39
C TYR B 272 -11.20 20.15 22.44
N ARG B 273 -10.53 20.64 23.49
CA ARG B 273 -9.09 20.45 23.61
C ARG B 273 -8.71 18.99 23.81
N GLY B 274 -9.48 18.25 24.61
CA GLY B 274 -9.10 16.90 24.96
C GLY B 274 -9.07 15.95 23.78
N GLY B 275 -10.07 16.04 22.90
CA GLY B 275 -10.07 15.19 21.72
C GLY B 275 -8.90 15.47 20.81
N PHE B 276 -8.56 16.74 20.62
CA PHE B 276 -7.39 17.09 19.82
C PHE B 276 -6.12 16.52 20.42
N LEU B 277 -5.98 16.62 21.75
CA LEU B 277 -4.80 16.06 22.41
C LEU B 277 -4.73 14.55 22.22
N LEU B 278 -5.87 13.87 22.33
CA LEU B 278 -5.89 12.41 22.15
C LEU B 278 -5.49 12.04 20.73
N ILE B 279 -6.00 12.76 19.73
CA ILE B 279 -5.66 12.45 18.34
C ILE B 279 -4.18 12.68 18.09
N GLU B 280 -3.64 13.78 18.61
CA GLU B 280 -2.21 14.04 18.47
C GLU B 280 -1.38 12.95 19.14
N PHE B 281 -1.81 12.50 20.32
CA PHE B 281 -1.09 11.43 21.01
C PHE B 281 -1.11 10.15 20.19
N LEU B 282 -2.25 9.80 19.58
CA LEU B 282 -2.31 8.61 18.74
C LEU B 282 -1.38 8.71 17.55
N PHE B 283 -1.37 9.86 16.88
CA PHE B 283 -0.50 10.05 15.73
C PHE B 283 0.98 9.92 16.12
N LEU B 284 1.36 10.59 17.21
CA LEU B 284 2.75 10.53 17.66
C LEU B 284 3.13 9.13 18.12
N LEU B 285 2.18 8.38 18.69
CA LEU B 285 2.47 7.00 19.08
C LEU B 285 2.69 6.12 17.87
N GLY B 286 1.93 6.34 16.80
CA GLY B 286 2.21 5.63 15.56
C GLY B 286 3.59 5.93 15.02
N ILE B 287 3.99 7.21 15.06
CA ILE B 287 5.34 7.57 14.64
C ILE B 287 6.38 6.87 15.52
N ASN B 288 6.11 6.82 16.83
CA ASN B 288 7.01 6.16 17.78
C ASN B 288 7.18 4.68 17.43
N THR B 289 6.07 4.00 17.14
CA THR B 289 6.14 2.58 16.80
C THR B 289 6.94 2.36 15.52
N TYR B 290 6.71 3.22 14.51
CA TYR B 290 7.49 3.11 13.28
C TYR B 290 8.98 3.29 13.56
N GLY B 291 9.33 4.28 14.37
CA GLY B 291 10.73 4.49 14.70
C GLY B 291 11.35 3.34 15.45
N TRP B 292 10.63 2.77 16.41
CA TRP B 292 11.13 1.62 17.15
C TRP B 292 11.37 0.44 16.21
N ARG B 293 10.42 0.17 15.33
CA ARG B 293 10.57 -0.97 14.42
C ARG B 293 11.73 -0.77 13.46
N GLN B 294 11.88 0.45 12.92
CA GLN B 294 12.93 0.68 11.93
C GLN B 294 14.31 0.69 12.58
N ALA B 295 14.45 1.30 13.77
CA ALA B 295 15.75 1.46 14.38
C ALA B 295 16.34 0.17 14.91
N GLY B 296 15.55 -0.90 15.03
CA GLY B 296 16.03 -2.15 15.57
C GLY B 296 15.72 -2.39 17.03
N VAL B 297 14.87 -1.58 17.64
CA VAL B 297 14.49 -1.78 19.04
C VAL B 297 13.34 -2.78 19.10
N ASN B 298 13.51 -3.83 19.90
CA ASN B 298 12.51 -4.89 20.00
C ASN B 298 11.53 -4.53 21.12
N HIS B 299 10.50 -3.77 20.76
CA HIS B 299 9.49 -3.37 21.72
C HIS B 299 8.51 -4.49 22.04
N VAL B 300 8.43 -5.52 21.20
CA VAL B 300 7.53 -6.64 21.46
C VAL B 300 8.00 -7.42 22.70
N LEU B 301 9.31 -7.59 22.83
CA LEU B 301 9.85 -8.31 23.99
C LEU B 301 9.68 -7.49 25.26
N ILE B 302 9.88 -6.18 25.18
CA ILE B 302 9.80 -5.33 26.37
C ILE B 302 8.36 -5.21 26.84
N PHE B 303 7.41 -5.01 25.92
CA PHE B 303 6.01 -4.89 26.28
C PHE B 303 5.33 -6.24 26.48
N GLU B 304 6.04 -7.35 26.23
CA GLU B 304 5.51 -8.70 26.41
C GLU B 304 4.26 -8.93 25.56
N LEU B 305 4.39 -8.66 24.26
CA LEU B 305 3.31 -8.82 23.31
C LEU B 305 3.41 -10.19 22.63
N ASN B 306 2.59 -10.40 21.61
CA ASN B 306 2.63 -11.63 20.84
C ASN B 306 3.59 -11.48 19.67
N PRO B 307 4.63 -12.32 19.57
CA PRO B 307 5.58 -12.16 18.46
C PRO B 307 4.99 -12.45 17.09
N ARG B 308 3.85 -13.15 17.02
CA ARG B 308 3.25 -13.50 15.74
C ARG B 308 2.12 -12.56 15.32
N SER B 309 1.34 -12.04 16.28
CA SER B 309 0.29 -11.07 16.00
C SER B 309 0.67 -9.74 16.63
N ASN B 310 0.71 -8.69 15.83
CA ASN B 310 1.15 -7.38 16.30
C ASN B 310 0.46 -6.29 15.49
N LEU B 311 0.44 -5.09 16.07
CA LEU B 311 -0.14 -3.92 15.43
C LEU B 311 0.99 -3.06 14.84
N SER B 312 0.85 -2.72 13.57
CA SER B 312 1.81 -1.84 12.91
C SER B 312 1.38 -0.39 13.07
N HIS B 313 2.23 0.53 12.56
CA HIS B 313 1.94 1.95 12.69
C HIS B 313 0.76 2.36 11.82
N GLN B 314 0.49 1.63 10.75
CA GLN B 314 -0.61 1.99 9.85
C GLN B 314 -1.95 1.85 10.54
N HIS B 315 -2.12 0.84 11.40
CA HIS B 315 -3.37 0.70 12.15
C HIS B 315 -3.59 1.86 13.09
N LEU B 316 -2.53 2.32 13.76
CA LEU B 316 -2.66 3.48 14.64
C LEU B 316 -2.93 4.75 13.85
N PHE B 317 -2.34 4.89 12.65
CA PHE B 317 -2.66 6.05 11.81
C PHE B 317 -4.09 6.00 11.30
N GLU B 318 -4.62 4.80 11.05
CA GLU B 318 -5.98 4.61 10.58
C GLU B 318 -7.02 4.84 11.69
N ILE B 319 -6.67 4.55 12.94
CA ILE B 319 -7.55 4.92 14.05
C ILE B 319 -7.51 6.43 14.27
N ALA B 320 -6.31 7.03 14.23
CA ALA B 320 -6.18 8.46 14.45
C ALA B 320 -6.91 9.26 13.38
N GLY B 321 -6.83 8.83 12.11
CA GLY B 321 -7.53 9.54 11.06
C GLY B 321 -9.03 9.53 11.25
N PHE B 322 -9.59 8.38 11.60
CA PHE B 322 -11.04 8.29 11.81
C PHE B 322 -11.47 9.15 12.99
N LEU B 323 -10.71 9.12 14.09
CA LEU B 323 -11.04 9.96 15.24
C LEU B 323 -10.99 11.44 14.86
N GLY B 324 -9.98 11.84 14.08
CA GLY B 324 -9.92 13.22 13.63
C GLY B 324 -11.07 13.60 12.73
N ILE B 325 -11.51 12.67 11.88
CA ILE B 325 -12.67 12.93 11.03
C ILE B 325 -13.89 13.20 11.89
N LEU B 326 -14.12 12.37 12.90
CA LEU B 326 -15.27 12.58 13.78
C LEU B 326 -15.17 13.89 14.54
N TRP B 327 -13.97 14.22 15.02
CA TRP B 327 -13.77 15.47 15.75
C TRP B 327 -14.06 16.68 14.88
N CYS B 328 -13.54 16.68 13.65
CA CYS B 328 -13.77 17.80 12.73
C CYS B 328 -15.24 17.91 12.37
N LEU B 329 -15.91 16.78 12.13
CA LEU B 329 -17.34 16.82 11.80
C LEU B 329 -18.15 17.39 12.97
N SER B 330 -17.82 16.98 14.20
CA SER B 330 -18.52 17.51 15.36
C SER B 330 -18.31 19.02 15.50
N LEU B 331 -17.07 19.48 15.30
CA LEU B 331 -16.81 20.91 15.41
C LEU B 331 -17.54 21.70 14.32
N LEU B 332 -17.56 21.17 13.09
CA LEU B 332 -18.29 21.84 12.01
C LEU B 332 -19.79 21.89 12.30
N ALA B 333 -20.33 20.81 12.87
CA ALA B 333 -21.74 20.81 13.25
C ALA B 333 -22.01 21.84 14.33
N CYS B 334 -21.10 21.98 15.29
CA CYS B 334 -21.25 23.00 16.33
C CYS B 334 -21.22 24.40 15.72
N PHE B 335 -20.35 24.62 14.73
CA PHE B 335 -20.24 25.94 14.13
C PHE B 335 -21.46 26.27 13.28
N PHE B 336 -21.73 25.46 12.26
CA PHE B 336 -22.78 25.78 11.29
C PHE B 336 -24.17 25.56 11.87
N ALA B 337 -24.36 24.51 12.66
CA ALA B 337 -25.67 24.06 13.15
C ALA B 337 -26.59 23.76 11.98
N PRO B 338 -26.28 22.73 11.17
CA PRO B 338 -27.14 22.45 10.00
C PRO B 338 -28.56 22.05 10.36
N ILE B 339 -28.76 21.36 11.47
CA ILE B 339 -30.09 20.89 11.87
C ILE B 339 -30.71 21.92 12.80
N SER B 340 -31.96 22.28 12.55
CA SER B 340 -32.63 23.37 13.26
C SER B 340 -33.45 22.90 14.45
N VAL B 341 -33.45 21.60 14.76
CA VAL B 341 -34.25 21.11 15.88
C VAL B 341 -33.36 20.54 16.98
N ILE B 342 -32.21 20.01 16.59
CA ILE B 342 -31.29 19.42 17.56
C ILE B 342 -30.49 20.54 18.22
N PRO B 343 -30.44 20.59 19.55
CA PRO B 343 -29.66 21.63 20.21
C PRO B 343 -28.17 21.48 19.95
N THR B 344 -27.44 22.58 20.10
CA THR B 344 -26.02 22.62 19.79
C THR B 344 -25.17 21.93 20.85
N TYR B 345 -25.66 21.78 22.07
CA TYR B 345 -24.92 21.14 23.14
C TYR B 345 -25.03 19.62 23.11
N VAL B 346 -25.36 19.04 21.96
CA VAL B 346 -25.54 17.59 21.83
C VAL B 346 -24.32 17.00 21.15
N TYR B 347 -23.68 17.78 20.29
CA TYR B 347 -22.60 17.25 19.45
C TYR B 347 -21.39 16.76 20.24
N PRO B 348 -20.83 17.50 21.21
CA PRO B 348 -19.71 16.94 21.98
C PRO B 348 -20.10 15.68 22.74
N LEU B 349 -21.35 15.61 23.22
CA LEU B 349 -21.81 14.41 23.88
C LEU B 349 -21.81 13.24 22.93
N ALA B 350 -22.28 13.45 21.70
CA ALA B 350 -22.26 12.38 20.70
C ALA B 350 -20.83 11.96 20.39
N LEU B 351 -19.92 12.92 20.27
CA LEU B 351 -18.52 12.59 19.94
C LEU B 351 -17.88 11.74 21.04
N TYR B 352 -18.02 12.18 22.29
CA TYR B 352 -17.36 11.45 23.38
C TYR B 352 -18.06 10.13 23.67
N GLY B 353 -19.38 10.07 23.50
CA GLY B 353 -20.06 8.78 23.60
C GLY B 353 -19.62 7.82 22.52
N PHE B 354 -19.40 8.31 21.31
CA PHE B 354 -18.89 7.46 20.24
C PHE B 354 -17.51 6.94 20.57
N MET B 355 -16.62 7.80 21.10
CA MET B 355 -15.31 7.35 21.50
C MET B 355 -15.38 6.25 22.56
N VAL B 356 -16.20 6.48 23.60
CA VAL B 356 -16.32 5.51 24.69
C VAL B 356 -16.91 4.20 24.17
N PHE B 357 -17.92 4.28 23.28
CA PHE B 357 -18.53 3.09 22.72
C PHE B 357 -17.53 2.32 21.86
N PHE B 358 -16.69 3.03 21.11
CA PHE B 358 -15.68 2.36 20.31
C PHE B 358 -14.67 1.63 21.18
N LEU B 359 -14.30 2.23 22.32
CA LEU B 359 -13.31 1.59 23.18
C LEU B 359 -13.85 0.31 23.81
N ILE B 360 -15.04 0.36 24.38
CA ILE B 360 -15.54 -0.71 25.23
C ILE B 360 -16.53 -1.63 24.51
N ASN B 361 -16.46 -1.69 23.19
CA ASN B 361 -17.35 -2.56 22.42
C ASN B 361 -17.12 -4.01 22.81
N PRO B 362 -18.16 -4.74 23.24
CA PRO B 362 -17.99 -6.14 23.65
C PRO B 362 -18.08 -7.16 22.53
N THR B 363 -18.16 -6.74 21.27
CA THR B 363 -18.20 -7.65 20.14
C THR B 363 -16.78 -8.04 19.76
N LYS B 364 -16.62 -8.69 18.61
CA LYS B 364 -15.32 -9.18 18.18
C LYS B 364 -14.89 -8.56 16.86
N THR B 365 -15.03 -7.25 16.74
CA THR B 365 -14.65 -6.51 15.54
C THR B 365 -13.82 -5.29 15.92
N PHE B 366 -13.18 -4.69 14.92
CA PHE B 366 -12.45 -3.43 15.06
C PHE B 366 -11.34 -3.54 16.10
N TYR B 367 -10.34 -4.36 15.77
CA TYR B 367 -9.15 -4.55 16.61
C TYR B 367 -9.53 -5.04 18.01
N TYR B 368 -10.36 -6.08 18.06
CA TYR B 368 -10.87 -6.54 19.35
C TYR B 368 -9.79 -7.14 20.23
N LYS B 369 -8.69 -7.61 19.66
CA LYS B 369 -7.63 -8.21 20.45
C LYS B 369 -6.63 -7.21 21.01
N SER B 370 -6.76 -5.93 20.62
CA SER B 370 -5.97 -4.85 21.20
C SER B 370 -6.75 -4.05 22.24
N ARG B 371 -8.04 -3.84 21.99
CA ARG B 371 -8.87 -3.08 22.93
C ARG B 371 -8.99 -3.79 24.26
N PHE B 372 -9.13 -5.12 24.26
CA PHE B 372 -9.23 -5.86 25.50
C PHE B 372 -7.91 -5.84 26.28
N TRP B 373 -6.78 -5.93 25.56
CA TRP B 373 -5.49 -5.80 26.21
C TRP B 373 -5.33 -4.42 26.85
N LEU B 374 -5.74 -3.37 26.14
CA LEU B 374 -5.68 -2.03 26.70
C LEU B 374 -6.57 -1.89 27.91
N LEU B 375 -7.77 -2.48 27.88
CA LEU B 375 -8.69 -2.38 29.01
C LEU B 375 -8.12 -3.09 30.24
N LYS B 376 -7.56 -4.28 30.06
CA LYS B 376 -6.95 -4.99 31.19
C LYS B 376 -5.76 -4.21 31.75
N LEU B 377 -4.95 -3.62 30.85
CA LEU B 377 -3.83 -2.79 31.30
C LEU B 377 -4.33 -1.59 32.09
N LEU B 378 -5.40 -0.95 31.64
CA LEU B 378 -5.95 0.20 32.35
C LEU B 378 -6.46 -0.21 33.73
N PHE B 379 -7.13 -1.35 33.82
CA PHE B 379 -7.58 -1.84 35.11
C PHE B 379 -6.40 -2.06 36.06
N ARG B 380 -5.33 -2.70 35.56
CA ARG B 380 -4.15 -2.93 36.38
C ARG B 380 -3.51 -1.62 36.82
N VAL B 381 -3.45 -0.63 35.92
CA VAL B 381 -2.84 0.64 36.24
C VAL B 381 -3.63 1.36 37.32
N PHE B 382 -4.96 1.40 37.17
CA PHE B 382 -5.80 2.13 38.13
C PHE B 382 -6.04 1.35 39.40
N THR B 383 -5.59 0.09 39.49
CA THR B 383 -5.62 -0.65 40.74
C THR B 383 -4.17 -0.86 41.19
N ALA B 384 -3.39 0.22 41.12
CA ALA B 384 -1.94 0.13 41.18
C ALA B 384 -1.38 -0.54 42.43
N PRO B 385 -1.79 -0.19 43.66
CA PRO B 385 -1.05 -0.69 44.84
C PRO B 385 -1.10 -2.20 45.00
N PHE B 386 -2.08 -2.89 44.41
CA PHE B 386 -2.26 -4.31 44.66
C PHE B 386 -1.60 -5.18 43.59
N HIS B 387 -1.75 -4.83 42.32
CA HIS B 387 -1.20 -5.63 41.25
C HIS B 387 0.32 -5.49 41.16
N LYS B 388 0.96 -6.53 40.65
CA LYS B 388 2.39 -6.47 40.39
C LYS B 388 2.68 -5.51 39.24
N VAL B 389 3.89 -4.94 39.25
CA VAL B 389 4.26 -3.88 38.33
C VAL B 389 5.18 -4.45 37.25
N GLY B 390 4.77 -4.27 35.99
CA GLY B 390 5.61 -4.57 34.86
C GLY B 390 5.99 -3.32 34.09
N PHE B 391 6.66 -3.55 32.95
CA PHE B 391 7.07 -2.41 32.13
C PHE B 391 5.87 -1.69 31.54
N ALA B 392 4.84 -2.44 31.13
CA ALA B 392 3.69 -1.83 30.48
C ALA B 392 2.86 -1.01 31.46
N ASP B 393 2.84 -1.38 32.74
CA ASP B 393 2.06 -0.63 33.71
C ASP B 393 2.64 0.76 33.96
N PHE B 394 3.94 0.83 34.25
CA PHE B 394 4.54 2.11 34.57
C PHE B 394 4.74 2.97 33.32
N TRP B 395 4.91 2.36 32.16
CA TRP B 395 4.95 3.13 30.92
C TRP B 395 3.63 3.84 30.67
N LEU B 396 2.52 3.12 30.82
CA LEU B 396 1.20 3.71 30.63
C LEU B 396 0.92 4.77 31.70
N ALA B 397 1.32 4.51 32.94
CA ALA B 397 1.17 5.52 33.97
C ALA B 397 1.98 6.78 33.65
N ASP B 398 3.17 6.61 33.08
CA ASP B 398 3.96 7.75 32.65
C ASP B 398 3.26 8.55 31.56
N GLN B 399 2.65 7.85 30.60
CA GLN B 399 1.87 8.57 29.58
C GLN B 399 0.71 9.33 30.19
N LEU B 400 -0.03 8.69 31.11
CA LEU B 400 -1.14 9.38 31.76
C LEU B 400 -0.65 10.56 32.59
N ASN B 401 0.60 10.53 33.04
CA ASN B 401 1.14 11.66 33.78
C ASN B 401 1.16 12.92 32.93
N SER B 402 1.53 12.80 31.66
CA SER B 402 1.52 13.95 30.75
C SER B 402 0.18 14.14 30.04
N LEU B 403 -0.74 13.20 30.17
CA LEU B 403 -2.07 13.32 29.57
C LEU B 403 -3.15 13.72 30.58
N SER B 404 -2.84 14.62 31.52
CA SER B 404 -3.82 15.03 32.52
C SER B 404 -4.73 16.18 32.06
N VAL B 405 -4.39 16.82 30.94
CA VAL B 405 -5.25 17.89 30.43
C VAL B 405 -6.60 17.34 30.01
N ILE B 406 -6.65 16.11 29.51
CA ILE B 406 -7.94 15.51 29.14
C ILE B 406 -8.77 15.26 30.38
N LEU B 407 -8.14 14.89 31.50
CA LEU B 407 -8.89 14.73 32.75
C LEU B 407 -9.42 16.07 33.25
N MET B 408 -8.60 17.11 33.15
CA MET B 408 -9.07 18.45 33.50
C MET B 408 -10.25 18.86 32.65
N ASP B 409 -10.18 18.59 31.34
CA ASP B 409 -11.28 18.92 30.44
C ASP B 409 -12.54 18.14 30.78
N LEU B 410 -12.39 16.86 31.11
CA LEU B 410 -13.53 16.04 31.51
C LEU B 410 -14.23 16.63 32.73
N GLU B 411 -13.44 16.95 33.77
CA GLU B 411 -14.05 17.50 34.98
C GLU B 411 -14.69 18.85 34.71
N TYR B 412 -14.06 19.69 33.88
CA TYR B 412 -14.63 20.99 33.57
C TYR B 412 -15.94 20.85 32.80
N MET B 413 -15.99 19.92 31.83
CA MET B 413 -17.23 19.72 31.07
C MET B 413 -18.34 19.20 31.97
N ILE B 414 -18.02 18.27 32.87
CA ILE B 414 -19.02 17.76 33.80
C ILE B 414 -19.58 18.89 34.66
N CYS B 415 -18.69 19.71 35.22
CA CYS B 415 -19.13 20.82 36.06
C CYS B 415 -19.93 21.85 35.26
N PHE B 416 -19.51 22.10 34.01
CA PHE B 416 -20.19 23.09 33.18
C PHE B 416 -21.60 22.65 32.84
N TYR B 417 -21.76 21.37 32.46
CA TYR B 417 -23.10 20.90 32.09
C TYR B 417 -23.99 20.74 33.31
N SER B 418 -23.46 20.18 34.39
CA SER B 418 -24.29 19.93 35.56
C SER B 418 -24.77 21.22 36.22
N LEU B 419 -23.90 22.22 36.31
CA LEU B 419 -24.21 23.45 37.03
C LEU B 419 -24.59 24.61 36.11
N GLU B 420 -23.72 24.97 35.17
CA GLU B 420 -23.90 26.21 34.40
C GLU B 420 -25.03 26.08 33.39
N LEU B 421 -24.92 25.11 32.47
CA LEU B 421 -25.84 25.00 31.34
C LEU B 421 -27.29 25.00 31.80
N LYS B 422 -28.12 25.76 31.09
CA LYS B 422 -29.54 25.88 31.41
C LYS B 422 -30.41 24.90 30.64
N TRP B 423 -30.04 24.58 29.40
CA TRP B 423 -30.67 23.57 28.55
C TRP B 423 -32.06 23.98 28.06
N ASP B 424 -32.62 25.07 28.60
CA ASP B 424 -34.01 25.39 28.33
C ASP B 424 -34.19 26.04 26.96
N GLU B 425 -33.36 27.02 26.63
CA GLU B 425 -33.39 27.69 25.34
C GLU B 425 -32.09 27.36 24.62
N SER B 426 -32.16 27.24 23.30
CA SER B 426 -30.99 26.75 22.57
C SER B 426 -29.93 27.83 22.47
N LYS B 427 -29.56 28.39 23.63
CA LYS B 427 -28.37 29.21 23.73
C LYS B 427 -27.13 28.33 23.62
N GLY B 428 -27.27 27.07 24.02
CA GLY B 428 -26.34 26.01 23.71
C GLY B 428 -25.01 26.07 24.42
N LEU B 429 -23.98 25.57 23.77
CA LEU B 429 -22.64 25.57 24.34
C LEU B 429 -21.91 26.89 24.12
N LEU B 430 -22.62 28.01 23.96
CA LEU B 430 -21.82 29.24 23.89
C LEU B 430 -21.74 30.11 25.17
N PRO B 431 -22.84 30.52 25.90
CA PRO B 431 -22.69 31.75 26.68
C PRO B 431 -23.66 32.25 27.77
N ASN B 432 -23.88 33.58 27.71
CA ASN B 432 -24.92 34.37 28.38
C ASN B 432 -25.11 34.14 29.88
N ASN B 433 -24.12 34.50 30.68
CA ASN B 433 -24.26 34.59 32.13
C ASN B 433 -23.10 35.43 32.67
N SER B 434 -23.13 35.68 33.98
CA SER B 434 -22.07 36.46 34.61
C SER B 434 -21.31 35.64 35.66
N GLU B 435 -22.04 35.09 36.64
CA GLU B 435 -21.41 34.34 37.71
C GLU B 435 -21.52 32.83 37.52
N GLU B 436 -22.47 32.36 36.70
CA GLU B 436 -22.50 30.95 36.34
C GLU B 436 -21.20 30.55 35.66
N SER B 437 -20.58 31.49 34.96
CA SER B 437 -19.20 31.35 34.47
C SER B 437 -18.27 31.97 35.52
N GLY B 438 -17.77 31.09 36.38
CA GLY B 438 -16.98 31.53 37.52
C GLY B 438 -17.18 30.69 38.75
N ILE B 439 -18.34 30.05 38.92
CA ILE B 439 -18.43 28.96 39.87
C ILE B 439 -17.64 27.76 39.36
N CYS B 440 -17.82 27.43 38.07
CA CYS B 440 -16.98 26.42 37.43
C CYS B 440 -15.57 26.91 37.18
N HIS B 441 -15.35 28.22 37.17
CA HIS B 441 -14.04 28.81 36.94
C HIS B 441 -13.31 29.18 38.22
N LYS B 442 -13.92 28.98 39.38
CA LYS B 442 -13.27 29.18 40.66
C LYS B 442 -12.76 27.83 41.18
N TYR B 443 -12.33 27.83 42.44
CA TYR B 443 -11.76 26.64 43.07
C TYR B 443 -12.26 26.48 44.50
N THR B 444 -13.51 26.90 44.76
CA THR B 444 -14.07 26.77 46.10
C THR B 444 -14.15 25.30 46.53
N TYR B 445 -14.57 24.43 45.62
CA TYR B 445 -14.55 23.00 45.92
C TYR B 445 -13.14 22.49 46.10
N GLY B 446 -12.17 23.06 45.38
CA GLY B 446 -10.81 22.59 45.44
C GLY B 446 -10.57 21.27 44.74
N VAL B 447 -11.47 20.87 43.84
CA VAL B 447 -11.38 19.57 43.20
C VAL B 447 -10.42 19.52 42.03
N ARG B 448 -9.95 20.67 41.54
CA ARG B 448 -9.06 20.66 40.40
C ARG B 448 -7.60 20.45 40.78
N ALA B 449 -7.30 20.31 42.08
CA ALA B 449 -5.96 19.90 42.48
C ALA B 449 -5.81 18.39 42.45
N ILE B 450 -6.81 17.68 42.96
CA ILE B 450 -6.73 16.21 43.02
C ILE B 450 -6.80 15.62 41.61
N VAL B 451 -7.62 16.21 40.74
CA VAL B 451 -7.73 15.71 39.37
C VAL B 451 -6.40 15.86 38.63
N GLN B 452 -5.53 16.76 39.09
CA GLN B 452 -4.21 16.90 38.50
C GLN B 452 -3.14 16.10 39.23
N CYS B 453 -3.34 15.79 40.51
CA CYS B 453 -2.40 15.00 41.29
C CYS B 453 -2.68 13.51 41.21
N ILE B 454 -3.74 13.09 40.52
CA ILE B 454 -4.04 11.66 40.40
C ILE B 454 -2.91 10.87 39.76
N PRO B 455 -2.33 11.27 38.59
CA PRO B 455 -1.33 10.39 37.95
C PRO B 455 -0.02 10.35 38.72
N ALA B 456 0.36 11.49 39.32
CA ALA B 456 1.53 11.50 40.20
C ALA B 456 1.33 10.56 41.38
N TRP B 457 0.11 10.53 41.93
CA TRP B 457 -0.18 9.60 43.02
C TRP B 457 -0.07 8.16 42.56
N LEU B 458 -0.57 7.86 41.35
CA LEU B 458 -0.46 6.50 40.83
C LEU B 458 1.00 6.07 40.70
N ARG B 459 1.84 6.93 40.12
CA ARG B 459 3.25 6.60 39.96
C ARG B 459 3.94 6.47 41.32
N PHE B 460 3.60 7.34 42.27
CA PHE B 460 4.19 7.29 43.60
C PHE B 460 3.86 5.98 44.30
N ILE B 461 2.61 5.54 44.22
CA ILE B 461 2.23 4.29 44.88
C ILE B 461 2.83 3.09 44.16
N GLN B 462 2.98 3.17 42.83
CA GLN B 462 3.66 2.10 42.11
C GLN B 462 5.12 1.98 42.55
N CYS B 463 5.80 3.12 42.72
CA CYS B 463 7.18 3.09 43.20
C CYS B 463 7.27 2.52 44.61
N LEU B 464 6.31 2.87 45.47
CA LEU B 464 6.28 2.32 46.82
C LEU B 464 6.13 0.80 46.79
N ARG B 465 5.21 0.30 45.96
CA ARG B 465 5.03 -1.15 45.85
C ARG B 465 6.28 -1.83 45.31
N ARG B 466 6.93 -1.21 44.32
CA ARG B 466 8.15 -1.80 43.76
C ARG B 466 9.26 -1.86 44.81
N TYR B 467 9.40 -0.80 45.60
CA TYR B 467 10.41 -0.82 46.67
C TYR B 467 10.10 -1.89 47.70
N ARG B 468 8.81 -2.04 48.06
CA ARG B 468 8.43 -3.08 49.00
C ARG B 468 8.77 -4.46 48.45
N ASP B 469 8.52 -4.68 47.16
CA ASP B 469 8.78 -5.99 46.57
C ASP B 469 10.27 -6.28 46.49
N THR B 470 11.06 -5.30 46.05
CA THR B 470 12.48 -5.54 45.77
C THR B 470 13.37 -5.34 47.00
N LYS B 471 12.97 -4.47 47.93
CA LYS B 471 13.75 -4.12 49.11
C LYS B 471 15.08 -3.47 48.77
N ARG B 472 15.22 -2.95 47.55
CA ARG B 472 16.35 -2.11 47.17
C ARG B 472 15.88 -0.67 47.14
N ALA B 473 16.49 0.18 47.97
CA ALA B 473 15.94 1.48 48.28
C ALA B 473 16.51 2.63 47.45
N PHE B 474 17.54 2.39 46.63
CA PHE B 474 18.09 3.51 45.87
C PHE B 474 17.12 3.98 44.79
N PRO B 475 16.81 3.17 43.76
CA PRO B 475 16.02 3.72 42.65
C PRO B 475 14.61 4.11 43.03
N HIS B 476 13.93 3.30 43.83
CA HIS B 476 12.49 3.45 44.01
C HIS B 476 12.11 4.46 45.07
N LEU B 477 12.86 4.55 46.16
CA LEU B 477 12.59 5.55 47.18
C LEU B 477 13.11 6.93 46.79
N VAL B 478 13.89 7.03 45.72
CA VAL B 478 14.21 8.32 45.13
C VAL B 478 13.22 8.67 44.00
N ASN B 479 12.73 7.68 43.27
CA ASN B 479 11.67 7.92 42.30
C ASN B 479 10.39 8.40 42.98
N ALA B 480 10.04 7.78 44.11
CA ALA B 480 8.87 8.23 44.87
C ALA B 480 9.05 9.66 45.35
N GLY B 481 10.24 10.00 45.82
CA GLY B 481 10.51 11.37 46.21
C GLY B 481 10.40 12.33 45.03
N LYS B 482 10.82 11.89 43.86
CA LYS B 482 10.67 12.71 42.66
C LYS B 482 9.20 12.99 42.36
N TYR B 483 8.36 11.96 42.48
CA TYR B 483 6.94 12.12 42.19
C TYR B 483 6.20 12.88 43.29
N SER B 484 6.74 12.92 44.51
CA SER B 484 6.06 13.58 45.61
C SER B 484 6.10 15.11 45.53
N THR B 485 6.98 15.67 44.69
CA THR B 485 7.11 17.13 44.65
C THR B 485 5.93 17.81 43.97
N THR B 486 5.21 17.09 43.11
CA THR B 486 4.02 17.67 42.48
C THR B 486 2.96 18.02 43.51
N PHE B 487 2.80 17.18 44.53
CA PHE B 487 1.85 17.47 45.59
C PHE B 487 2.18 18.79 46.27
N PHE B 488 3.45 18.99 46.61
CA PHE B 488 3.88 20.23 47.26
C PHE B 488 3.63 21.43 46.36
N MET B 489 4.03 21.33 45.10
CA MET B 489 3.86 22.47 44.19
C MET B 489 2.39 22.84 44.03
N VAL B 490 1.54 21.83 43.82
CA VAL B 490 0.11 22.10 43.59
C VAL B 490 -0.53 22.65 44.85
N THR B 491 -0.21 22.08 46.02
CA THR B 491 -0.85 22.55 47.24
C THR B 491 -0.42 23.98 47.58
N PHE B 492 0.85 24.32 47.31
CA PHE B 492 1.29 25.68 47.61
C PHE B 492 0.71 26.69 46.63
N ALA B 493 0.59 26.31 45.35
CA ALA B 493 -0.06 27.19 44.40
C ALA B 493 -1.52 27.42 44.77
N ALA B 494 -2.23 26.35 45.17
CA ALA B 494 -3.63 26.49 45.55
C ALA B 494 -3.77 27.36 46.80
N LEU B 495 -2.90 27.17 47.79
CA LEU B 495 -2.96 27.98 49.01
C LEU B 495 -2.70 29.44 48.70
N TYR B 496 -1.71 29.72 47.84
CA TYR B 496 -1.41 31.11 47.49
C TYR B 496 -2.59 31.75 46.77
N SER B 497 -3.20 31.02 45.83
CA SER B 497 -4.36 31.58 45.13
C SER B 497 -5.53 31.82 46.08
N THR B 498 -5.80 30.87 46.98
CA THR B 498 -6.91 31.03 47.92
C THR B 498 -6.69 32.22 48.84
N HIS B 499 -5.48 32.39 49.36
CA HIS B 499 -5.21 33.52 50.24
C HIS B 499 -5.19 34.83 49.49
N LYS B 500 -4.78 34.81 48.21
CA LYS B 500 -4.87 36.03 47.40
C LYS B 500 -6.32 36.43 47.18
N GLU B 501 -7.19 35.46 46.93
CA GLU B 501 -8.62 35.76 46.83
C GLU B 501 -9.16 36.28 48.15
N ARG B 502 -8.75 35.68 49.27
CA ARG B 502 -9.18 36.15 50.58
C ARG B 502 -8.48 37.45 51.00
N GLY B 503 -7.43 37.85 50.31
CA GLY B 503 -6.73 39.09 50.64
C GLY B 503 -6.00 39.08 51.96
N HIS B 504 -5.33 37.98 52.29
CA HIS B 504 -4.52 37.95 53.50
C HIS B 504 -3.24 38.76 53.29
N SER B 505 -2.78 39.42 54.36
CA SER B 505 -1.57 40.22 54.26
C SER B 505 -0.31 39.37 54.13
N ASP B 506 -0.36 38.10 54.50
CA ASP B 506 0.78 37.21 54.43
C ASP B 506 0.78 36.34 53.19
N THR B 507 -0.18 36.53 52.28
CA THR B 507 -0.27 35.70 51.09
C THR B 507 1.03 35.70 50.30
N MET B 508 1.76 36.81 50.31
CA MET B 508 2.99 36.90 49.55
C MET B 508 4.01 35.86 49.99
N VAL B 509 4.01 35.49 51.27
CA VAL B 509 4.95 34.46 51.72
C VAL B 509 4.61 33.12 51.07
N PHE B 510 3.32 32.84 50.88
CA PHE B 510 2.93 31.65 50.14
C PHE B 510 3.41 31.69 48.71
N PHE B 511 3.66 32.88 48.16
CA PHE B 511 4.37 32.99 46.89
C PHE B 511 5.81 32.52 47.05
N TYR B 512 6.52 33.06 48.05
CA TYR B 512 7.97 32.92 48.13
C TYR B 512 8.40 31.46 48.07
N LEU B 513 8.00 30.69 49.09
CA LEU B 513 8.40 29.29 49.12
C LEU B 513 7.87 28.53 47.92
N TRP B 514 6.68 28.90 47.42
CA TRP B 514 6.16 28.23 46.24
C TRP B 514 7.16 28.30 45.11
N ILE B 515 7.81 29.45 44.94
CA ILE B 515 8.75 29.62 43.84
C ILE B 515 9.88 28.61 43.95
N VAL B 516 10.38 28.35 45.16
CA VAL B 516 11.47 27.39 45.25
C VAL B 516 10.94 25.99 44.94
N PHE B 517 9.71 25.69 45.37
CA PHE B 517 9.12 24.41 45.03
C PHE B 517 8.82 24.29 43.55
N TYR B 518 8.91 25.40 42.81
CA TYR B 518 9.00 25.31 41.36
C TYR B 518 10.32 24.68 40.95
N ILE B 519 11.43 25.35 41.32
CA ILE B 519 12.75 24.93 40.84
C ILE B 519 13.05 23.51 41.31
N ILE B 520 12.86 23.25 42.62
CA ILE B 520 13.16 21.95 43.20
C ILE B 520 12.44 20.86 42.44
N SER B 521 11.27 21.18 41.86
CA SER B 521 10.58 20.19 41.05
C SER B 521 11.37 19.90 39.78
N SER B 522 11.55 20.91 38.94
CA SER B 522 12.09 20.68 37.60
C SER B 522 13.48 20.08 37.67
N CYS B 523 14.38 20.73 38.42
CA CYS B 523 15.75 20.26 38.53
C CYS B 523 15.81 18.82 39.03
N TYR B 524 14.80 18.39 39.81
CA TYR B 524 14.72 16.98 40.15
C TYR B 524 14.48 16.16 38.89
N THR B 525 13.29 16.34 38.29
CA THR B 525 12.85 15.43 37.23
C THR B 525 13.79 15.49 36.04
N LEU B 526 14.20 16.69 35.65
CA LEU B 526 15.13 16.85 34.54
C LEU B 526 16.36 15.98 34.73
N ILE B 527 16.93 16.00 35.93
CA ILE B 527 18.11 15.17 36.18
C ILE B 527 17.77 13.70 35.99
N TRP B 528 16.65 13.26 36.57
CA TRP B 528 16.22 11.88 36.39
C TRP B 528 15.95 11.56 34.93
N ASP B 529 15.63 12.59 34.13
CA ASP B 529 15.39 12.36 32.72
C ASP B 529 16.69 12.05 31.98
N LEU B 530 17.81 12.60 32.43
CA LEU B 530 19.07 12.47 31.71
C LEU B 530 19.92 11.31 32.23
N LYS B 531 20.27 11.33 33.52
CA LYS B 531 21.18 10.33 34.05
C LYS B 531 20.54 8.95 34.08
N MET B 532 19.30 8.85 34.55
CA MET B 532 18.69 7.56 34.84
C MET B 532 17.72 7.08 33.76
N ASP B 533 16.83 7.94 33.27
CA ASP B 533 15.85 7.49 32.28
C ASP B 533 16.51 7.25 30.92
N TRP B 534 17.37 8.17 30.48
CA TRP B 534 18.00 8.07 29.18
C TRP B 534 19.39 7.44 29.23
N GLY B 535 20.01 7.38 30.41
CA GLY B 535 21.33 6.77 30.53
C GLY B 535 22.44 7.50 29.80
N LEU B 536 22.40 8.82 29.79
CA LEU B 536 23.45 9.62 29.18
C LEU B 536 24.46 10.05 30.24
N PHE B 537 25.41 10.89 29.83
CA PHE B 537 26.44 11.43 30.73
C PHE B 537 27.18 10.30 31.45
N ASP B 538 27.51 9.25 30.70
CA ASP B 538 28.19 8.11 31.29
C ASP B 538 29.66 8.43 31.56
N LYS B 539 30.25 7.65 32.47
CA LYS B 539 31.64 7.86 32.87
C LYS B 539 32.64 7.18 31.96
N ASN B 540 32.19 6.28 31.07
CA ASN B 540 33.07 5.50 30.21
C ASN B 540 32.71 5.66 28.74
N ALA B 541 32.25 6.85 28.36
CA ALA B 541 31.93 7.10 26.97
C ALA B 541 33.19 7.19 26.13
N GLY B 542 33.08 6.83 24.86
CA GLY B 542 34.21 6.89 23.95
C GLY B 542 34.28 8.19 23.18
N GLU B 543 34.16 8.10 21.85
CA GLU B 543 34.13 9.30 21.02
C GLU B 543 32.80 10.04 21.12
N ASN B 544 31.78 9.42 21.70
CA ASN B 544 30.47 10.05 21.90
C ASN B 544 30.53 10.85 23.19
N THR B 545 30.97 12.11 23.09
CA THR B 545 31.06 12.95 24.27
C THR B 545 29.67 13.28 24.80
N PHE B 546 29.53 13.25 26.12
CA PHE B 546 28.29 13.55 26.84
C PHE B 546 27.17 12.56 26.53
N LEU B 547 27.52 11.40 25.96
CA LEU B 547 26.54 10.36 25.67
C LEU B 547 27.00 9.05 26.29
N ARG B 548 26.34 7.94 25.95
CA ARG B 548 26.76 6.61 26.37
C ARG B 548 27.61 5.95 25.28
N GLU B 549 28.20 4.80 25.64
CA GLU B 549 29.18 4.17 24.77
C GLU B 549 28.56 3.73 23.45
N GLU B 550 27.40 3.06 23.50
CA GLU B 550 26.74 2.54 22.32
C GLU B 550 25.41 3.24 22.12
N ILE B 551 25.12 3.60 20.87
CA ILE B 551 23.87 4.27 20.51
C ILE B 551 23.25 3.51 19.34
N VAL B 552 21.92 3.44 19.35
CA VAL B 552 21.18 2.71 18.31
C VAL B 552 20.84 3.59 17.13
N TYR B 553 20.30 4.79 17.39
CA TYR B 553 19.92 5.68 16.32
C TYR B 553 21.18 6.24 15.64
N PRO B 554 21.19 6.32 14.31
CA PRO B 554 22.46 6.52 13.59
C PRO B 554 23.18 7.83 13.89
N GLN B 555 22.46 8.91 14.17
CA GLN B 555 23.06 10.23 14.28
C GLN B 555 23.04 10.73 15.72
N LYS B 556 24.13 11.38 16.12
CA LYS B 556 24.21 12.02 17.44
C LYS B 556 23.47 13.34 17.49
N ALA B 557 23.16 13.93 16.33
CA ALA B 557 22.40 15.18 16.30
C ALA B 557 21.05 15.00 16.97
N TYR B 558 20.43 13.83 16.80
CA TYR B 558 19.16 13.56 17.48
C TYR B 558 19.34 13.63 18.99
N TYR B 559 20.40 13.02 19.51
CA TYR B 559 20.64 13.02 20.95
C TYR B 559 20.87 14.43 21.47
N TYR B 560 21.68 15.20 20.76
CA TYR B 560 21.96 16.57 21.22
C TYR B 560 20.71 17.44 21.14
N CYS B 561 19.92 17.28 20.07
CA CYS B 561 18.68 18.05 19.96
C CYS B 561 17.70 17.71 21.07
N ALA B 562 17.58 16.42 21.41
CA ALA B 562 16.68 16.03 22.50
C ALA B 562 17.18 16.56 23.83
N ILE B 563 18.50 16.53 24.05
CA ILE B 563 19.06 17.08 25.28
C ILE B 563 18.72 18.57 25.39
N ILE B 564 18.82 19.31 24.28
CA ILE B 564 18.48 20.72 24.31
C ILE B 564 16.99 20.91 24.58
N GLU B 565 16.14 20.11 23.93
CA GLU B 565 14.69 20.33 23.99
C GLU B 565 14.13 20.03 25.38
N ASP B 566 14.58 18.94 25.99
CA ASP B 566 14.00 18.50 27.26
C ASP B 566 14.13 19.58 28.33
N VAL B 567 15.23 20.33 28.31
CA VAL B 567 15.46 21.36 29.33
C VAL B 567 14.36 22.42 29.27
N ILE B 568 14.09 22.96 28.08
CA ILE B 568 13.05 23.98 27.95
C ILE B 568 11.69 23.40 28.27
N LEU B 569 11.40 22.20 27.75
CA LEU B 569 10.06 21.67 27.90
C LEU B 569 9.75 21.25 29.32
N ARG B 570 10.76 20.95 30.15
CA ARG B 570 10.50 20.63 31.56
C ARG B 570 9.97 21.84 32.31
N PHE B 571 10.62 22.98 32.15
CA PHE B 571 10.13 24.21 32.80
C PHE B 571 8.78 24.61 32.24
N ALA B 572 8.58 24.44 30.92
CA ALA B 572 7.27 24.72 30.34
C ALA B 572 6.19 23.86 30.98
N TRP B 573 6.45 22.56 31.15
CA TRP B 573 5.48 21.66 31.76
C TRP B 573 5.18 22.08 33.20
N THR B 574 6.22 22.36 33.97
CA THR B 574 6.02 22.72 35.37
C THR B 574 5.15 23.97 35.49
N ILE B 575 5.49 25.03 34.75
CA ILE B 575 4.74 26.28 34.87
C ILE B 575 3.32 26.09 34.35
N GLN B 576 3.14 25.27 33.30
CA GLN B 576 1.81 25.04 32.76
C GLN B 576 0.90 24.37 33.77
N ILE B 577 1.36 23.27 34.37
CA ILE B 577 0.51 22.56 35.31
C ILE B 577 0.27 23.40 36.57
N SER B 578 1.29 24.15 37.01
CA SER B 578 1.10 24.99 38.20
C SER B 578 0.05 26.06 37.94
N ILE B 579 0.14 26.73 36.79
CA ILE B 579 -0.80 27.81 36.48
C ILE B 579 -2.21 27.26 36.28
N THR B 580 -2.33 26.12 35.60
CA THR B 580 -3.64 25.54 35.38
C THR B 580 -4.29 25.08 36.69
N SER B 581 -3.48 24.60 37.63
CA SER B 581 -4.05 24.19 38.92
C SER B 581 -4.45 25.39 39.76
N THR B 582 -3.60 26.43 39.79
CA THR B 582 -3.84 27.55 40.69
C THR B 582 -4.89 28.53 40.18
N THR B 583 -5.36 28.38 38.94
CA THR B 583 -6.35 29.26 38.32
C THR B 583 -6.06 30.73 38.61
N LEU B 584 -4.89 31.21 38.18
CA LEU B 584 -4.41 32.55 38.47
C LEU B 584 -4.16 33.29 37.16
N LEU B 585 -3.85 34.59 37.27
CA LEU B 585 -3.54 35.44 36.14
C LEU B 585 -4.70 35.48 35.14
N PRO B 586 -5.70 36.31 35.38
CA PRO B 586 -7.02 36.23 34.71
C PRO B 586 -7.10 35.72 33.27
N HIS B 587 -7.00 36.58 32.25
CA HIS B 587 -7.36 36.10 30.90
C HIS B 587 -6.26 35.25 30.31
N SER B 588 -5.00 35.64 30.54
CA SER B 588 -3.88 34.96 29.90
C SER B 588 -3.78 33.49 30.31
N GLY B 589 -4.33 33.12 31.45
CA GLY B 589 -4.20 31.76 31.95
C GLY B 589 -5.19 30.80 31.33
N ASP B 590 -5.70 31.15 30.16
CA ASP B 590 -6.52 30.25 29.36
C ASP B 590 -6.07 30.17 27.91
N ILE B 591 -5.22 31.08 27.44
CA ILE B 591 -4.61 30.96 26.13
C ILE B 591 -3.22 30.37 26.34
N ILE B 592 -2.59 30.65 27.49
CA ILE B 592 -1.27 30.07 27.75
C ILE B 592 -1.37 28.57 27.96
N ALA B 593 -2.42 28.11 28.66
CA ALA B 593 -2.64 26.68 28.83
C ALA B 593 -2.94 26.00 27.50
N THR B 594 -3.74 26.66 26.66
CA THR B 594 -4.05 26.10 25.34
C THR B 594 -2.81 25.98 24.48
N VAL B 595 -1.94 26.99 24.53
CA VAL B 595 -0.69 26.94 23.76
C VAL B 595 0.23 25.86 24.29
N PHE B 596 0.36 25.74 25.61
CA PHE B 596 1.34 24.83 26.19
C PHE B 596 0.85 23.39 26.27
N ALA B 597 -0.44 23.13 26.11
CA ALA B 597 -0.93 21.75 26.18
C ALA B 597 -0.33 20.83 25.12
N PRO B 598 -0.27 21.20 23.84
CA PRO B 598 0.26 20.26 22.83
C PRO B 598 1.78 20.12 22.83
N LEU B 599 2.50 20.81 23.71
CA LEU B 599 3.95 20.63 23.79
C LEU B 599 4.34 19.52 24.75
N GLU B 600 3.55 19.25 25.79
CA GLU B 600 3.80 18.13 26.72
C GLU B 600 3.61 16.76 26.07
N VAL B 601 2.79 16.61 25.03
CA VAL B 601 2.73 15.36 24.28
C VAL B 601 3.98 15.22 23.41
N PHE B 602 4.47 16.31 22.84
CA PHE B 602 5.70 16.25 22.05
C PHE B 602 6.89 15.89 22.92
N ARG B 603 6.97 16.46 24.12
CA ARG B 603 8.06 16.11 25.03
C ARG B 603 8.03 14.63 25.38
N ARG B 604 6.84 14.09 25.69
CA ARG B 604 6.73 12.67 25.99
C ARG B 604 7.05 11.81 24.77
N PHE B 605 6.67 12.27 23.58
CA PHE B 605 6.95 11.54 22.35
C PHE B 605 8.45 11.44 22.10
N VAL B 606 9.19 12.51 22.40
CA VAL B 606 10.65 12.45 22.29
C VAL B 606 11.22 11.57 23.39
N TRP B 607 10.66 11.64 24.60
CA TRP B 607 11.17 10.87 25.73
C TRP B 607 11.08 9.36 25.49
N ASN B 608 10.00 8.93 24.82
CA ASN B 608 9.77 7.50 24.63
C ASN B 608 10.90 6.84 23.86
N PHE B 609 11.38 7.50 22.79
CA PHE B 609 12.44 6.95 21.95
C PHE B 609 13.62 6.48 22.80
N PHE B 610 14.23 7.42 23.53
CA PHE B 610 15.44 7.11 24.26
C PHE B 610 15.16 6.29 25.52
N ARG B 611 13.98 6.41 26.11
CA ARG B 611 13.64 5.53 27.22
C ARG B 611 13.65 4.07 26.78
N LEU B 612 12.95 3.76 25.69
CA LEU B 612 12.90 2.37 25.23
C LEU B 612 14.22 1.93 24.62
N GLU B 613 15.00 2.87 24.06
CA GLU B 613 16.32 2.49 23.55
C GLU B 613 17.26 2.12 24.70
N ASN B 614 17.23 2.90 25.78
CA ASN B 614 18.05 2.56 26.95
C ASN B 614 17.59 1.24 27.57
N GLU B 615 16.29 1.00 27.61
CA GLU B 615 15.79 -0.28 28.08
C GLU B 615 16.26 -1.42 27.19
N HIS B 616 16.27 -1.19 25.86
CA HIS B 616 16.68 -2.24 24.93
C HIS B 616 18.14 -2.63 25.11
N LEU B 617 19.02 -1.64 25.35
CA LEU B 617 20.44 -1.95 25.52
C LEU B 617 20.69 -2.48 26.92
N ASN B 618 19.88 -3.45 27.33
CA ASN B 618 20.13 -4.27 28.51
C ASN B 618 19.91 -5.74 28.22
N ASN B 619 19.30 -6.08 27.09
CA ASN B 619 19.17 -7.46 26.62
C ASN B 619 20.09 -7.78 25.46
N CYS B 620 20.62 -6.76 24.77
CA CYS B 620 21.55 -7.00 23.66
C CYS B 620 22.87 -7.57 24.16
N GLY B 621 23.31 -7.20 25.36
CA GLY B 621 24.47 -7.81 25.96
C GLY B 621 24.20 -9.16 26.59
N GLU B 622 22.93 -9.45 26.90
CA GLU B 622 22.53 -10.74 27.42
C GLU B 622 22.19 -11.74 26.31
N PHE B 623 22.12 -11.29 25.05
CA PHE B 623 21.79 -12.13 23.92
C PHE B 623 20.43 -12.78 24.09
N ARG B 624 19.50 -12.05 24.69
CA ARG B 624 18.15 -12.54 24.95
C ARG B 624 17.20 -12.01 23.87
N ALA B 625 16.60 -12.93 23.12
CA ALA B 625 15.69 -12.57 22.04
C ALA B 625 14.27 -13.09 22.22
N VAL B 626 14.01 -13.91 23.24
CA VAL B 626 12.69 -14.41 23.52
C VAL B 626 12.37 -14.19 24.99
N ARG B 627 11.08 -14.14 25.30
CA ARG B 627 10.61 -13.90 26.66
C ARG B 627 10.47 -15.23 27.39
N ASP B 628 11.07 -15.32 28.58
CA ASP B 628 11.04 -16.53 29.39
C ASP B 628 9.82 -16.51 30.30
N ILE B 629 9.18 -17.67 30.44
CA ILE B 629 7.98 -17.84 31.24
C ILE B 629 8.20 -19.00 32.21
N SER B 630 7.17 -19.28 33.00
CA SER B 630 7.21 -20.38 33.95
C SER B 630 5.81 -20.95 34.10
N VAL B 631 5.73 -22.19 34.56
CA VAL B 631 4.46 -22.88 34.73
C VAL B 631 4.30 -23.35 36.16
C1 I7P C . -0.28 -28.54 5.90
C2 I7P C . -1.35 -28.22 4.80
C3 I7P C . -0.76 -27.35 3.65
C4 I7P C . 0.65 -27.74 3.20
C5 I7P C . 1.54 -27.93 4.41
C6 I7P C . 1.02 -29.05 5.28
O11 I7P C . -0.70 -29.50 6.81
O12 I7P C . -1.94 -29.39 4.32
O13 I7P C . -1.59 -27.40 2.53
O14 I7P C . 1.21 -26.69 2.46
O15 I7P C . 2.83 -28.25 3.98
O16 I7P C . 1.97 -29.20 6.27
O21 I7P C . -0.24 -30.15 9.33
O22 I7P C . -4.21 -30.09 3.18
O23 I7P C . -4.20 -27.17 2.28
O24 I7P C . 2.89 -26.12 0.50
O25 I7P C . 4.15 -27.11 5.95
O26 I7P C . 4.29 -30.30 6.53
O31 I7P C . -0.40 -27.77 8.73
O32 I7P C . -3.82 -30.91 5.46
O33 I7P C . -2.75 -25.74 0.95
O34 I7P C . 0.47 -25.99 0.05
O35 I7P C . 4.58 -26.42 3.48
O36 I7P C . 2.42 -31.61 5.32
O41 I7P C . -2.48 -29.19 8.72
O42 I7P C . -4.22 -28.46 5.10
O43 I7P C . -2.85 -25.28 3.40
O44 I7P C . 1.65 -28.24 0.44
O45 I7P C . 5.35 -28.53 4.32
O46 I7P C . 2.39 -31.26 7.80
O55 I7P C . 5.57 -28.65 1.81
O65 I7P C . 7.29 -27.45 2.98
O75 I7P C . 7.26 -29.93 3.21
PA1 I7P C . -1.00 -29.16 8.42
PA2 I7P C . -3.58 -29.71 4.53
PA3 I7P C . -2.89 -26.37 2.34
PA4 I7P C . 1.55 -26.78 0.81
PA5 I7P C . 4.17 -27.45 4.47
PA6 I7P C . 2.78 -30.67 6.49
PB5 I7P C . 6.38 -28.71 3.14
C1 I7P D . 20.47 5.48 -25.07
C2 I7P D . 19.97 4.90 -26.39
C3 I7P D . 19.08 3.74 -25.97
C4 I7P D . 17.80 4.28 -25.35
C5 I7P D . 18.17 5.06 -24.08
C6 I7P D . 19.29 6.12 -24.31
O11 I7P D . 21.45 6.46 -25.21
O12 I7P D . 19.27 5.87 -27.09
O13 I7P D . 18.81 2.88 -27.03
O14 I7P D . 17.01 3.21 -24.95
O15 I7P D . 17.03 5.73 -23.63
O16 I7P D . 19.71 6.46 -23.04
O21 I7P D . 23.10 5.18 -23.60
O22 I7P D . 17.31 5.14 -28.69
O23 I7P D . 20.70 1.31 -26.11
O24 I7P D . 15.40 1.87 -26.60
O25 I7P D . 16.88 4.27 -21.45
O26 I7P D . 20.41 8.03 -21.13
O31 I7P D . 23.76 5.52 -25.94
O32 I7P D . 19.60 4.66 -29.45
O33 I7P D . 20.84 2.10 -28.40
O34 I7P D . 14.89 4.24 -26.10
O35 I7P D . 14.75 4.84 -22.82
O36 I7P D . 18.47 8.74 -22.68
O41 I7P D . 23.72 7.50 -24.36
O42 I7P D . 18.82 7.04 -29.34
O43 I7P D . 19.07 0.40 -27.88
O44 I7P D . 14.63 2.39 -24.33
O45 I7P D . 15.85 6.51 -21.50
O46 I7P D . 20.85 8.74 -23.45
O55 I7P D . 16.10 5.88 -19.06
O65 I7P D . 18.08 6.64 -20.18
O75 I7P D . 16.32 8.34 -19.67
PA1 I7P D . 23.03 6.21 -24.76
PA2 I7P D . 18.76 5.69 -28.67
PA3 I7P D . 19.84 1.60 -27.34
PA4 I7P D . 15.43 2.93 -25.49
PA5 I7P D . 16.11 5.20 -22.38
PA6 I7P D . 19.85 8.07 -22.56
PB5 I7P D . 16.54 6.92 -20.13
C1 I7P E . 25.92 -8.83 -10.03
C2 I7P E . 26.11 -7.89 -8.78
C3 I7P E . 25.18 -8.30 -7.59
C4 I7P E . 25.10 -9.81 -7.34
C5 I7P E . 24.84 -10.52 -8.65
C6 I7P E . 25.97 -10.29 -9.62
O11 I7P E . 26.88 -8.65 -11.01
O12 I7P E . 27.45 -7.82 -8.40
O13 I7P E . 25.64 -7.70 -6.41
O14 I7P E . 24.00 -10.07 -6.51
O15 I7P E . 24.71 -11.90 -8.41
O16 I7P E . 25.67 -11.09 -10.71
O21 I7P E . 27.04 -8.91 -13.63
O22 I7P E . 29.10 -6.16 -7.20
O23 I7P E . 26.32 -5.22 -5.88
O24 I7P E . 23.08 -11.73 -4.68
O25 I7P E . 22.97 -12.43 -10.31
O26 I7P E . 25.83 -13.58 -11.36
O31 I7P E . 24.99 -7.96 -12.66
O32 I7P E . 29.40 -6.45 -9.62
O33 I7P E . 24.66 -6.31 -4.48
O34 I7P E . 23.85 -9.51 -3.97
O35 I7P E . 22.42 -12.96 -7.82
O36 I7P E . 27.83 -12.49 -10.15
O41 I7P E . 27.12 -6.60 -12.65
O42 I7P E . 27.36 -5.28 -8.77
O43 I7P E . 23.97 -5.73 -6.81
O44 I7P E . 25.49 -11.31 -4.81
O45 I7P E . 24.02 -14.27 -9.03
O46 I7P E . 27.29 -11.98 -12.54
O55 I7P E . 24.29 -14.90 -6.59
O65 I7P E . 22.44 -15.88 -7.75
O75 I7P E . 24.71 -16.71 -8.35
PA1 I7P E . 26.53 -8.00 -12.51
PA2 I7P E . 28.34 -6.39 -8.51
PA3 I7P E . 25.13 -6.18 -5.95
PA4 I7P E . 24.14 -10.66 -4.95
PA5 I7P E . 23.43 -12.79 -8.89
PA6 I7P E . 26.72 -12.33 -11.21
PB5 I7P E . 23.93 -15.46 -7.99
C1 I7P F . -9.99 -20.60 23.25
C2 I7P F . -9.14 -20.58 24.52
C3 I7P F . -7.78 -20.13 24.03
C4 I7P F . -7.82 -18.65 23.66
C5 I7P F . -8.82 -18.48 22.50
C6 I7P F . -10.19 -19.16 22.75
O11 I7P F . -11.25 -21.17 23.43
O12 I7P F . -9.68 -19.69 25.44
O13 I7P F . -6.77 -20.37 24.98
O14 I7P F . -6.57 -18.25 23.20
O15 I7P F . -9.02 -17.11 22.30
O16 I7P F . -10.79 -19.22 21.49
O21 I7P F . -10.82 -23.00 21.59
O22 I7P F . -8.17 -18.47 27.21
O23 I7P F . -6.11 -22.49 23.55
O24 I7P F . -4.55 -17.49 24.75
O25 I7P F . -7.92 -17.20 19.92
O26 I7P F . -12.73 -19.13 19.80
O31 I7P F . -11.14 -23.73 23.91
O32 I7P F . -8.53 -20.89 27.53
O33 I7P F . -6.57 -22.76 25.93
O34 I7P F . -6.63 -16.13 24.74
O35 I7P F . -7.58 -15.14 21.47
O36 I7P F . -12.59 -17.31 21.63
O41 I7P F . -13.11 -22.84 22.61
O42 I7P F . -10.45 -19.30 27.84
O43 I7P F . -4.46 -21.59 25.32
O44 I7P F . -5.05 -16.23 22.69
O45 I7P F . -9.70 -15.54 20.40
O46 I7P F . -13.26 -19.66 22.16
O55 I7P F . -9.39 -15.62 17.88
O65 I7P F . -10.70 -17.38 18.87
O75 I7P F . -11.72 -15.11 18.79
PA1 I7P F . -11.63 -22.69 22.87
PA2 I7P F . -9.22 -19.59 27.04
PA3 I7P F . -5.90 -21.80 24.92
PA4 I7P F . -5.69 -16.97 23.84
PA5 I7P F . -8.42 -16.29 21.03
PA6 I7P F . -12.42 -18.80 21.27
PB5 I7P F . -10.43 -15.85 19.02
#